data_6LGM
#
_entry.id   6LGM
#
_cell.length_a   75.820
_cell.length_b   137.330
_cell.length_c   141.860
_cell.angle_alpha   90.000
_cell.angle_beta   90.000
_cell.angle_gamma   90.000
#
_symmetry.space_group_name_H-M   'P 2 21 21'
#
loop_
_entity.id
_entity.type
_entity.pdbx_description
1 polymer 'Glyceraldehyde-3-phosphate dehydrogenase'
2 non-polymer NICOTINAMIDE-ADENINE-DINUCLEOTIDE
3 non-polymer 'PHOSPHATE ION'
4 non-polymer 'Dimethyl fumarate'
5 water water
#
_entity_poly.entity_id   1
_entity_poly.type   'polypeptide(L)'
_entity_poly.pdbx_seq_one_letter_code
;MVKVGVNGFGRIGRLVTRAAICSGKVEIVAINDPFIDLNYMVYMFQYDSTHGKFNGTVKAENGKLVINGKPITIFQERDP
TNIKWGEAGAEYVVESTGVFTTMEKAGAHLKGGAKRVIISAPSADAPMFVMGVNHEKYDNSLKIVSNASSTTNCLAPLAK
VIHDNFGIVEGLMTTVHAITATQKTVDGPSGKLWRDGRGAAQNIIPASTGAAKAVGKVIPELNGKLTGMAFRVPTPNVSV
VDLTCRLEKPAKYDDIKKVVKQASEGPLKGILGYTEDQVVSCDFNSNSHSSTFDAGAGIALNDNFVKLISWYDNEYGYSN
RVVDLMAYMASKE
;
_entity_poly.pdbx_strand_id   A,B,C,D
#
# COMPACT_ATOMS: atom_id res chain seq x y z
N MET A 1 -24.38 0.39 -35.39
CA MET A 1 -23.83 1.09 -34.22
C MET A 1 -22.82 2.15 -34.64
N VAL A 2 -22.72 3.21 -33.82
CA VAL A 2 -21.90 4.36 -34.18
C VAL A 2 -20.42 3.99 -34.11
N LYS A 3 -19.66 4.44 -35.11
CA LYS A 3 -18.22 4.20 -35.16
C LYS A 3 -17.48 5.24 -34.33
N VAL A 4 -16.58 4.78 -33.47
CA VAL A 4 -15.96 5.61 -32.45
C VAL A 4 -14.44 5.61 -32.61
N GLY A 5 -13.83 6.78 -32.42
CA GLY A 5 -12.39 6.90 -32.28
C GLY A 5 -12.02 7.32 -30.87
N VAL A 6 -10.90 6.80 -30.37
CA VAL A 6 -10.47 7.04 -29.00
C VAL A 6 -9.17 7.85 -29.04
N ASN A 7 -9.20 9.04 -28.46
CA ASN A 7 -8.01 9.87 -28.34
C ASN A 7 -7.43 9.72 -26.95
N GLY A 8 -6.28 9.02 -26.86
CA GLY A 8 -5.63 8.78 -25.58
C GLY A 8 -6.01 7.44 -25.01
N PHE A 9 -5.13 6.46 -25.19
CA PHE A 9 -5.41 5.05 -24.87
C PHE A 9 -5.01 4.71 -23.45
N GLY A 10 -5.48 5.52 -22.49
CA GLY A 10 -5.13 5.39 -21.09
C GLY A 10 -6.08 4.50 -20.33
N ARG A 11 -6.18 4.77 -19.01
CA ARG A 11 -7.16 4.06 -18.19
C ARG A 11 -8.56 4.14 -18.82
N ILE A 12 -9.01 5.35 -19.13
CA ILE A 12 -10.37 5.53 -19.65
C ILE A 12 -10.46 5.05 -21.10
N GLY A 13 -9.52 5.49 -21.94
CA GLY A 13 -9.54 5.05 -23.34
C GLY A 13 -9.54 3.54 -23.49
N ARG A 14 -8.76 2.84 -22.67
CA ARG A 14 -8.72 1.38 -22.79
C ARG A 14 -9.96 0.73 -22.19
N LEU A 15 -10.49 1.25 -21.08
CA LEU A 15 -11.68 0.61 -20.51
C LEU A 15 -12.94 0.97 -21.27
N VAL A 16 -13.00 2.15 -21.86
CA VAL A 16 -14.05 2.44 -22.83
C VAL A 16 -14.02 1.42 -23.96
N THR A 17 -12.80 1.03 -24.38
CA THR A 17 -12.67 0.04 -25.45
C THR A 17 -13.14 -1.33 -24.98
N ARG A 18 -12.75 -1.74 -23.76
CA ARG A 18 -13.32 -2.95 -23.16
C ARG A 18 -14.84 -2.86 -23.06
N ALA A 19 -15.35 -1.74 -22.54
CA ALA A 19 -16.79 -1.60 -22.36
C ALA A 19 -17.52 -1.65 -23.70
N ALA A 20 -16.99 -0.96 -24.71
CA ALA A 20 -17.57 -1.01 -26.04
C ALA A 20 -17.68 -2.44 -26.54
N ILE A 21 -16.64 -3.24 -26.28
CA ILE A 21 -16.60 -4.60 -26.78
C ILE A 21 -17.53 -5.49 -25.97
N CYS A 22 -17.44 -5.39 -24.64
CA CYS A 22 -18.26 -6.22 -23.77
C CYS A 22 -19.75 -5.96 -23.96
N SER A 23 -20.13 -4.77 -24.42
CA SER A 23 -21.54 -4.42 -24.50
C SER A 23 -22.08 -4.32 -25.92
N GLY A 24 -21.21 -4.19 -26.93
CA GLY A 24 -21.67 -4.12 -28.30
C GLY A 24 -22.40 -2.87 -28.70
N LYS A 25 -22.44 -1.85 -27.83
CA LYS A 25 -23.28 -0.69 -28.10
C LYS A 25 -22.64 0.29 -29.09
N VAL A 26 -21.31 0.34 -29.17
CA VAL A 26 -20.59 1.11 -30.17
C VAL A 26 -19.44 0.27 -30.71
N GLU A 27 -18.84 0.74 -31.80
CA GLU A 27 -17.75 0.04 -32.46
C GLU A 27 -16.51 0.94 -32.49
N ILE A 28 -15.49 0.55 -31.72
CA ILE A 28 -14.19 1.22 -31.80
C ILE A 28 -13.54 0.88 -33.14
N VAL A 29 -13.34 1.89 -33.98
CA VAL A 29 -12.65 1.74 -35.26
C VAL A 29 -11.28 2.41 -35.32
N ALA A 30 -10.94 3.28 -34.36
CA ALA A 30 -9.63 3.91 -34.41
C ALA A 30 -9.19 4.38 -33.04
N ILE A 31 -7.88 4.41 -32.84
CA ILE A 31 -7.28 4.89 -31.60
C ILE A 31 -6.05 5.73 -31.92
N ASN A 32 -5.91 6.84 -31.19
CA ASN A 32 -4.75 7.72 -31.33
C ASN A 32 -4.05 7.87 -29.98
N ASP A 33 -2.76 7.58 -29.96
CA ASP A 33 -1.99 7.87 -28.75
C ASP A 33 -0.50 7.89 -29.13
N PRO A 34 0.11 9.08 -29.20
CA PRO A 34 1.50 9.15 -29.68
C PRO A 34 2.52 8.55 -28.73
N PHE A 35 2.10 8.16 -27.53
CA PHE A 35 3.01 7.60 -26.55
C PHE A 35 2.86 6.10 -26.40
N ILE A 36 2.01 5.49 -27.21
CA ILE A 36 1.79 4.04 -27.16
C ILE A 36 1.75 3.57 -28.61
N ASP A 37 2.86 3.01 -29.09
CA ASP A 37 2.90 2.40 -30.40
C ASP A 37 2.04 1.14 -30.45
N LEU A 38 1.81 0.68 -31.69
CA LEU A 38 0.91 -0.45 -31.95
C LEU A 38 1.21 -1.66 -31.07
N ASN A 39 2.45 -2.16 -31.10
CA ASN A 39 2.78 -3.37 -30.34
C ASN A 39 2.61 -3.15 -28.84
N TYR A 40 2.94 -1.94 -28.38
CA TYR A 40 2.74 -1.58 -26.99
C TYR A 40 1.25 -1.53 -26.63
N MET A 41 0.37 -1.18 -27.59
CA MET A 41 -1.06 -1.18 -27.26
C MET A 41 -1.58 -2.59 -27.05
N VAL A 42 -1.03 -3.57 -27.80
CA VAL A 42 -1.42 -4.95 -27.59
C VAL A 42 -1.23 -5.29 -26.12
N TYR A 43 -0.06 -4.92 -25.59
CA TYR A 43 0.34 -5.30 -24.25
C TYR A 43 -0.48 -4.55 -23.20
N MET A 44 -0.65 -3.23 -23.39
CA MET A 44 -1.39 -2.45 -22.41
C MET A 44 -2.87 -2.79 -22.41
N PHE A 45 -3.42 -3.12 -23.58
CA PHE A 45 -4.81 -3.55 -23.59
C PHE A 45 -4.97 -4.94 -22.99
N GLN A 46 -4.00 -5.82 -23.22
CA GLN A 46 -4.15 -7.23 -22.84
C GLN A 46 -4.06 -7.40 -21.34
N TYR A 47 -3.06 -6.78 -20.71
CA TYR A 47 -2.77 -6.98 -19.29
C TYR A 47 -3.21 -5.75 -18.51
N ASP A 48 -3.93 -5.98 -17.41
CA ASP A 48 -4.46 -4.88 -16.62
C ASP A 48 -4.39 -5.27 -15.15
N SER A 49 -3.58 -4.51 -14.38
CA SER A 49 -3.36 -4.82 -12.97
C SER A 49 -4.65 -4.78 -12.16
N THR A 50 -5.57 -3.88 -12.52
CA THR A 50 -6.80 -3.68 -11.76
C THR A 50 -7.93 -4.60 -12.21
N HIS A 51 -8.13 -4.75 -13.51
CA HIS A 51 -9.30 -5.45 -14.01
C HIS A 51 -8.99 -6.82 -14.58
N GLY A 52 -7.72 -7.25 -14.51
CA GLY A 52 -7.33 -8.56 -15.00
C GLY A 52 -7.11 -8.60 -16.50
N LYS A 53 -6.55 -9.73 -16.95
CA LYS A 53 -6.27 -9.99 -18.35
C LYS A 53 -7.54 -9.86 -19.21
N PHE A 54 -7.39 -9.26 -20.39
CA PHE A 54 -8.52 -9.14 -21.31
C PHE A 54 -9.06 -10.52 -21.70
N ASN A 55 -10.38 -10.68 -21.61
CA ASN A 55 -11.07 -11.92 -21.94
C ASN A 55 -11.43 -11.86 -23.42
N GLY A 56 -10.55 -12.42 -24.25
CA GLY A 56 -10.67 -12.26 -25.68
C GLY A 56 -9.27 -12.24 -26.26
N THR A 57 -9.22 -12.03 -27.58
CA THR A 57 -7.96 -11.98 -28.31
C THR A 57 -7.60 -10.54 -28.71
N VAL A 58 -6.30 -10.24 -28.67
CA VAL A 58 -5.77 -8.96 -29.12
C VAL A 58 -4.37 -9.19 -29.69
N LYS A 59 -4.17 -8.71 -30.91
CA LYS A 59 -2.95 -8.95 -31.65
C LYS A 59 -2.70 -7.74 -32.55
N ALA A 60 -1.46 -7.59 -33.01
CA ALA A 60 -1.12 -6.60 -34.02
C ALA A 60 -0.97 -7.30 -35.36
N GLU A 61 -1.56 -6.72 -36.39
CA GLU A 61 -1.56 -7.34 -37.72
C GLU A 61 -1.65 -6.28 -38.79
N ASN A 62 -0.68 -6.29 -39.70
CA ASN A 62 -0.69 -5.42 -40.88
C ASN A 62 -0.95 -3.97 -40.48
N GLY A 63 -0.27 -3.53 -39.44
CA GLY A 63 -0.34 -2.15 -38.96
C GLY A 63 -1.54 -1.82 -38.10
N LYS A 64 -2.41 -2.79 -37.82
CA LYS A 64 -3.66 -2.56 -37.14
C LYS A 64 -3.72 -3.30 -35.81
N LEU A 65 -4.45 -2.73 -34.85
CA LEU A 65 -4.77 -3.38 -33.60
C LEU A 65 -6.02 -4.23 -33.81
N VAL A 66 -5.90 -5.54 -33.63
CA VAL A 66 -7.00 -6.45 -33.94
C VAL A 66 -7.49 -7.05 -32.64
N ILE A 67 -8.70 -6.68 -32.24
CA ILE A 67 -9.33 -7.15 -31.01
C ILE A 67 -10.51 -8.02 -31.41
N ASN A 68 -10.56 -9.23 -30.86
CA ASN A 68 -11.57 -10.23 -31.24
C ASN A 68 -11.79 -10.26 -32.76
N GLY A 69 -10.68 -10.27 -33.51
CA GLY A 69 -10.73 -10.36 -34.94
C GLY A 69 -11.12 -9.07 -35.67
N LYS A 70 -11.45 -7.99 -34.96
CA LYS A 70 -11.83 -6.76 -35.64
C LYS A 70 -10.64 -5.81 -35.68
N PRO A 71 -10.22 -5.35 -36.85
CA PRO A 71 -9.04 -4.47 -36.92
C PRO A 71 -9.38 -3.01 -36.65
N ILE A 72 -8.51 -2.35 -35.87
CA ILE A 72 -8.68 -0.97 -35.42
C ILE A 72 -7.49 -0.15 -35.93
N THR A 73 -7.78 0.98 -36.58
CA THR A 73 -6.72 1.85 -37.10
C THR A 73 -6.01 2.62 -35.98
N ILE A 74 -4.69 2.71 -36.07
CA ILE A 74 -3.87 3.31 -35.01
C ILE A 74 -3.22 4.57 -35.54
N PHE A 75 -3.44 5.68 -34.84
CA PHE A 75 -2.76 6.93 -35.10
C PHE A 75 -1.76 7.22 -34.00
N GLN A 76 -0.80 8.07 -34.31
CA GLN A 76 0.29 8.44 -33.40
C GLN A 76 0.57 9.93 -33.47
N GLU A 77 -0.47 10.75 -33.29
CA GLU A 77 -0.37 12.20 -33.44
C GLU A 77 -0.50 12.91 -32.10
N ARG A 78 0.45 13.79 -31.80
CA ARG A 78 0.37 14.62 -30.60
C ARG A 78 -0.68 15.71 -30.74
N ASP A 79 -0.90 16.20 -31.97
CA ASP A 79 -1.80 17.32 -32.19
C ASP A 79 -3.10 16.80 -32.81
N PRO A 80 -4.24 16.95 -32.12
CA PRO A 80 -5.49 16.41 -32.66
C PRO A 80 -5.85 16.89 -34.05
N THR A 81 -5.38 18.07 -34.47
CA THR A 81 -5.76 18.54 -35.79
C THR A 81 -5.25 17.63 -36.92
N ASN A 82 -4.29 16.75 -36.62
CA ASN A 82 -3.67 15.91 -37.63
C ASN A 82 -4.22 14.49 -37.65
N ILE A 83 -5.12 14.14 -36.72
CA ILE A 83 -5.71 12.81 -36.75
C ILE A 83 -6.71 12.74 -37.89
N LYS A 84 -6.53 11.75 -38.78
CA LYS A 84 -7.43 11.61 -39.93
C LYS A 84 -8.61 10.68 -39.58
N TRP A 85 -9.41 11.15 -38.62
CA TRP A 85 -10.54 10.37 -38.11
C TRP A 85 -11.47 9.91 -39.25
N GLY A 86 -11.80 10.83 -40.16
CA GLY A 86 -12.72 10.49 -41.22
C GLY A 86 -12.19 9.44 -42.18
N GLU A 87 -10.88 9.41 -42.39
CA GLU A 87 -10.31 8.36 -43.23
C GLU A 87 -10.48 6.98 -42.62
N ALA A 88 -10.59 6.91 -41.29
CA ALA A 88 -10.80 5.64 -40.60
C ALA A 88 -12.27 5.34 -40.35
N GLY A 89 -13.17 6.27 -40.64
CA GLY A 89 -14.58 6.06 -40.39
C GLY A 89 -15.07 6.41 -39.00
N ALA A 90 -14.25 7.08 -38.18
CA ALA A 90 -14.69 7.45 -36.85
C ALA A 90 -15.62 8.65 -36.90
N GLU A 91 -16.88 8.46 -36.45
CA GLU A 91 -17.84 9.55 -36.37
C GLU A 91 -17.80 10.29 -35.04
N TYR A 92 -17.74 9.55 -33.92
CA TYR A 92 -17.57 10.13 -32.58
C TYR A 92 -16.15 9.88 -32.11
N VAL A 93 -15.57 10.87 -31.44
CA VAL A 93 -14.24 10.74 -30.86
C VAL A 93 -14.37 10.87 -29.35
N VAL A 94 -13.89 9.87 -28.62
CA VAL A 94 -13.71 9.99 -27.17
C VAL A 94 -12.42 10.75 -26.91
N GLU A 95 -12.53 11.91 -26.25
CA GLU A 95 -11.37 12.73 -25.91
C GLU A 95 -10.99 12.40 -24.48
N SER A 96 -10.04 11.48 -24.33
CA SER A 96 -9.66 10.97 -23.02
C SER A 96 -8.16 11.08 -22.80
N THR A 97 -7.53 12.13 -23.33
CA THR A 97 -6.14 12.42 -23.00
C THR A 97 -6.00 13.16 -21.69
N GLY A 98 -7.03 13.90 -21.28
CA GLY A 98 -6.93 14.80 -20.15
C GLY A 98 -6.33 16.17 -20.44
N VAL A 99 -5.99 16.49 -21.70
CA VAL A 99 -5.37 17.78 -22.03
C VAL A 99 -6.14 18.55 -23.11
N PHE A 100 -7.33 18.08 -23.52
CA PHE A 100 -8.14 18.78 -24.52
C PHE A 100 -9.60 18.90 -24.04
N THR A 101 -9.77 19.57 -22.89
CA THR A 101 -11.08 19.58 -22.24
C THR A 101 -11.93 20.80 -22.56
N THR A 102 -11.40 21.78 -23.26
CA THR A 102 -12.25 22.91 -23.66
C THR A 102 -12.86 22.64 -25.03
N MET A 103 -13.82 23.48 -25.40
CA MET A 103 -14.43 23.33 -26.72
C MET A 103 -13.47 23.71 -27.84
N GLU A 104 -12.59 24.69 -27.60
CA GLU A 104 -11.59 25.04 -28.59
C GLU A 104 -10.66 23.87 -28.85
N LYS A 105 -10.13 23.27 -27.78
CA LYS A 105 -9.13 22.23 -27.94
C LYS A 105 -9.76 20.94 -28.46
N ALA A 106 -10.85 20.49 -27.83
CA ALA A 106 -11.57 19.32 -28.30
C ALA A 106 -12.06 19.48 -29.73
N GLY A 107 -12.31 20.72 -30.16
CA GLY A 107 -12.84 20.96 -31.49
C GLY A 107 -11.91 20.55 -32.61
N ALA A 108 -10.61 20.38 -32.30
CA ALA A 108 -9.67 19.95 -33.33
C ALA A 108 -10.11 18.66 -33.99
N HIS A 109 -10.76 17.77 -33.23
CA HIS A 109 -11.14 16.48 -33.79
C HIS A 109 -12.13 16.64 -34.94
N LEU A 110 -12.93 17.71 -34.93
CA LEU A 110 -13.85 17.95 -36.02
C LEU A 110 -13.10 18.31 -37.30
N LYS A 111 -11.90 18.87 -37.18
CA LYS A 111 -11.12 19.19 -38.38
C LYS A 111 -10.67 17.94 -39.12
N GLY A 112 -10.58 16.80 -38.43
CA GLY A 112 -10.15 15.55 -39.02
C GLY A 112 -11.28 14.68 -39.53
N GLY A 113 -12.52 15.17 -39.50
CA GLY A 113 -13.65 14.41 -40.01
C GLY A 113 -14.53 13.83 -38.93
N ALA A 114 -14.16 13.94 -37.66
CA ALA A 114 -15.06 13.51 -36.61
C ALA A 114 -16.31 14.39 -36.64
N LYS A 115 -17.47 13.77 -36.39
CA LYS A 115 -18.73 14.49 -36.34
C LYS A 115 -19.02 15.04 -34.96
N ARG A 116 -18.72 14.28 -33.90
CA ARG A 116 -18.92 14.74 -32.53
C ARG A 116 -17.76 14.28 -31.65
N VAL A 117 -17.56 15.03 -30.56
CA VAL A 117 -16.52 14.73 -29.58
C VAL A 117 -17.18 14.60 -28.21
N ILE A 118 -16.78 13.57 -27.46
CA ILE A 118 -17.24 13.35 -26.10
C ILE A 118 -16.03 13.47 -25.21
N ILE A 119 -15.96 14.55 -24.42
CA ILE A 119 -14.82 14.76 -23.52
C ILE A 119 -15.02 13.91 -22.27
N SER A 120 -14.01 13.10 -21.97
CA SER A 120 -14.09 12.13 -20.87
C SER A 120 -13.79 12.76 -19.52
N ALA A 121 -14.24 13.99 -19.30
CA ALA A 121 -13.87 14.75 -18.13
C ALA A 121 -14.73 16.01 -18.09
N PRO A 122 -14.77 16.72 -16.96
CA PRO A 122 -15.50 17.99 -16.91
C PRO A 122 -14.87 18.99 -17.87
N SER A 123 -15.71 19.88 -18.40
CA SER A 123 -15.25 20.89 -19.33
C SER A 123 -15.60 22.27 -18.81
N ALA A 124 -14.74 23.24 -19.11
CA ALA A 124 -15.03 24.61 -18.71
C ALA A 124 -16.23 25.17 -19.47
N ASP A 125 -16.41 24.80 -20.74
CA ASP A 125 -17.52 25.35 -21.54
C ASP A 125 -18.36 24.31 -22.29
N ALA A 126 -17.90 23.10 -22.50
CA ALA A 126 -18.73 22.14 -23.20
C ALA A 126 -19.89 21.72 -22.30
N PRO A 127 -21.08 21.55 -22.87
CA PRO A 127 -22.20 21.06 -22.03
C PRO A 127 -21.90 19.68 -21.48
N MET A 128 -22.26 19.46 -20.20
CA MET A 128 -21.94 18.25 -19.46
C MET A 128 -23.21 17.44 -19.21
N PHE A 129 -23.09 16.12 -19.34
CA PHE A 129 -24.22 15.22 -19.21
C PHE A 129 -23.91 14.07 -18.27
N VAL A 130 -24.95 13.62 -17.57
CA VAL A 130 -24.90 12.46 -16.69
C VAL A 130 -26.06 11.54 -17.08
N MET A 131 -25.72 10.36 -17.60
CA MET A 131 -26.74 9.36 -17.96
C MET A 131 -27.68 9.13 -16.78
N GLY A 132 -28.99 9.16 -17.06
CA GLY A 132 -30.01 8.97 -16.05
C GLY A 132 -30.44 10.22 -15.32
N VAL A 133 -29.81 11.36 -15.59
CA VAL A 133 -30.08 12.59 -14.87
C VAL A 133 -30.49 13.72 -15.81
N ASN A 134 -29.68 13.97 -16.85
CA ASN A 134 -29.98 15.05 -17.79
C ASN A 134 -29.58 14.73 -19.22
N HIS A 135 -29.38 13.46 -19.57
CA HIS A 135 -28.91 13.13 -20.92
C HIS A 135 -29.99 13.43 -21.96
N GLU A 136 -31.26 13.45 -21.54
CA GLU A 136 -32.30 13.82 -22.49
C GLU A 136 -32.28 15.31 -22.83
N LYS A 137 -31.50 16.12 -22.11
CA LYS A 137 -31.29 17.51 -22.51
C LYS A 137 -30.33 17.64 -23.69
N TYR A 138 -29.70 16.54 -24.12
CA TYR A 138 -28.82 16.57 -25.28
C TYR A 138 -29.65 16.68 -26.55
N ASP A 139 -29.17 17.47 -27.51
CA ASP A 139 -29.77 17.54 -28.84
C ASP A 139 -28.67 17.53 -29.90
N ASN A 140 -29.09 17.43 -31.17
CA ASN A 140 -28.16 17.18 -32.27
C ASN A 140 -27.31 18.38 -32.65
N SER A 141 -27.62 19.59 -32.15
CA SER A 141 -26.74 20.72 -32.44
C SER A 141 -25.44 20.63 -31.65
N LEU A 142 -25.37 19.80 -30.61
CA LEU A 142 -24.22 19.72 -29.72
C LEU A 142 -23.17 18.79 -30.31
N LYS A 143 -22.15 19.37 -30.94
CA LYS A 143 -21.11 18.55 -31.55
C LYS A 143 -19.98 18.26 -30.58
N ILE A 144 -19.92 18.96 -29.44
CA ILE A 144 -18.89 18.74 -28.44
C ILE A 144 -19.57 18.69 -27.08
N VAL A 145 -19.45 17.54 -26.40
CA VAL A 145 -20.11 17.35 -25.12
C VAL A 145 -19.11 16.77 -24.13
N SER A 146 -19.42 16.94 -22.85
CA SER A 146 -18.65 16.38 -21.76
C SER A 146 -19.51 15.39 -21.01
N ASN A 147 -18.92 14.24 -20.63
CA ASN A 147 -19.58 13.24 -19.79
C ASN A 147 -19.30 13.48 -18.30
N ALA A 148 -18.85 14.70 -17.96
CA ALA A 148 -18.55 15.11 -16.59
C ALA A 148 -17.46 14.22 -16.02
N SER A 149 -17.37 14.14 -14.69
CA SER A 149 -16.38 13.31 -14.03
C SER A 149 -17.04 12.07 -13.47
N SER A 150 -16.20 11.14 -13.00
CA SER A 150 -16.75 9.94 -12.38
C SER A 150 -17.47 10.28 -11.07
N THR A 151 -16.93 11.22 -10.29
CA THR A 151 -17.57 11.62 -9.04
C THR A 151 -18.94 12.27 -9.28
N THR A 152 -19.08 13.07 -10.35
CA THR A 152 -20.40 13.62 -10.67
C THR A 152 -21.38 12.52 -11.08
N ASN A 153 -20.91 11.56 -11.86
CA ASN A 153 -21.76 10.44 -12.26
C ASN A 153 -22.16 9.57 -11.07
N CYS A 154 -21.40 9.61 -9.97
CA CYS A 154 -21.81 8.91 -8.77
C CYS A 154 -22.81 9.73 -7.97
N LEU A 155 -22.49 11.02 -7.76
CA LEU A 155 -23.27 11.87 -6.88
C LEU A 155 -24.63 12.22 -7.48
N ALA A 156 -24.64 12.61 -8.77
CA ALA A 156 -25.85 13.16 -9.37
C ALA A 156 -27.05 12.19 -9.40
N PRO A 157 -26.89 10.91 -9.79
CA PRO A 157 -28.07 10.01 -9.74
C PRO A 157 -28.67 9.89 -8.34
N LEU A 158 -27.82 9.74 -7.33
CA LEU A 158 -28.28 9.72 -5.95
C LEU A 158 -28.95 11.05 -5.59
N ALA A 159 -28.26 12.17 -5.83
CA ALA A 159 -28.83 13.47 -5.52
C ALA A 159 -30.17 13.67 -6.21
N LYS A 160 -30.29 13.19 -7.46
CA LYS A 160 -31.56 13.34 -8.18
C LYS A 160 -32.69 12.62 -7.44
N VAL A 161 -32.45 11.37 -7.05
CA VAL A 161 -33.49 10.61 -6.36
C VAL A 161 -33.87 11.27 -5.05
N ILE A 162 -32.87 11.64 -4.26
CA ILE A 162 -33.10 12.28 -2.97
C ILE A 162 -33.86 13.59 -3.17
N HIS A 163 -33.45 14.40 -4.16
CA HIS A 163 -34.08 15.70 -4.32
C HIS A 163 -35.50 15.58 -4.84
N ASP A 164 -35.75 14.63 -5.74
CA ASP A 164 -37.10 14.50 -6.30
C ASP A 164 -38.10 14.00 -5.27
N ASN A 165 -37.65 13.28 -4.23
CA ASN A 165 -38.58 12.78 -3.22
C ASN A 165 -38.67 13.68 -1.99
N PHE A 166 -37.56 14.25 -1.52
CA PHE A 166 -37.62 15.04 -0.31
C PHE A 166 -37.07 16.46 -0.45
N GLY A 167 -36.40 16.77 -1.56
CA GLY A 167 -35.82 18.08 -1.67
C GLY A 167 -34.55 18.24 -0.85
N ILE A 168 -33.44 18.51 -1.52
CA ILE A 168 -32.19 18.87 -0.87
C ILE A 168 -32.18 20.38 -0.68
N VAL A 169 -32.19 20.82 0.59
CA VAL A 169 -32.03 22.24 0.90
C VAL A 169 -30.58 22.68 0.63
N GLU A 170 -29.63 21.83 1.01
CA GLU A 170 -28.20 22.10 0.89
C GLU A 170 -27.46 20.84 1.27
N GLY A 171 -26.31 20.66 0.65
CA GLY A 171 -25.52 19.47 0.93
C GLY A 171 -24.05 19.74 0.68
N LEU A 172 -23.22 19.01 1.43
CA LEU A 172 -21.77 19.04 1.27
C LEU A 172 -21.29 17.61 1.11
N MET A 173 -20.36 17.41 0.18
CA MET A 173 -19.95 16.09 -0.27
C MET A 173 -18.45 15.90 -0.07
N THR A 174 -18.07 14.74 0.42
CA THR A 174 -16.69 14.26 0.31
C THR A 174 -16.69 12.99 -0.54
N THR A 175 -15.73 12.90 -1.46
CA THR A 175 -15.43 11.62 -2.08
C THR A 175 -14.06 11.18 -1.58
N VAL A 176 -14.01 9.97 -1.04
CA VAL A 176 -12.75 9.31 -0.74
C VAL A 176 -12.39 8.55 -2.01
N HIS A 177 -11.31 8.95 -2.66
CA HIS A 177 -11.05 8.61 -4.06
C HIS A 177 -9.74 7.83 -4.20
N ALA A 178 -9.78 6.79 -5.03
CA ALA A 178 -8.59 6.04 -5.38
C ALA A 178 -7.57 6.92 -6.11
N ILE A 179 -6.32 6.46 -6.15
CA ILE A 179 -5.28 7.19 -6.87
C ILE A 179 -5.51 7.10 -8.38
N THR A 180 -5.03 8.11 -9.10
CA THR A 180 -5.13 8.16 -10.55
C THR A 180 -3.77 8.49 -11.17
N ALA A 181 -3.76 8.51 -12.51
CA ALA A 181 -2.54 8.72 -13.29
C ALA A 181 -1.88 10.08 -13.00
N THR A 182 -2.63 11.10 -12.58
CA THR A 182 -1.98 12.38 -12.37
C THR A 182 -1.17 12.43 -11.08
N GLN A 183 -1.29 11.44 -10.20
CA GLN A 183 -0.58 11.45 -8.93
C GLN A 183 0.84 10.92 -9.11
N LYS A 184 1.63 10.96 -8.03
CA LYS A 184 3.06 10.62 -8.08
C LYS A 184 3.38 9.47 -7.12
N THR A 185 4.34 8.64 -7.51
CA THR A 185 4.70 7.49 -6.68
C THR A 185 5.43 7.91 -5.40
N VAL A 186 6.24 8.98 -5.47
CA VAL A 186 6.97 9.54 -4.34
C VAL A 186 6.86 11.06 -4.46
N ASP A 187 7.12 11.77 -3.34
CA ASP A 187 7.00 13.24 -3.34
C ASP A 187 7.71 13.84 -4.57
N GLY A 188 6.94 14.44 -5.49
CA GLY A 188 7.48 14.99 -6.70
C GLY A 188 6.80 16.28 -7.15
N PRO A 189 7.31 16.89 -8.22
CA PRO A 189 6.74 18.17 -8.67
C PRO A 189 5.33 17.99 -9.18
N SER A 190 4.48 18.95 -8.84
CA SER A 190 3.10 19.01 -9.24
C SER A 190 2.70 20.48 -9.16
N GLY A 191 3.32 21.29 -10.04
CA GLY A 191 3.32 22.74 -9.95
C GLY A 191 2.01 23.42 -9.61
N LYS A 192 0.92 22.98 -10.24
CA LYS A 192 -0.36 23.64 -10.01
C LYS A 192 -0.94 23.27 -8.65
N LEU A 193 -0.90 22.00 -8.30
CA LEU A 193 -1.60 21.49 -7.13
C LEU A 193 -0.59 20.80 -6.22
N TRP A 194 -0.09 21.52 -5.21
CA TRP A 194 1.07 21.04 -4.46
C TRP A 194 0.78 19.72 -3.77
N ARG A 195 -0.43 19.57 -3.19
CA ARG A 195 -0.72 18.33 -2.46
C ARG A 195 -0.75 17.10 -3.38
N ASP A 196 -1.09 17.29 -4.66
CA ASP A 196 -1.19 16.16 -5.58
C ASP A 196 0.16 15.56 -5.95
N GLY A 197 1.29 16.21 -5.60
CA GLY A 197 2.59 15.65 -5.89
C GLY A 197 3.17 14.80 -4.78
N ARG A 198 2.57 14.85 -3.59
CA ARG A 198 3.03 14.07 -2.46
C ARG A 198 2.75 12.59 -2.74
N GLY A 199 3.63 11.73 -2.24
CA GLY A 199 3.59 10.31 -2.50
C GLY A 199 2.23 9.65 -2.33
N ALA A 200 1.69 9.08 -3.41
CA ALA A 200 0.32 8.56 -3.42
C ALA A 200 0.14 7.29 -2.61
N ALA A 201 1.20 6.49 -2.45
CA ALA A 201 1.12 5.25 -1.68
C ALA A 201 1.17 5.49 -0.17
N GLN A 202 1.54 6.70 0.25
CA GLN A 202 1.73 6.98 1.67
C GLN A 202 0.65 7.86 2.28
N ASN A 203 -0.09 8.60 1.47
CA ASN A 203 -0.77 9.78 1.99
C ASN A 203 -2.26 9.71 1.75
N ILE A 204 -3.00 10.15 2.75
CA ILE A 204 -4.32 10.74 2.51
C ILE A 204 -4.08 12.16 2.01
N ILE A 205 -4.62 12.48 0.84
CA ILE A 205 -4.33 13.74 0.17
C ILE A 205 -5.59 14.56 -0.09
N PRO A 206 -5.78 15.69 0.58
CA PRO A 206 -6.94 16.54 0.24
C PRO A 206 -6.79 17.08 -1.16
N ALA A 207 -7.92 17.21 -1.85
CA ALA A 207 -7.91 17.64 -3.25
C ALA A 207 -9.21 18.35 -3.52
N SER A 208 -9.15 19.30 -4.44
CA SER A 208 -10.36 19.96 -4.88
C SER A 208 -11.10 19.11 -5.90
N THR A 209 -12.36 19.43 -6.06
CA THR A 209 -13.18 18.80 -7.04
C THR A 209 -14.37 19.70 -7.25
N GLY A 210 -14.79 19.87 -8.49
CA GLY A 210 -15.96 20.66 -8.77
C GLY A 210 -17.22 19.85 -8.93
N ALA A 211 -17.17 18.57 -8.54
CA ALA A 211 -18.18 17.60 -8.91
C ALA A 211 -19.53 17.97 -8.35
N ALA A 212 -19.59 18.27 -7.05
CA ALA A 212 -20.86 18.60 -6.43
C ALA A 212 -21.45 19.88 -7.03
N LYS A 213 -20.61 20.90 -7.25
CA LYS A 213 -21.05 22.07 -7.99
C LYS A 213 -21.55 21.70 -9.38
N ALA A 214 -20.85 20.78 -10.06
CA ALA A 214 -21.25 20.38 -11.40
C ALA A 214 -22.63 19.73 -11.40
N VAL A 215 -23.05 19.18 -10.26
CA VAL A 215 -24.40 18.65 -10.14
C VAL A 215 -25.43 19.76 -10.25
N GLY A 216 -25.01 20.99 -9.92
CA GLY A 216 -25.88 22.14 -10.13
C GLY A 216 -26.13 22.44 -11.59
N LYS A 217 -25.17 22.07 -12.46
CA LYS A 217 -25.37 22.16 -13.90
C LYS A 217 -26.26 21.03 -14.43
N VAL A 218 -26.02 19.78 -14.01
CA VAL A 218 -26.85 18.69 -14.51
C VAL A 218 -28.20 18.58 -13.77
N ILE A 219 -28.28 19.03 -12.52
CA ILE A 219 -29.58 19.22 -11.87
C ILE A 219 -29.73 20.69 -11.54
N PRO A 220 -30.33 21.48 -12.44
CA PRO A 220 -30.39 22.94 -12.23
C PRO A 220 -30.92 23.38 -10.88
N GLU A 221 -31.97 22.74 -10.35
CA GLU A 221 -32.57 23.17 -9.09
C GLU A 221 -31.61 23.07 -7.91
N LEU A 222 -30.54 22.29 -8.03
CA LEU A 222 -29.52 22.16 -6.99
C LEU A 222 -28.36 23.12 -7.19
N ASN A 223 -28.49 24.04 -8.13
CA ASN A 223 -27.39 24.96 -8.40
C ASN A 223 -27.15 25.83 -7.17
N GLY A 224 -25.89 25.94 -6.78
CA GLY A 224 -25.51 26.63 -5.56
C GLY A 224 -25.87 25.94 -4.27
N LYS A 225 -26.43 24.74 -4.32
CA LYS A 225 -26.84 24.05 -3.11
C LYS A 225 -25.92 22.89 -2.73
N LEU A 226 -25.00 22.51 -3.62
CA LEU A 226 -24.05 21.46 -3.38
C LEU A 226 -22.65 21.95 -3.70
N THR A 227 -21.71 21.67 -2.81
CA THR A 227 -20.31 21.65 -3.19
C THR A 227 -19.62 20.57 -2.35
N GLY A 228 -18.32 20.41 -2.55
CA GLY A 228 -17.63 19.31 -1.89
C GLY A 228 -16.13 19.36 -2.06
N MET A 229 -15.47 18.29 -1.60
CA MET A 229 -14.04 18.11 -1.79
C MET A 229 -13.73 16.61 -1.82
N ALA A 230 -12.44 16.29 -1.92
CA ALA A 230 -12.01 14.90 -2.07
C ALA A 230 -10.82 14.61 -1.16
N PHE A 231 -10.65 13.33 -0.84
CA PHE A 231 -9.42 12.79 -0.28
C PHE A 231 -8.95 11.68 -1.21
N ARG A 232 -7.74 11.82 -1.70
CA ARG A 232 -7.09 10.83 -2.46
C ARG A 232 -6.43 9.89 -1.44
N VAL A 233 -6.73 8.61 -1.54
CA VAL A 233 -6.20 7.63 -0.66
C VAL A 233 -5.55 6.50 -1.43
N PRO A 234 -4.61 5.79 -0.71
CA PRO A 234 -3.92 4.76 -1.45
C PRO A 234 -4.50 3.41 -1.84
N THR A 235 -5.48 3.44 -2.69
CA THR A 235 -6.02 2.26 -3.36
C THR A 235 -5.95 2.47 -4.87
N PRO A 236 -5.82 1.39 -5.66
CA PRO A 236 -5.67 1.56 -7.11
C PRO A 236 -6.96 1.87 -7.86
N ASN A 237 -8.12 1.61 -7.26
CA ASN A 237 -9.38 1.82 -7.96
C ASN A 237 -10.53 1.67 -6.99
N VAL A 238 -11.67 2.25 -7.40
CA VAL A 238 -12.97 2.27 -6.70
C VAL A 238 -12.90 3.38 -5.69
N SER A 239 -13.92 4.23 -5.70
CA SER A 239 -14.04 5.41 -4.85
C SER A 239 -15.42 5.41 -4.21
N VAL A 240 -15.64 6.35 -3.29
CA VAL A 240 -16.90 6.39 -2.57
C VAL A 240 -17.32 7.84 -2.30
N VAL A 241 -18.62 8.10 -2.44
CA VAL A 241 -19.22 9.41 -2.20
C VAL A 241 -19.86 9.42 -0.83
N ASP A 242 -19.66 10.52 -0.11
CA ASP A 242 -20.18 10.71 1.24
C ASP A 242 -20.93 12.05 1.17
N LEU A 243 -22.26 11.99 1.07
CA LEU A 243 -23.07 13.19 0.88
C LEU A 243 -23.81 13.53 2.18
N THR A 244 -23.51 14.69 2.76
CA THR A 244 -24.18 15.16 3.96
C THR A 244 -25.17 16.24 3.55
N CYS A 245 -26.47 15.97 3.71
CA CYS A 245 -27.43 16.89 3.15
C CYS A 245 -28.63 17.11 4.08
N ARG A 246 -29.22 18.28 3.95
CA ARG A 246 -30.40 18.66 4.71
C ARG A 246 -31.63 18.56 3.80
N LEU A 247 -32.71 17.99 4.32
CA LEU A 247 -33.87 17.69 3.51
C LEU A 247 -35.03 18.62 3.84
N GLU A 248 -35.78 19.00 2.81
CA GLU A 248 -36.98 19.79 3.07
C GLU A 248 -38.08 18.92 3.67
N LYS A 249 -38.47 17.84 2.97
CA LYS A 249 -39.49 17.01 3.59
C LYS A 249 -38.85 16.00 4.54
N PRO A 250 -39.42 15.75 5.71
CA PRO A 250 -38.83 14.78 6.63
C PRO A 250 -38.81 13.40 5.99
N ALA A 251 -37.79 12.62 6.32
CA ALA A 251 -37.68 11.26 5.81
C ALA A 251 -36.94 10.39 6.81
N LYS A 252 -37.62 9.34 7.28
CA LYS A 252 -36.91 8.30 8.01
C LYS A 252 -35.88 7.65 7.10
N TYR A 253 -34.82 7.10 7.71
CA TYR A 253 -33.76 6.49 6.92
C TYR A 253 -34.30 5.33 6.07
N ASP A 254 -35.29 4.58 6.56
CA ASP A 254 -35.80 3.48 5.75
C ASP A 254 -36.71 3.96 4.62
N ASP A 255 -37.28 5.16 4.72
CA ASP A 255 -37.89 5.81 3.57
C ASP A 255 -36.85 6.15 2.51
N ILE A 256 -35.66 6.56 2.95
CA ILE A 256 -34.60 6.84 1.99
C ILE A 256 -34.17 5.56 1.28
N LYS A 257 -33.87 4.51 2.05
CA LYS A 257 -33.51 3.21 1.49
C LYS A 257 -34.53 2.75 0.45
N LYS A 258 -35.82 2.79 0.78
CA LYS A 258 -36.81 2.21 -0.12
C LYS A 258 -36.94 3.03 -1.40
N VAL A 259 -36.80 4.34 -1.31
CA VAL A 259 -36.92 5.20 -2.47
C VAL A 259 -35.73 5.00 -3.41
N VAL A 260 -34.52 4.85 -2.84
CA VAL A 260 -33.35 4.58 -3.65
C VAL A 260 -33.42 3.17 -4.25
N LYS A 261 -33.87 2.19 -3.48
CA LYS A 261 -34.03 0.85 -4.02
C LYS A 261 -35.01 0.84 -5.20
N GLN A 262 -36.14 1.52 -5.07
CA GLN A 262 -37.09 1.59 -6.18
C GLN A 262 -36.45 2.25 -7.41
N ALA A 263 -35.73 3.34 -7.21
CA ALA A 263 -35.12 4.00 -8.36
C ALA A 263 -34.14 3.06 -9.08
N SER A 264 -33.37 2.28 -8.30
CA SER A 264 -32.35 1.40 -8.88
C SER A 264 -32.95 0.21 -9.62
N GLU A 265 -34.21 -0.11 -9.36
CA GLU A 265 -34.89 -1.16 -10.10
C GLU A 265 -35.77 -0.63 -11.22
N GLY A 266 -35.93 0.69 -11.30
CA GLY A 266 -36.74 1.30 -12.32
C GLY A 266 -35.93 2.05 -13.36
N PRO A 267 -36.21 3.35 -13.49
CA PRO A 267 -35.60 4.12 -14.59
C PRO A 267 -34.10 4.30 -14.46
N LEU A 268 -33.51 4.07 -13.28
CA LEU A 268 -32.08 4.23 -13.10
C LEU A 268 -31.35 2.90 -13.06
N LYS A 269 -32.02 1.81 -13.42
CA LYS A 269 -31.42 0.49 -13.40
C LYS A 269 -30.19 0.45 -14.31
N GLY A 270 -29.11 -0.16 -13.82
CA GLY A 270 -27.83 -0.13 -14.48
C GLY A 270 -26.98 1.10 -14.18
N ILE A 271 -27.60 2.19 -13.72
CA ILE A 271 -26.89 3.42 -13.40
C ILE A 271 -26.75 3.57 -11.90
N LEU A 272 -27.86 3.60 -11.18
CA LEU A 272 -27.85 3.64 -9.72
C LEU A 272 -28.16 2.24 -9.18
N GLY A 273 -27.30 1.76 -8.30
CA GLY A 273 -27.47 0.46 -7.68
C GLY A 273 -27.80 0.63 -6.21
N TYR A 274 -28.15 -0.50 -5.58
CA TYR A 274 -28.58 -0.53 -4.19
C TYR A 274 -28.06 -1.79 -3.51
N THR A 275 -27.50 -1.64 -2.30
CA THR A 275 -27.10 -2.82 -1.53
C THR A 275 -27.29 -2.60 -0.04
N GLU A 276 -27.56 -3.71 0.67
CA GLU A 276 -27.54 -3.76 2.13
C GLU A 276 -26.47 -4.71 2.65
N ASP A 277 -25.62 -5.21 1.76
CA ASP A 277 -24.56 -6.11 2.16
C ASP A 277 -23.42 -5.33 2.81
N GLN A 278 -22.60 -6.05 3.59
CA GLN A 278 -21.46 -5.45 4.29
C GLN A 278 -20.26 -5.33 3.34
N VAL A 279 -20.44 -4.47 2.35
CA VAL A 279 -19.48 -4.37 1.25
C VAL A 279 -18.31 -3.46 1.64
N VAL A 280 -17.22 -3.63 0.89
CA VAL A 280 -16.05 -2.75 0.93
C VAL A 280 -15.71 -2.44 -0.51
N SER A 281 -14.74 -1.53 -0.69
CA SER A 281 -14.50 -0.93 -2.01
C SER A 281 -14.20 -2.00 -3.08
N CYS A 282 -13.39 -3.01 -2.74
CA CYS A 282 -13.04 -4.02 -3.75
C CYS A 282 -14.27 -4.76 -4.28
N ASP A 283 -15.35 -4.83 -3.51
CA ASP A 283 -16.57 -5.48 -4.02
C ASP A 283 -17.21 -4.73 -5.18
N PHE A 284 -16.68 -3.58 -5.58
CA PHE A 284 -17.19 -2.85 -6.73
C PHE A 284 -16.14 -2.75 -7.84
N ASN A 285 -14.99 -3.42 -7.70
CA ASN A 285 -14.00 -3.44 -8.77
C ASN A 285 -14.59 -4.14 -9.99
N SER A 286 -14.54 -3.46 -11.13
CA SER A 286 -15.10 -3.93 -12.40
C SER A 286 -16.62 -3.90 -12.41
N ASN A 287 -17.24 -3.09 -11.56
CA ASN A 287 -18.68 -2.91 -11.54
C ASN A 287 -19.06 -1.75 -12.46
N SER A 288 -20.05 -1.96 -13.32
CA SER A 288 -20.39 -0.96 -14.33
C SER A 288 -21.35 0.14 -13.85
N HIS A 289 -21.82 0.10 -12.61
CA HIS A 289 -22.77 1.11 -12.17
C HIS A 289 -22.08 2.47 -12.05
N SER A 290 -22.88 3.52 -12.21
CA SER A 290 -22.41 4.86 -11.88
C SER A 290 -22.28 5.06 -10.38
N SER A 291 -23.15 4.40 -9.62
CA SER A 291 -23.39 4.77 -8.23
C SER A 291 -24.18 3.67 -7.53
N THR A 292 -23.60 3.04 -6.51
CA THR A 292 -24.31 2.03 -5.72
C THR A 292 -24.51 2.55 -4.30
N PHE A 293 -25.78 2.66 -3.89
CA PHE A 293 -26.15 3.09 -2.55
C PHE A 293 -25.77 2.04 -1.53
N ASP A 294 -25.06 2.44 -0.50
CA ASP A 294 -24.67 1.54 0.59
C ASP A 294 -25.59 1.84 1.78
N ALA A 295 -26.66 1.05 1.91
CA ALA A 295 -27.66 1.34 2.94
C ALA A 295 -27.07 1.26 4.34
N GLY A 296 -26.34 0.19 4.64
CA GLY A 296 -25.80 0.01 5.98
C GLY A 296 -24.73 1.00 6.40
N ALA A 297 -24.07 1.67 5.45
CA ALA A 297 -22.95 2.55 5.80
C ALA A 297 -23.37 3.97 6.15
N GLY A 298 -24.49 4.45 5.60
CA GLY A 298 -24.93 5.80 5.88
C GLY A 298 -25.54 5.90 7.27
N ILE A 299 -25.85 7.14 7.68
CA ILE A 299 -26.39 7.37 9.01
C ILE A 299 -27.18 8.67 8.99
N ALA A 300 -28.31 8.68 9.67
CA ALA A 300 -29.11 9.89 9.84
C ALA A 300 -28.87 10.45 11.23
N LEU A 301 -28.68 11.77 11.32
CA LEU A 301 -28.81 12.44 12.61
C LEU A 301 -30.27 12.59 13.00
N ASN A 302 -31.10 13.07 12.07
CA ASN A 302 -32.54 13.17 12.24
C ASN A 302 -33.20 13.04 10.89
N ASP A 303 -34.54 13.15 10.88
CA ASP A 303 -35.32 12.97 9.65
C ASP A 303 -35.03 14.03 8.58
N ASN A 304 -34.29 15.10 8.92
CA ASN A 304 -33.97 16.11 7.91
C ASN A 304 -32.47 16.30 7.69
N PHE A 305 -31.61 15.53 8.36
CA PHE A 305 -30.16 15.75 8.27
C PHE A 305 -29.50 14.38 8.25
N VAL A 306 -28.92 14.03 7.10
CA VAL A 306 -28.51 12.65 6.81
C VAL A 306 -27.19 12.65 6.07
N LYS A 307 -26.45 11.55 6.23
CA LYS A 307 -25.21 11.30 5.52
C LYS A 307 -25.37 10.01 4.72
N LEU A 308 -25.24 10.12 3.38
CA LEU A 308 -25.53 9.03 2.46
C LEU A 308 -24.27 8.63 1.71
N ILE A 309 -24.11 7.32 1.49
CA ILE A 309 -22.87 6.71 1.02
C ILE A 309 -23.14 5.95 -0.28
N SER A 310 -22.28 6.16 -1.29
CA SER A 310 -22.48 5.51 -2.58
C SER A 310 -21.14 5.20 -3.23
N TRP A 311 -20.99 3.96 -3.70
CA TRP A 311 -19.75 3.48 -4.28
C TRP A 311 -19.73 3.69 -5.78
N TYR A 312 -18.53 3.95 -6.31
CA TYR A 312 -18.37 3.97 -7.76
C TYR A 312 -16.99 3.47 -8.13
N ASP A 313 -16.98 2.51 -9.06
CA ASP A 313 -15.76 2.19 -9.79
C ASP A 313 -15.47 3.39 -10.68
N ASN A 314 -14.50 4.22 -10.27
CA ASN A 314 -14.22 5.43 -11.03
C ASN A 314 -13.69 5.14 -12.42
N GLU A 315 -13.04 4.01 -12.62
CA GLU A 315 -12.56 3.67 -13.97
C GLU A 315 -13.66 3.02 -14.81
N TYR A 316 -14.19 1.90 -14.36
CA TYR A 316 -15.03 1.09 -15.24
C TYR A 316 -16.47 1.61 -15.34
N GLY A 317 -17.04 2.14 -14.26
CA GLY A 317 -18.40 2.65 -14.36
C GLY A 317 -18.47 3.85 -15.28
N TYR A 318 -17.54 4.79 -15.10
CA TYR A 318 -17.48 5.96 -15.94
C TYR A 318 -17.29 5.58 -17.39
N SER A 319 -16.40 4.61 -17.66
CA SER A 319 -16.15 4.18 -19.03
C SER A 319 -17.42 3.64 -19.68
N ASN A 320 -18.20 2.86 -18.93
CA ASN A 320 -19.47 2.36 -19.45
C ASN A 320 -20.44 3.50 -19.72
N ARG A 321 -20.38 4.56 -18.91
CA ARG A 321 -21.30 5.68 -19.12
C ARG A 321 -20.94 6.48 -20.36
N VAL A 322 -19.64 6.60 -20.67
CA VAL A 322 -19.21 7.19 -21.92
C VAL A 322 -19.82 6.44 -23.10
N VAL A 323 -19.68 5.11 -23.09
CA VAL A 323 -20.28 4.28 -24.12
C VAL A 323 -21.79 4.50 -24.16
N ASP A 324 -22.43 4.52 -22.99
CA ASP A 324 -23.88 4.71 -22.95
C ASP A 324 -24.28 6.06 -23.54
N LEU A 325 -23.49 7.11 -23.27
CA LEU A 325 -23.85 8.44 -23.73
C LEU A 325 -23.72 8.54 -25.25
N MET A 326 -22.65 7.95 -25.79
CA MET A 326 -22.48 7.91 -27.24
C MET A 326 -23.60 7.14 -27.90
N ALA A 327 -24.01 6.01 -27.30
CA ALA A 327 -25.09 5.23 -27.86
C ALA A 327 -26.42 6.00 -27.80
N TYR A 328 -26.63 6.77 -26.74
CA TYR A 328 -27.81 7.63 -26.70
C TYR A 328 -27.73 8.73 -27.74
N MET A 329 -26.56 9.36 -27.89
CA MET A 329 -26.39 10.40 -28.90
C MET A 329 -26.65 9.84 -30.31
N ALA A 330 -26.18 8.63 -30.58
CA ALA A 330 -26.39 8.01 -31.89
C ALA A 330 -27.88 7.84 -32.19
N SER A 331 -28.67 7.47 -31.18
CA SER A 331 -30.10 7.25 -31.42
C SER A 331 -30.85 8.55 -31.65
N LYS A 332 -30.31 9.67 -31.20
CA LYS A 332 -30.91 10.97 -31.46
C LYS A 332 -30.67 11.45 -32.87
N GLU A 333 -29.61 10.98 -33.53
CA GLU A 333 -29.27 11.42 -34.88
C GLU A 333 -30.44 11.16 -35.84
N MET B 1 -17.50 -38.04 -8.24
CA MET B 1 -16.17 -37.86 -7.68
C MET B 1 -16.03 -38.37 -6.27
N VAL B 2 -14.90 -38.04 -5.68
CA VAL B 2 -14.73 -38.18 -4.24
C VAL B 2 -15.42 -37.01 -3.56
N LYS B 3 -16.04 -37.30 -2.42
CA LYS B 3 -16.75 -36.29 -1.64
C LYS B 3 -15.81 -35.73 -0.57
N VAL B 4 -15.69 -34.41 -0.56
CA VAL B 4 -14.64 -33.68 0.16
C VAL B 4 -15.27 -32.83 1.26
N GLY B 5 -14.71 -32.93 2.47
CA GLY B 5 -14.97 -31.97 3.54
C GLY B 5 -13.79 -31.03 3.70
N VAL B 6 -14.09 -29.76 3.98
CA VAL B 6 -13.07 -28.73 4.17
C VAL B 6 -13.05 -28.30 5.63
N ASN B 7 -11.87 -28.37 6.25
CA ASN B 7 -11.67 -27.88 7.62
C ASN B 7 -10.86 -26.59 7.57
N GLY B 8 -11.49 -25.49 7.94
CA GLY B 8 -10.81 -24.21 7.84
C GLY B 8 -11.23 -23.48 6.59
N PHE B 9 -12.20 -22.58 6.74
CA PHE B 9 -12.82 -21.92 5.60
C PHE B 9 -12.18 -20.55 5.36
N GLY B 10 -10.85 -20.53 5.27
CA GLY B 10 -10.07 -19.34 5.05
C GLY B 10 -9.69 -19.14 3.60
N ARG B 11 -8.61 -18.38 3.37
CA ARG B 11 -8.13 -18.14 2.00
C ARG B 11 -8.05 -19.43 1.20
N ILE B 12 -7.42 -20.46 1.77
CA ILE B 12 -7.25 -21.71 1.03
C ILE B 12 -8.54 -22.53 1.05
N GLY B 13 -9.17 -22.65 2.23
CA GLY B 13 -10.43 -23.36 2.31
C GLY B 13 -11.46 -22.85 1.32
N ARG B 14 -11.65 -21.54 1.26
CA ARG B 14 -12.66 -21.01 0.33
C ARG B 14 -12.21 -21.10 -1.11
N LEU B 15 -10.91 -20.91 -1.40
CA LEU B 15 -10.49 -21.02 -2.80
C LEU B 15 -10.38 -22.47 -3.26
N VAL B 16 -10.09 -23.41 -2.36
CA VAL B 16 -10.24 -24.83 -2.69
C VAL B 16 -11.70 -25.13 -3.01
N THR B 17 -12.63 -24.52 -2.26
CA THR B 17 -14.04 -24.69 -2.57
C THR B 17 -14.40 -24.06 -3.91
N ARG B 18 -13.87 -22.87 -4.21
CA ARG B 18 -14.08 -22.29 -5.53
C ARG B 18 -13.57 -23.21 -6.63
N ALA B 19 -12.33 -23.68 -6.50
CA ALA B 19 -11.75 -24.53 -7.55
C ALA B 19 -12.51 -25.85 -7.67
N ALA B 20 -12.91 -26.45 -6.55
CA ALA B 20 -13.67 -27.68 -6.59
C ALA B 20 -15.01 -27.47 -7.30
N ILE B 21 -15.76 -26.44 -6.89
CA ILE B 21 -17.09 -26.23 -7.46
C ILE B 21 -16.99 -25.81 -8.92
N CYS B 22 -16.01 -24.99 -9.26
CA CYS B 22 -15.91 -24.54 -10.65
C CYS B 22 -15.29 -25.61 -11.56
N SER B 23 -14.30 -26.36 -11.08
CA SER B 23 -13.72 -27.39 -11.95
C SER B 23 -14.59 -28.64 -12.01
N GLY B 24 -15.37 -28.89 -10.97
CA GLY B 24 -16.11 -30.12 -10.86
C GLY B 24 -15.28 -31.36 -10.68
N LYS B 25 -13.99 -31.22 -10.35
CA LYS B 25 -13.12 -32.38 -10.27
C LYS B 25 -13.35 -33.19 -9.00
N VAL B 26 -13.86 -32.55 -7.96
CA VAL B 26 -14.27 -33.20 -6.71
C VAL B 26 -15.52 -32.48 -6.22
N GLU B 27 -16.20 -33.07 -5.26
CA GLU B 27 -17.46 -32.51 -4.75
C GLU B 27 -17.29 -32.12 -3.29
N ILE B 28 -17.38 -30.82 -3.01
CA ILE B 28 -17.47 -30.33 -1.62
C ILE B 28 -18.82 -30.74 -1.04
N VAL B 29 -18.81 -31.54 0.02
CA VAL B 29 -20.06 -31.86 0.71
C VAL B 29 -20.11 -31.37 2.16
N ALA B 30 -19.02 -30.83 2.71
CA ALA B 30 -19.07 -30.35 4.09
C ALA B 30 -17.94 -29.36 4.32
N ILE B 31 -18.18 -28.42 5.24
CA ILE B 31 -17.23 -27.40 5.63
C ILE B 31 -17.30 -27.25 7.16
N ASN B 32 -16.15 -27.09 7.80
CA ASN B 32 -16.12 -26.81 9.23
C ASN B 32 -15.28 -25.57 9.48
N ASP B 33 -15.87 -24.59 10.17
CA ASP B 33 -15.14 -23.42 10.65
C ASP B 33 -15.87 -22.80 11.84
N PRO B 34 -15.35 -22.98 13.05
CA PRO B 34 -16.06 -22.47 14.25
C PRO B 34 -16.10 -20.95 14.32
N PHE B 35 -15.30 -20.24 13.52
CA PHE B 35 -15.28 -18.79 13.51
C PHE B 35 -16.13 -18.18 12.41
N ILE B 36 -16.79 -18.97 11.58
CA ILE B 36 -17.57 -18.46 10.47
C ILE B 36 -18.87 -19.26 10.43
N ASP B 37 -19.97 -18.64 10.84
CA ASP B 37 -21.23 -19.35 10.80
C ASP B 37 -21.78 -19.36 9.38
N LEU B 38 -22.92 -20.02 9.22
CA LEU B 38 -23.47 -20.26 7.89
C LEU B 38 -23.73 -18.95 7.15
N ASN B 39 -24.35 -17.98 7.83
CA ASN B 39 -24.62 -16.72 7.16
C ASN B 39 -23.34 -15.94 6.88
N TYR B 40 -22.38 -16.04 7.78
CA TYR B 40 -21.08 -15.43 7.54
C TYR B 40 -20.36 -16.15 6.40
N MET B 41 -20.49 -17.47 6.33
CA MET B 41 -19.91 -18.22 5.23
C MET B 41 -20.45 -17.76 3.88
N VAL B 42 -21.75 -17.45 3.81
CA VAL B 42 -22.34 -16.95 2.57
C VAL B 42 -21.62 -15.67 2.13
N TYR B 43 -21.38 -14.76 3.07
CA TYR B 43 -20.77 -13.48 2.74
C TYR B 43 -19.30 -13.65 2.39
N MET B 44 -18.56 -14.44 3.19
CA MET B 44 -17.14 -14.60 2.94
C MET B 44 -16.86 -15.36 1.66
N PHE B 45 -17.74 -16.29 1.27
CA PHE B 45 -17.54 -17.01 0.03
C PHE B 45 -17.95 -16.16 -1.16
N GLN B 46 -19.01 -15.36 -1.00
CA GLN B 46 -19.51 -14.57 -2.11
C GLN B 46 -18.54 -13.46 -2.48
N TYR B 47 -18.01 -12.74 -1.49
CA TYR B 47 -17.16 -11.59 -1.76
C TYR B 47 -15.69 -11.97 -1.53
N ASP B 48 -14.81 -11.46 -2.40
CA ASP B 48 -13.38 -11.71 -2.24
C ASP B 48 -12.66 -10.48 -2.76
N SER B 49 -11.92 -9.81 -1.86
CA SER B 49 -11.14 -8.64 -2.25
C SER B 49 -10.13 -8.96 -3.35
N THR B 50 -9.59 -10.17 -3.35
CA THR B 50 -8.48 -10.50 -4.25
C THR B 50 -8.94 -11.13 -5.57
N HIS B 51 -9.91 -12.05 -5.53
CA HIS B 51 -10.37 -12.74 -6.73
C HIS B 51 -11.76 -12.30 -7.21
N GLY B 52 -12.37 -11.32 -6.58
CA GLY B 52 -13.65 -10.79 -7.03
C GLY B 52 -14.82 -11.66 -6.62
N LYS B 53 -16.02 -11.10 -6.83
CA LYS B 53 -17.26 -11.76 -6.47
C LYS B 53 -17.34 -13.15 -7.11
N PHE B 54 -17.82 -14.11 -6.34
CA PHE B 54 -17.98 -15.46 -6.89
C PHE B 54 -19.00 -15.44 -8.01
N ASN B 55 -18.66 -16.09 -9.12
CA ASN B 55 -19.54 -16.07 -10.29
C ASN B 55 -20.50 -17.24 -10.16
N GLY B 56 -21.65 -16.96 -9.58
CA GLY B 56 -22.62 -17.99 -9.29
C GLY B 56 -23.44 -17.58 -8.09
N THR B 57 -24.32 -18.47 -7.67
CA THR B 57 -25.22 -18.23 -6.56
C THR B 57 -24.69 -18.93 -5.30
N VAL B 58 -24.84 -18.26 -4.16
CA VAL B 58 -24.51 -18.86 -2.86
C VAL B 58 -25.49 -18.32 -1.82
N LYS B 59 -26.09 -19.23 -1.05
CA LYS B 59 -27.15 -18.88 -0.12
C LYS B 59 -27.14 -19.85 1.07
N ALA B 60 -27.84 -19.44 2.12
CA ALA B 60 -28.15 -20.30 3.25
C ALA B 60 -29.57 -20.84 3.09
N GLU B 61 -29.73 -22.16 3.21
CA GLU B 61 -31.03 -22.82 3.11
C GLU B 61 -31.08 -23.97 4.10
N ASN B 62 -32.08 -23.95 4.98
CA ASN B 62 -32.27 -25.00 5.97
C ASN B 62 -30.98 -25.44 6.66
N GLY B 63 -30.16 -24.48 7.08
CA GLY B 63 -28.94 -24.82 7.79
C GLY B 63 -27.80 -25.30 6.93
N LYS B 64 -27.94 -25.22 5.60
CA LYS B 64 -26.88 -25.64 4.71
C LYS B 64 -26.40 -24.47 3.85
N LEU B 65 -25.13 -24.51 3.47
CA LEU B 65 -24.58 -23.57 2.51
C LEU B 65 -24.85 -24.11 1.12
N VAL B 66 -25.57 -23.36 0.30
CA VAL B 66 -26.04 -23.84 -1.00
C VAL B 66 -25.32 -23.04 -2.08
N ILE B 67 -24.38 -23.69 -2.76
CA ILE B 67 -23.56 -23.05 -3.78
C ILE B 67 -23.97 -23.61 -5.12
N ASN B 68 -24.43 -22.71 -6.01
CA ASN B 68 -24.96 -23.09 -7.32
C ASN B 68 -26.01 -24.19 -7.20
N GLY B 69 -26.94 -24.02 -6.25
CA GLY B 69 -28.07 -24.92 -6.05
C GLY B 69 -27.77 -26.20 -5.29
N LYS B 70 -26.52 -26.46 -4.92
CA LYS B 70 -26.15 -27.75 -4.35
C LYS B 70 -25.78 -27.58 -2.88
N PRO B 71 -26.42 -28.32 -1.97
CA PRO B 71 -26.24 -28.05 -0.54
C PRO B 71 -24.93 -28.60 0.02
N ILE B 72 -24.36 -27.88 0.98
CA ILE B 72 -23.15 -28.26 1.68
C ILE B 72 -23.40 -28.22 3.18
N THR B 73 -23.16 -29.35 3.86
CA THR B 73 -23.30 -29.40 5.32
C THR B 73 -22.26 -28.51 5.99
N ILE B 74 -22.66 -27.84 7.07
CA ILE B 74 -21.81 -26.87 7.76
C ILE B 74 -21.59 -27.29 9.21
N PHE B 75 -20.33 -27.28 9.65
CA PHE B 75 -19.99 -27.59 11.02
C PHE B 75 -19.35 -26.39 11.71
N GLN B 76 -19.42 -26.41 13.04
CA GLN B 76 -18.90 -25.34 13.91
C GLN B 76 -18.11 -25.96 15.06
N GLU B 77 -17.23 -26.89 14.73
CA GLU B 77 -16.42 -27.59 15.71
C GLU B 77 -15.02 -26.97 15.76
N ARG B 78 -14.66 -26.43 16.94
CA ARG B 78 -13.28 -26.00 17.17
C ARG B 78 -12.35 -27.21 17.22
N ASP B 79 -12.83 -28.31 17.79
CA ASP B 79 -12.07 -29.53 17.92
C ASP B 79 -12.27 -30.39 16.69
N PRO B 80 -11.26 -30.63 15.87
CA PRO B 80 -11.47 -31.43 14.65
C PRO B 80 -11.87 -32.88 14.97
N THR B 81 -11.68 -33.36 16.23
CA THR B 81 -12.15 -34.70 16.55
C THR B 81 -13.67 -34.83 16.54
N ASN B 82 -14.41 -33.78 16.86
CA ASN B 82 -15.86 -33.86 16.98
C ASN B 82 -16.58 -33.61 15.67
N ILE B 83 -15.86 -33.48 14.56
CA ILE B 83 -16.53 -33.28 13.26
C ILE B 83 -17.06 -34.62 12.76
N LYS B 84 -18.38 -34.69 12.49
CA LYS B 84 -19.00 -35.94 12.03
C LYS B 84 -18.95 -36.03 10.50
N TRP B 85 -17.71 -36.18 10.00
CA TRP B 85 -17.46 -36.25 8.56
C TRP B 85 -18.23 -37.39 7.92
N GLY B 86 -18.27 -38.55 8.58
CA GLY B 86 -18.95 -39.71 8.00
C GLY B 86 -20.41 -39.42 7.71
N GLU B 87 -21.12 -38.83 8.67
CA GLU B 87 -22.55 -38.57 8.51
C GLU B 87 -22.83 -37.65 7.32
N ALA B 88 -21.93 -36.70 7.06
CA ALA B 88 -22.04 -35.83 5.89
C ALA B 88 -21.55 -36.52 4.61
N GLY B 89 -20.97 -37.71 4.71
CA GLY B 89 -20.50 -38.42 3.54
C GLY B 89 -19.19 -37.95 2.98
N ALA B 90 -18.41 -37.19 3.76
CA ALA B 90 -17.12 -36.68 3.31
C ALA B 90 -16.07 -37.78 3.44
N GLU B 91 -15.47 -38.20 2.33
CA GLU B 91 -14.44 -39.22 2.37
C GLU B 91 -13.04 -38.63 2.53
N TYR B 92 -12.74 -37.54 1.80
CA TYR B 92 -11.49 -36.82 1.96
C TYR B 92 -11.74 -35.52 2.71
N VAL B 93 -10.83 -35.16 3.60
CA VAL B 93 -10.87 -33.89 4.32
C VAL B 93 -9.64 -33.07 3.97
N VAL B 94 -9.88 -31.81 3.61
CA VAL B 94 -8.81 -30.83 3.46
C VAL B 94 -8.57 -30.15 4.80
N GLU B 95 -7.40 -30.37 5.36
CA GLU B 95 -6.97 -29.74 6.61
C GLU B 95 -6.29 -28.42 6.25
N SER B 96 -7.04 -27.33 6.33
CA SER B 96 -6.54 -26.00 5.96
C SER B 96 -6.79 -24.97 7.05
N THR B 97 -6.78 -25.39 8.32
CA THR B 97 -6.87 -24.42 9.41
C THR B 97 -5.52 -23.77 9.72
N GLY B 98 -4.42 -24.44 9.40
CA GLY B 98 -3.09 -23.99 9.76
C GLY B 98 -2.54 -24.53 11.06
N VAL B 99 -3.33 -25.28 11.83
CA VAL B 99 -2.94 -25.66 13.18
C VAL B 99 -2.95 -27.18 13.39
N PHE B 100 -3.13 -27.96 12.34
CA PHE B 100 -3.18 -29.42 12.47
C PHE B 100 -2.30 -30.09 11.42
N THR B 101 -1.05 -29.65 11.31
CA THR B 101 -0.23 -30.12 10.20
C THR B 101 0.50 -31.43 10.49
N THR B 102 0.58 -31.87 11.73
CA THR B 102 1.20 -33.16 11.99
C THR B 102 0.19 -34.29 11.78
N MET B 103 0.71 -35.50 11.55
CA MET B 103 -0.19 -36.64 11.36
C MET B 103 -1.00 -36.91 12.61
N GLU B 104 -0.40 -36.82 13.78
CA GLU B 104 -1.14 -37.04 15.01
C GLU B 104 -2.31 -36.06 15.11
N LYS B 105 -2.05 -34.79 14.81
CA LYS B 105 -3.11 -33.79 14.90
C LYS B 105 -4.09 -33.93 13.74
N ALA B 106 -3.58 -34.09 12.52
CA ALA B 106 -4.45 -34.24 11.36
C ALA B 106 -5.20 -35.57 11.36
N GLY B 107 -4.72 -36.55 12.12
CA GLY B 107 -5.42 -37.83 12.23
C GLY B 107 -6.74 -37.75 12.98
N ALA B 108 -7.04 -36.61 13.59
CA ALA B 108 -8.32 -36.39 14.25
C ALA B 108 -9.49 -36.70 13.34
N HIS B 109 -9.38 -36.31 12.06
CA HIS B 109 -10.51 -36.40 11.14
C HIS B 109 -10.91 -37.83 10.85
N LEU B 110 -9.98 -38.75 10.96
CA LEU B 110 -10.29 -40.12 10.68
C LEU B 110 -11.29 -40.68 11.63
N LYS B 111 -11.28 -40.16 12.85
CA LYS B 111 -12.17 -40.59 13.89
C LYS B 111 -13.59 -40.20 13.65
N GLY B 112 -13.78 -39.22 12.81
CA GLY B 112 -15.11 -38.74 12.55
C GLY B 112 -15.77 -39.47 11.42
N GLY B 113 -15.00 -40.31 10.77
CA GLY B 113 -15.41 -41.10 9.63
C GLY B 113 -14.80 -40.67 8.31
N ALA B 114 -13.91 -39.68 8.30
CA ALA B 114 -13.14 -39.43 7.10
C ALA B 114 -12.15 -40.56 6.84
N LYS B 115 -11.84 -40.76 5.57
CA LYS B 115 -10.97 -41.86 5.19
C LYS B 115 -9.54 -41.40 4.87
N ARG B 116 -9.37 -40.18 4.36
CA ARG B 116 -8.03 -39.65 4.11
C ARG B 116 -8.01 -38.15 4.36
N VAL B 117 -6.84 -37.63 4.67
CA VAL B 117 -6.66 -36.22 5.02
C VAL B 117 -5.55 -35.63 4.17
N ILE B 118 -5.80 -34.43 3.64
CA ILE B 118 -4.85 -33.73 2.79
C ILE B 118 -4.52 -32.43 3.50
N ILE B 119 -3.32 -32.35 4.07
CA ILE B 119 -2.90 -31.17 4.80
C ILE B 119 -2.46 -30.11 3.80
N SER B 120 -3.09 -28.95 3.85
CA SER B 120 -2.85 -27.87 2.92
C SER B 120 -1.63 -27.07 3.35
N ALA B 121 -0.56 -27.75 3.74
CA ALA B 121 0.64 -27.11 4.25
C ALA B 121 1.72 -28.17 4.41
N PRO B 122 2.99 -27.76 4.52
CA PRO B 122 4.02 -28.72 4.91
C PRO B 122 3.67 -29.42 6.20
N SER B 123 4.19 -30.62 6.35
CA SER B 123 3.98 -31.42 7.54
C SER B 123 5.32 -31.90 8.04
N ALA B 124 5.49 -31.89 9.36
CA ALA B 124 6.70 -32.44 9.95
C ALA B 124 6.87 -33.91 9.63
N ASP B 125 5.77 -34.68 9.50
CA ASP B 125 5.91 -36.12 9.30
C ASP B 125 4.94 -36.75 8.31
N ALA B 126 3.98 -36.01 7.77
CA ALA B 126 3.15 -36.64 6.76
C ALA B 126 3.87 -36.63 5.41
N PRO B 127 3.67 -37.65 4.58
CA PRO B 127 4.29 -37.67 3.26
C PRO B 127 3.80 -36.50 2.42
N MET B 128 4.74 -35.81 1.77
CA MET B 128 4.43 -34.59 1.01
C MET B 128 4.48 -34.87 -0.49
N PHE B 129 3.60 -34.20 -1.21
CA PHE B 129 3.45 -34.43 -2.64
C PHE B 129 3.28 -33.10 -3.36
N VAL B 130 3.89 -33.03 -4.54
CA VAL B 130 3.72 -31.92 -5.48
C VAL B 130 3.28 -32.50 -6.80
N MET B 131 2.06 -32.14 -7.23
CA MET B 131 1.55 -32.55 -8.54
C MET B 131 2.55 -32.23 -9.65
N GLY B 132 2.75 -33.21 -10.52
CA GLY B 132 3.70 -33.10 -11.61
C GLY B 132 5.10 -33.52 -11.26
N VAL B 133 5.43 -33.58 -9.97
CA VAL B 133 6.78 -33.86 -9.53
C VAL B 133 6.90 -35.25 -8.89
N ASN B 134 6.06 -35.55 -7.90
CA ASN B 134 6.17 -36.85 -7.23
C ASN B 134 4.82 -37.46 -6.84
N HIS B 135 3.71 -36.95 -7.37
CA HIS B 135 2.41 -37.49 -6.98
C HIS B 135 2.25 -38.98 -7.34
N GLU B 136 2.98 -39.45 -8.35
CA GLU B 136 2.91 -40.89 -8.62
C GLU B 136 3.57 -41.74 -7.53
N LYS B 137 4.31 -41.13 -6.61
CA LYS B 137 4.80 -41.85 -5.46
C LYS B 137 3.73 -42.04 -4.38
N TYR B 138 2.55 -41.45 -4.56
CA TYR B 138 1.43 -41.74 -3.67
C TYR B 138 0.96 -43.17 -3.88
N ASP B 139 0.52 -43.80 -2.78
CA ASP B 139 -0.10 -45.11 -2.84
C ASP B 139 -1.22 -45.17 -1.81
N ASN B 140 -2.13 -46.13 -2.02
CA ASN B 140 -3.36 -46.20 -1.22
C ASN B 140 -3.13 -46.41 0.28
N SER B 141 -1.95 -46.89 0.70
CA SER B 141 -1.70 -47.06 2.12
C SER B 141 -1.63 -45.73 2.87
N LEU B 142 -1.38 -44.62 2.18
CA LEU B 142 -1.17 -43.33 2.82
C LEU B 142 -2.51 -42.66 3.06
N LYS B 143 -2.95 -42.62 4.32
CA LYS B 143 -4.23 -42.01 4.65
C LYS B 143 -4.11 -40.56 5.08
N ILE B 144 -2.90 -40.08 5.36
CA ILE B 144 -2.67 -38.68 5.72
C ILE B 144 -1.48 -38.20 4.91
N VAL B 145 -1.68 -37.14 4.14
CA VAL B 145 -0.68 -36.65 3.20
C VAL B 145 -0.68 -35.14 3.27
N SER B 146 0.39 -34.57 2.75
CA SER B 146 0.53 -33.12 2.68
C SER B 146 0.76 -32.73 1.23
N ASN B 147 0.16 -31.60 0.81
CA ASN B 147 0.38 -30.99 -0.50
C ASN B 147 1.50 -29.94 -0.47
N ALA B 148 2.34 -29.98 0.56
CA ALA B 148 3.48 -29.05 0.73
C ALA B 148 2.95 -27.62 0.82
N SER B 149 3.75 -26.65 0.38
CA SER B 149 3.41 -25.25 0.43
C SER B 149 3.30 -24.69 -0.98
N SER B 150 2.81 -23.44 -1.08
CA SER B 150 2.77 -22.76 -2.36
C SER B 150 4.17 -22.63 -2.95
N THR B 151 5.13 -22.20 -2.13
CA THR B 151 6.47 -21.94 -2.63
C THR B 151 7.11 -23.23 -3.12
N THR B 152 6.88 -24.34 -2.43
CA THR B 152 7.39 -25.62 -2.88
C THR B 152 6.74 -26.04 -4.19
N ASN B 153 5.43 -25.81 -4.32
CA ASN B 153 4.76 -26.15 -5.57
C ASN B 153 5.20 -25.25 -6.71
N CYS B 154 5.79 -24.09 -6.39
CA CYS B 154 6.35 -23.24 -7.44
C CYS B 154 7.76 -23.71 -7.82
N LEU B 155 8.60 -23.98 -6.82
CA LEU B 155 9.99 -24.30 -7.09
C LEU B 155 10.19 -25.71 -7.62
N ALA B 156 9.49 -26.70 -7.07
CA ALA B 156 9.77 -28.08 -7.43
C ALA B 156 9.55 -28.37 -8.92
N PRO B 157 8.48 -27.91 -9.57
CA PRO B 157 8.37 -28.18 -11.02
C PRO B 157 9.50 -27.55 -11.82
N LEU B 158 9.85 -26.29 -11.52
CA LEU B 158 10.99 -25.66 -12.17
C LEU B 158 12.26 -26.46 -11.91
N ALA B 159 12.57 -26.70 -10.63
CA ALA B 159 13.80 -27.42 -10.30
C ALA B 159 13.83 -28.80 -10.94
N LYS B 160 12.67 -29.42 -11.13
CA LYS B 160 12.64 -30.73 -11.78
C LYS B 160 13.11 -30.62 -13.22
N VAL B 161 12.66 -29.61 -13.95
CA VAL B 161 13.01 -29.49 -15.37
C VAL B 161 14.48 -29.14 -15.52
N ILE B 162 14.97 -28.20 -14.71
CA ILE B 162 16.37 -27.79 -14.74
C ILE B 162 17.28 -28.94 -14.35
N HIS B 163 16.88 -29.73 -13.35
CA HIS B 163 17.75 -30.82 -12.91
C HIS B 163 17.73 -31.97 -13.92
N ASP B 164 16.55 -32.33 -14.41
CA ASP B 164 16.45 -33.43 -15.39
C ASP B 164 17.31 -33.17 -16.62
N ASN B 165 17.40 -31.90 -17.07
CA ASN B 165 18.12 -31.58 -18.28
C ASN B 165 19.57 -31.18 -18.06
N PHE B 166 19.91 -30.49 -16.97
CA PHE B 166 21.25 -29.96 -16.79
C PHE B 166 21.92 -30.32 -15.48
N GLY B 167 21.19 -30.83 -14.49
CA GLY B 167 21.80 -31.14 -13.21
C GLY B 167 22.04 -29.91 -12.36
N ILE B 168 21.33 -29.82 -11.23
CA ILE B 168 21.54 -28.74 -10.28
C ILE B 168 22.60 -29.22 -9.29
N VAL B 169 23.78 -28.59 -9.33
CA VAL B 169 24.83 -28.93 -8.35
C VAL B 169 24.48 -28.37 -6.98
N GLU B 170 23.98 -27.13 -6.95
CA GLU B 170 23.57 -26.45 -5.74
C GLU B 170 22.76 -25.24 -6.16
N GLY B 171 21.82 -24.86 -5.31
CA GLY B 171 21.00 -23.69 -5.60
C GLY B 171 20.57 -23.03 -4.31
N LEU B 172 20.34 -21.72 -4.38
CA LEU B 172 19.75 -20.96 -3.31
C LEU B 172 18.56 -20.20 -3.88
N MET B 173 17.46 -20.17 -3.12
CA MET B 173 16.26 -19.52 -3.62
C MET B 173 15.82 -18.41 -2.68
N THR B 174 15.28 -17.35 -3.26
CA THR B 174 14.44 -16.41 -2.53
C THR B 174 13.05 -16.45 -3.12
N THR B 175 12.05 -16.35 -2.25
CA THR B 175 10.71 -16.02 -2.68
C THR B 175 10.37 -14.64 -2.15
N VAL B 176 9.93 -13.79 -3.07
CA VAL B 176 9.33 -12.51 -2.73
C VAL B 176 7.83 -12.75 -2.68
N HIS B 177 7.26 -12.65 -1.49
CA HIS B 177 5.99 -13.27 -1.18
C HIS B 177 4.97 -12.24 -0.70
N ALA B 178 3.74 -12.37 -1.20
CA ALA B 178 2.63 -11.53 -0.77
C ALA B 178 2.35 -11.73 0.73
N ILE B 179 1.67 -10.76 1.32
CA ILE B 179 1.30 -10.87 2.72
C ILE B 179 0.26 -11.97 2.87
N THR B 180 0.23 -12.60 4.05
CA THR B 180 -0.72 -13.66 4.38
C THR B 180 -1.39 -13.37 5.72
N ALA B 181 -2.38 -14.21 6.04
CA ALA B 181 -3.19 -14.03 7.23
C ALA B 181 -2.40 -14.03 8.54
N THR B 182 -1.22 -14.65 8.55
CA THR B 182 -0.42 -14.72 9.77
C THR B 182 0.27 -13.39 10.09
N GLN B 183 0.27 -12.43 9.17
CA GLN B 183 0.94 -11.15 9.38
C GLN B 183 0.01 -10.12 10.04
N LYS B 184 0.58 -8.96 10.39
CA LYS B 184 -0.13 -7.94 11.14
C LYS B 184 -0.23 -6.65 10.34
N THR B 185 -1.37 -5.95 10.50
CA THR B 185 -1.57 -4.68 9.80
C THR B 185 -0.63 -3.58 10.31
N VAL B 186 -0.38 -3.55 11.62
CA VAL B 186 0.54 -2.61 12.24
C VAL B 186 1.39 -3.41 13.21
N ASP B 187 2.57 -2.86 13.57
CA ASP B 187 3.51 -3.50 14.49
C ASP B 187 2.79 -4.13 15.67
N GLY B 188 2.74 -5.46 15.73
CA GLY B 188 2.04 -6.17 16.77
C GLY B 188 2.74 -7.45 17.19
N PRO B 189 2.15 -8.18 18.14
CA PRO B 189 2.86 -9.30 18.77
C PRO B 189 2.96 -10.51 17.86
N SER B 190 4.13 -11.14 17.89
CA SER B 190 4.38 -12.37 17.15
C SER B 190 5.57 -13.04 17.82
N GLY B 191 5.31 -13.69 18.97
CA GLY B 191 6.35 -13.87 19.97
C GLY B 191 7.50 -14.76 19.53
N LYS B 192 7.22 -15.76 18.69
CA LYS B 192 8.31 -16.64 18.26
C LYS B 192 9.11 -16.04 17.11
N LEU B 193 8.43 -15.35 16.18
CA LEU B 193 9.05 -14.81 14.97
C LEU B 193 8.84 -13.30 14.96
N TRP B 194 9.79 -12.58 15.55
CA TRP B 194 9.60 -11.16 15.82
C TRP B 194 9.36 -10.34 14.55
N ARG B 195 10.07 -10.65 13.45
CA ARG B 195 9.89 -9.83 12.25
C ARG B 195 8.49 -9.99 11.66
N ASP B 196 7.84 -11.14 11.88
CA ASP B 196 6.49 -11.34 11.32
C ASP B 196 5.44 -10.50 12.02
N GLY B 197 5.75 -9.90 13.16
CA GLY B 197 4.80 -9.03 13.80
C GLY B 197 4.83 -7.61 13.32
N ARG B 198 5.84 -7.26 12.52
CA ARG B 198 5.97 -5.87 12.09
C ARG B 198 4.97 -5.58 10.97
N GLY B 199 4.59 -4.30 10.86
CA GLY B 199 3.53 -3.87 9.96
C GLY B 199 3.65 -4.37 8.54
N ALA B 200 2.68 -5.20 8.11
CA ALA B 200 2.79 -5.89 6.82
C ALA B 200 2.68 -4.94 5.64
N ALA B 201 2.01 -3.80 5.81
CA ALA B 201 1.77 -2.88 4.70
C ALA B 201 2.90 -1.87 4.53
N GLN B 202 3.83 -1.81 5.48
CA GLN B 202 4.95 -0.88 5.49
C GLN B 202 6.29 -1.51 5.10
N ASN B 203 6.47 -2.80 5.35
CA ASN B 203 7.79 -3.38 5.45
C ASN B 203 8.03 -4.48 4.42
N ILE B 204 9.27 -4.54 3.96
CA ILE B 204 9.87 -5.76 3.43
C ILE B 204 10.37 -6.55 4.63
N ILE B 205 9.87 -7.78 4.80
CA ILE B 205 10.15 -8.53 6.02
C ILE B 205 10.84 -9.86 5.71
N PRO B 206 12.11 -10.06 6.09
CA PRO B 206 12.73 -11.37 5.84
C PRO B 206 12.07 -12.42 6.70
N ALA B 207 12.03 -13.64 6.17
CA ALA B 207 11.33 -14.73 6.84
C ALA B 207 11.94 -16.04 6.38
N SER B 208 11.77 -17.04 7.21
CA SER B 208 12.29 -18.37 6.88
C SER B 208 11.26 -19.10 6.03
N THR B 209 11.77 -20.01 5.20
CA THR B 209 10.92 -20.89 4.40
C THR B 209 11.64 -22.23 4.31
N GLY B 210 10.93 -23.30 4.59
CA GLY B 210 11.47 -24.63 4.38
C GLY B 210 11.27 -25.14 2.98
N ALA B 211 10.72 -24.31 2.09
CA ALA B 211 10.25 -24.79 0.79
C ALA B 211 11.38 -25.37 -0.02
N ALA B 212 12.54 -24.71 0.01
CA ALA B 212 13.67 -25.18 -0.79
C ALA B 212 14.19 -26.51 -0.28
N LYS B 213 14.32 -26.66 1.04
CA LYS B 213 14.72 -27.96 1.58
C LYS B 213 13.65 -29.02 1.29
N ALA B 214 12.39 -28.66 1.47
CA ALA B 214 11.29 -29.59 1.18
C ALA B 214 11.30 -30.07 -0.25
N VAL B 215 11.87 -29.29 -1.17
CA VAL B 215 12.05 -29.76 -2.54
C VAL B 215 12.99 -30.95 -2.56
N GLY B 216 13.90 -31.05 -1.58
CA GLY B 216 14.74 -32.23 -1.46
C GLY B 216 13.99 -33.46 -1.02
N LYS B 217 12.75 -33.30 -0.54
CA LYS B 217 11.89 -34.42 -0.17
C LYS B 217 11.01 -34.87 -1.34
N VAL B 218 10.55 -33.94 -2.16
CA VAL B 218 9.77 -34.34 -3.34
C VAL B 218 10.68 -34.69 -4.51
N ILE B 219 11.91 -34.19 -4.52
CA ILE B 219 12.93 -34.66 -5.46
C ILE B 219 14.11 -35.14 -4.63
N PRO B 220 14.18 -36.42 -4.26
CA PRO B 220 15.26 -36.88 -3.37
C PRO B 220 16.69 -36.60 -3.86
N GLU B 221 16.97 -36.58 -5.18
CA GLU B 221 18.35 -36.28 -5.57
C GLU B 221 18.74 -34.84 -5.34
N LEU B 222 17.81 -33.97 -4.94
CA LEU B 222 18.14 -32.59 -4.60
C LEU B 222 18.26 -32.37 -3.10
N ASN B 223 18.02 -33.41 -2.30
CA ASN B 223 18.22 -33.34 -0.86
C ASN B 223 19.63 -32.82 -0.52
N GLY B 224 19.69 -31.79 0.33
CA GLY B 224 20.93 -31.18 0.70
C GLY B 224 21.50 -30.22 -0.32
N LYS B 225 20.85 -30.05 -1.48
CA LYS B 225 21.41 -29.23 -2.54
C LYS B 225 20.68 -27.90 -2.71
N LEU B 226 19.54 -27.72 -2.04
CA LEU B 226 18.75 -26.50 -2.11
C LEU B 226 18.38 -26.05 -0.71
N THR B 227 18.48 -24.75 -0.47
CA THR B 227 17.81 -24.11 0.66
C THR B 227 17.50 -22.68 0.23
N GLY B 228 16.83 -21.93 1.10
CA GLY B 228 16.43 -20.58 0.71
C GLY B 228 15.80 -19.80 1.86
N MET B 229 15.25 -18.64 1.50
CA MET B 229 14.61 -17.77 2.49
C MET B 229 13.57 -16.91 1.76
N ALA B 230 12.89 -16.03 2.49
CA ALA B 230 11.78 -15.31 1.90
C ALA B 230 11.80 -13.84 2.31
N PHE B 231 11.15 -13.02 1.48
CA PHE B 231 10.84 -11.64 1.81
C PHE B 231 9.34 -11.45 1.68
N ARG B 232 8.68 -11.03 2.77
CA ARG B 232 7.29 -10.60 2.66
C ARG B 232 7.24 -9.13 2.26
N VAL B 233 6.43 -8.82 1.25
CA VAL B 233 6.32 -7.46 0.73
C VAL B 233 4.83 -7.09 0.66
N PRO B 234 4.53 -5.74 0.63
CA PRO B 234 3.09 -5.35 0.76
C PRO B 234 2.30 -5.47 -0.53
N THR B 235 2.02 -6.70 -0.94
CA THR B 235 1.05 -7.00 -1.98
C THR B 235 0.09 -8.05 -1.43
N PRO B 236 -1.18 -8.02 -1.84
CA PRO B 236 -2.16 -8.92 -1.22
C PRO B 236 -2.16 -10.32 -1.80
N ASN B 237 -1.56 -10.52 -2.97
CA ASN B 237 -1.51 -11.86 -3.55
C ASN B 237 -0.51 -11.86 -4.69
N VAL B 238 -0.06 -13.08 -5.03
CA VAL B 238 0.89 -13.42 -6.10
C VAL B 238 2.33 -13.22 -5.62
N SER B 239 3.12 -14.28 -5.75
CA SER B 239 4.48 -14.36 -5.22
C SER B 239 5.39 -14.83 -6.35
N VAL B 240 6.69 -14.76 -6.12
CA VAL B 240 7.64 -15.12 -7.17
C VAL B 240 8.87 -15.81 -6.58
N VAL B 241 9.31 -16.87 -7.25
CA VAL B 241 10.49 -17.63 -6.86
C VAL B 241 11.67 -17.12 -7.66
N ASP B 242 12.81 -16.95 -6.98
CA ASP B 242 14.05 -16.49 -7.58
C ASP B 242 15.07 -17.57 -7.18
N LEU B 243 15.44 -18.39 -8.15
CA LEU B 243 16.28 -19.56 -7.93
C LEU B 243 17.63 -19.30 -8.57
N THR B 244 18.68 -19.16 -7.74
CA THR B 244 20.05 -19.05 -8.20
C THR B 244 20.71 -20.41 -8.05
N CYS B 245 21.12 -21.01 -9.16
CA CYS B 245 21.62 -22.37 -9.10
C CYS B 245 22.78 -22.54 -10.05
N ARG B 246 23.68 -23.45 -9.67
CA ARG B 246 24.85 -23.81 -10.45
C ARG B 246 24.59 -25.15 -11.11
N LEU B 247 24.93 -25.24 -12.39
CA LEU B 247 24.58 -26.39 -13.22
C LEU B 247 25.77 -27.29 -13.49
N GLU B 248 25.45 -28.57 -13.67
CA GLU B 248 26.42 -29.59 -14.01
C GLU B 248 26.76 -29.53 -15.50
N LYS B 249 25.79 -29.59 -16.30
CA LYS B 249 26.05 -29.48 -17.72
C LYS B 249 25.82 -28.05 -18.17
N PRO B 250 26.67 -27.54 -19.06
CA PRO B 250 26.54 -26.14 -19.46
C PRO B 250 25.23 -25.96 -20.20
N ALA B 251 24.65 -24.77 -20.07
CA ALA B 251 23.33 -24.50 -20.64
C ALA B 251 23.30 -23.02 -21.01
N LYS B 252 23.31 -22.72 -22.31
CA LYS B 252 22.97 -21.38 -22.75
C LYS B 252 21.56 -21.05 -22.30
N TYR B 253 21.30 -19.77 -22.03
CA TYR B 253 19.99 -19.39 -21.54
C TYR B 253 18.88 -19.78 -22.52
N ASP B 254 19.16 -19.77 -23.83
CA ASP B 254 18.12 -20.13 -24.80
C ASP B 254 17.74 -21.60 -24.73
N ASP B 255 18.65 -22.47 -24.27
CA ASP B 255 18.29 -23.88 -24.09
C ASP B 255 17.47 -24.09 -22.83
N ILE B 256 17.77 -23.33 -21.79
CA ILE B 256 16.94 -23.33 -20.58
C ILE B 256 15.51 -22.97 -20.94
N LYS B 257 15.34 -21.85 -21.65
CA LYS B 257 14.02 -21.43 -22.11
C LYS B 257 13.38 -22.52 -22.96
N LYS B 258 14.12 -23.06 -23.92
CA LYS B 258 13.59 -24.08 -24.82
C LYS B 258 13.12 -25.29 -24.01
N VAL B 259 13.96 -25.75 -23.10
CA VAL B 259 13.60 -26.92 -22.31
C VAL B 259 12.41 -26.64 -21.39
N VAL B 260 12.41 -25.47 -20.73
CA VAL B 260 11.28 -25.14 -19.86
C VAL B 260 9.99 -25.01 -20.67
N LYS B 261 10.08 -24.42 -21.87
CA LYS B 261 8.90 -24.26 -22.71
C LYS B 261 8.33 -25.60 -23.14
N GLN B 262 9.20 -26.56 -23.47
CA GLN B 262 8.73 -27.89 -23.85
C GLN B 262 8.00 -28.55 -22.69
N ALA B 263 8.55 -28.45 -21.48
CA ALA B 263 7.90 -29.07 -20.34
C ALA B 263 6.52 -28.48 -20.09
N SER B 264 6.37 -27.15 -20.28
CA SER B 264 5.07 -26.52 -20.05
C SER B 264 4.04 -26.96 -21.07
N GLU B 265 4.47 -27.43 -22.24
CA GLU B 265 3.54 -27.91 -23.25
C GLU B 265 3.30 -29.41 -23.13
N GLY B 266 4.10 -30.12 -22.36
CA GLY B 266 4.01 -31.55 -22.27
C GLY B 266 3.38 -32.03 -20.97
N PRO B 267 4.11 -32.85 -20.23
CA PRO B 267 3.53 -33.49 -19.04
C PRO B 267 3.23 -32.52 -17.91
N LEU B 268 3.94 -31.39 -17.84
CA LEU B 268 3.67 -30.38 -16.83
C LEU B 268 2.69 -29.31 -17.30
N LYS B 269 1.97 -29.56 -18.39
CA LYS B 269 0.94 -28.65 -18.87
C LYS B 269 -0.07 -28.36 -17.77
N GLY B 270 -0.41 -27.09 -17.58
CA GLY B 270 -1.28 -26.65 -16.52
C GLY B 270 -0.64 -26.50 -15.16
N ILE B 271 0.53 -27.09 -14.96
CA ILE B 271 1.26 -27.03 -13.70
C ILE B 271 2.42 -26.04 -13.81
N LEU B 272 3.32 -26.27 -14.75
CA LEU B 272 4.40 -25.36 -15.09
C LEU B 272 4.00 -24.57 -16.34
N GLY B 273 3.99 -23.23 -16.24
CA GLY B 273 3.74 -22.37 -17.37
C GLY B 273 5.05 -21.75 -17.90
N TYR B 274 4.93 -21.10 -19.06
CA TYR B 274 6.06 -20.43 -19.70
C TYR B 274 5.58 -19.11 -20.33
N THR B 275 6.33 -18.03 -20.13
CA THR B 275 5.98 -16.78 -20.79
C THR B 275 7.25 -16.01 -21.09
N GLU B 276 7.21 -15.24 -22.19
CA GLU B 276 8.21 -14.22 -22.52
C GLU B 276 7.64 -12.80 -22.49
N ASP B 277 6.40 -12.64 -22.05
CA ASP B 277 5.77 -11.32 -22.00
C ASP B 277 6.33 -10.50 -20.83
N GLN B 278 6.09 -9.20 -20.89
CA GLN B 278 6.56 -8.24 -19.88
C GLN B 278 5.60 -8.23 -18.68
N VAL B 279 5.52 -9.39 -18.03
CA VAL B 279 4.49 -9.60 -17.01
C VAL B 279 4.93 -9.00 -15.68
N VAL B 280 3.93 -8.65 -14.86
CA VAL B 280 4.13 -8.27 -13.46
C VAL B 280 3.20 -9.12 -12.60
N SER B 281 3.39 -9.06 -11.28
CA SER B 281 2.71 -10.00 -10.38
C SER B 281 1.20 -10.04 -10.60
N CYS B 282 0.55 -8.87 -10.71
CA CYS B 282 -0.90 -8.89 -10.93
C CYS B 282 -1.30 -9.67 -12.18
N ASP B 283 -0.41 -9.80 -13.17
CA ASP B 283 -0.78 -10.61 -14.33
C ASP B 283 -1.03 -12.08 -13.99
N PHE B 284 -0.70 -12.52 -12.78
CA PHE B 284 -0.93 -13.91 -12.39
C PHE B 284 -2.00 -14.03 -11.33
N ASN B 285 -2.71 -12.95 -11.04
CA ASN B 285 -3.80 -13.04 -10.08
C ASN B 285 -4.90 -13.94 -10.63
N SER B 286 -5.26 -14.97 -9.86
CA SER B 286 -6.27 -15.97 -10.24
C SER B 286 -5.78 -16.89 -11.37
N ASN B 287 -4.47 -17.01 -11.53
CA ASN B 287 -3.88 -17.99 -12.42
C ASN B 287 -3.69 -19.30 -11.66
N SER B 288 -4.12 -20.43 -12.24
CA SER B 288 -4.13 -21.69 -11.52
C SER B 288 -2.84 -22.49 -11.67
N HIS B 289 -1.84 -21.97 -12.38
CA HIS B 289 -0.58 -22.70 -12.49
C HIS B 289 0.11 -22.78 -11.14
N SER B 290 0.89 -23.87 -10.96
CA SER B 290 1.78 -23.96 -9.81
C SER B 290 2.96 -23.00 -9.94
N SER B 291 3.36 -22.69 -11.17
CA SER B 291 4.64 -22.08 -11.44
C SER B 291 4.69 -21.64 -12.91
N THR B 292 4.99 -20.35 -13.18
CA THR B 292 5.15 -19.85 -14.54
C THR B 292 6.54 -19.23 -14.71
N PHE B 293 7.37 -19.90 -15.53
CA PHE B 293 8.72 -19.41 -15.79
C PHE B 293 8.67 -18.08 -16.55
N ASP B 294 9.44 -17.11 -16.08
CA ASP B 294 9.45 -15.76 -16.65
C ASP B 294 10.77 -15.62 -17.42
N ALA B 295 10.71 -15.90 -18.73
CA ALA B 295 11.92 -15.93 -19.53
C ALA B 295 12.68 -14.61 -19.46
N GLY B 296 11.98 -13.49 -19.70
CA GLY B 296 12.66 -12.20 -19.77
C GLY B 296 13.22 -11.70 -18.44
N ALA B 297 12.73 -12.20 -17.30
CA ALA B 297 13.23 -11.67 -16.02
C ALA B 297 14.48 -12.38 -15.54
N GLY B 298 14.71 -13.62 -15.96
CA GLY B 298 15.88 -14.35 -15.53
C GLY B 298 17.15 -13.79 -16.16
N ILE B 299 18.29 -14.31 -15.69
CA ILE B 299 19.57 -13.80 -16.16
C ILE B 299 20.63 -14.84 -15.85
N ALA B 300 21.47 -15.12 -16.85
CA ALA B 300 22.60 -16.02 -16.71
C ALA B 300 23.87 -15.22 -16.47
N LEU B 301 24.69 -15.68 -15.53
CA LEU B 301 26.03 -15.13 -15.43
C LEU B 301 26.94 -15.80 -16.45
N ASN B 302 26.87 -17.13 -16.50
CA ASN B 302 27.57 -17.93 -17.48
C ASN B 302 26.72 -19.18 -17.73
N ASP B 303 27.31 -20.15 -18.42
CA ASP B 303 26.58 -21.35 -18.80
C ASP B 303 26.30 -22.31 -17.65
N ASN B 304 26.93 -22.11 -16.50
CA ASN B 304 26.75 -22.99 -15.34
C ASN B 304 26.19 -22.26 -14.13
N PHE B 305 25.80 -21.00 -14.29
CA PHE B 305 25.40 -20.21 -13.13
C PHE B 305 24.34 -19.22 -13.59
N VAL B 306 23.10 -19.39 -13.09
CA VAL B 306 21.93 -18.71 -13.64
C VAL B 306 20.95 -18.36 -12.53
N LYS B 307 20.14 -17.34 -12.80
CA LYS B 307 19.05 -16.91 -11.92
C LYS B 307 17.76 -17.04 -12.70
N LEU B 308 16.86 -17.89 -12.22
CA LEU B 308 15.61 -18.19 -12.89
C LEU B 308 14.42 -17.71 -12.07
N ILE B 309 13.42 -17.18 -12.77
CA ILE B 309 12.32 -16.48 -12.13
C ILE B 309 11.03 -17.20 -12.47
N SER B 310 10.22 -17.50 -11.45
CA SER B 310 8.95 -18.19 -11.69
C SER B 310 7.86 -17.65 -10.76
N TRP B 311 6.72 -17.30 -11.35
CA TRP B 311 5.60 -16.69 -10.66
C TRP B 311 4.60 -17.74 -10.19
N TYR B 312 3.93 -17.42 -9.09
CA TYR B 312 2.84 -18.27 -8.61
C TYR B 312 1.82 -17.44 -7.86
N ASP B 313 0.56 -17.62 -8.23
CA ASP B 313 -0.56 -17.19 -7.41
C ASP B 313 -0.60 -18.13 -6.21
N ASN B 314 -0.05 -17.66 -5.08
CA ASN B 314 0.07 -18.51 -3.90
C ASN B 314 -1.28 -18.95 -3.33
N GLU B 315 -2.35 -18.21 -3.59
CA GLU B 315 -3.65 -18.65 -3.09
C GLU B 315 -4.34 -19.63 -4.04
N TYR B 316 -4.49 -19.25 -5.30
CA TYR B 316 -5.36 -19.98 -6.22
C TYR B 316 -4.64 -21.14 -6.92
N GLY B 317 -3.37 -20.97 -7.26
CA GLY B 317 -2.64 -22.07 -7.87
C GLY B 317 -2.53 -23.24 -6.92
N TYR B 318 -2.16 -22.94 -5.66
CA TYR B 318 -2.07 -23.99 -4.64
C TYR B 318 -3.43 -24.65 -4.42
N SER B 319 -4.50 -23.86 -4.39
CA SER B 319 -5.83 -24.42 -4.13
C SER B 319 -6.22 -25.41 -5.21
N ASN B 320 -5.87 -25.11 -6.46
CA ASN B 320 -6.20 -26.02 -7.56
C ASN B 320 -5.39 -27.31 -7.47
N ARG B 321 -4.15 -27.22 -7.00
CA ARG B 321 -3.35 -28.42 -6.79
C ARG B 321 -3.93 -29.28 -5.70
N VAL B 322 -4.50 -28.68 -4.64
CA VAL B 322 -5.17 -29.48 -3.61
C VAL B 322 -6.27 -30.32 -4.25
N VAL B 323 -7.05 -29.70 -5.14
CA VAL B 323 -8.11 -30.42 -5.84
C VAL B 323 -7.54 -31.51 -6.74
N ASP B 324 -6.48 -31.18 -7.50
CA ASP B 324 -5.87 -32.16 -8.41
C ASP B 324 -5.32 -33.36 -7.65
N LEU B 325 -4.67 -33.11 -6.52
CA LEU B 325 -4.13 -34.21 -5.71
C LEU B 325 -5.25 -35.14 -5.28
N MET B 326 -6.34 -34.58 -4.76
CA MET B 326 -7.44 -35.40 -4.28
C MET B 326 -8.06 -36.20 -5.41
N ALA B 327 -8.19 -35.60 -6.59
CA ALA B 327 -8.72 -36.30 -7.75
C ALA B 327 -7.79 -37.43 -8.17
N TYR B 328 -6.49 -37.19 -8.14
CA TYR B 328 -5.53 -38.24 -8.42
C TYR B 328 -5.67 -39.38 -7.42
N MET B 329 -5.67 -39.05 -6.12
CA MET B 329 -5.86 -40.06 -5.09
C MET B 329 -7.13 -40.88 -5.31
N ALA B 330 -8.24 -40.21 -5.60
CA ALA B 330 -9.48 -40.95 -5.80
C ALA B 330 -9.39 -41.88 -7.01
N SER B 331 -8.68 -41.47 -8.06
CA SER B 331 -8.50 -42.36 -9.21
C SER B 331 -7.64 -43.57 -8.88
N LYS B 332 -6.86 -43.51 -7.80
CA LYS B 332 -6.00 -44.61 -7.43
C LYS B 332 -6.67 -45.65 -6.53
N GLU B 333 -7.84 -45.33 -5.97
CA GLU B 333 -8.53 -46.22 -5.02
C GLU B 333 -8.86 -47.58 -5.65
N MET C 1 34.89 24.49 3.45
CA MET C 1 34.13 23.45 2.75
C MET C 1 33.79 23.88 1.33
N VAL C 2 33.60 22.89 0.45
CA VAL C 2 33.34 23.18 -0.94
C VAL C 2 31.91 23.72 -1.08
N LYS C 3 31.72 24.64 -2.03
CA LYS C 3 30.39 25.15 -2.32
C LYS C 3 29.79 24.41 -3.51
N VAL C 4 28.49 24.10 -3.39
CA VAL C 4 27.82 23.13 -4.22
C VAL C 4 26.58 23.74 -4.84
N GLY C 5 26.37 23.42 -6.11
CA GLY C 5 25.09 23.62 -6.77
C GLY C 5 24.42 22.27 -6.93
N VAL C 6 23.11 22.25 -6.76
CA VAL C 6 22.30 21.06 -6.98
C VAL C 6 21.44 21.30 -8.22
N ASN C 7 21.60 20.44 -9.23
CA ASN C 7 20.77 20.49 -10.41
C ASN C 7 19.73 19.37 -10.29
N GLY C 8 18.48 19.76 -10.08
CA GLY C 8 17.43 18.79 -9.87
C GLY C 8 17.13 18.63 -8.40
N PHE C 9 16.10 19.34 -7.93
CA PHE C 9 15.67 19.37 -6.54
C PHE C 9 14.62 18.29 -6.25
N GLY C 10 14.91 17.07 -6.67
CA GLY C 10 14.05 15.92 -6.45
C GLY C 10 14.37 15.20 -5.17
N ARG C 11 14.04 13.90 -5.14
CA ARG C 11 14.32 13.09 -3.96
C ARG C 11 15.80 13.16 -3.58
N ILE C 12 16.71 13.02 -4.56
CA ILE C 12 18.13 13.02 -4.23
C ILE C 12 18.66 14.45 -4.06
N GLY C 13 18.24 15.38 -4.92
CA GLY C 13 18.65 16.76 -4.74
C GLY C 13 18.28 17.31 -3.37
N ARG C 14 17.04 17.11 -2.93
CA ARG C 14 16.64 17.67 -1.64
C ARG C 14 17.34 16.96 -0.49
N LEU C 15 17.51 15.64 -0.59
CA LEU C 15 18.16 14.92 0.51
C LEU C 15 19.66 15.14 0.55
N VAL C 16 20.32 15.31 -0.60
CA VAL C 16 21.69 15.80 -0.59
C VAL C 16 21.75 17.13 0.15
N THR C 17 20.76 18.01 -0.09
CA THR C 17 20.73 19.31 0.56
C THR C 17 20.54 19.18 2.07
N ARG C 18 19.65 18.28 2.50
CA ARG C 18 19.53 17.97 3.92
C ARG C 18 20.85 17.50 4.51
N ALA C 19 21.43 16.45 3.92
CA ALA C 19 22.64 15.86 4.50
C ALA C 19 23.77 16.88 4.55
N ALA C 20 23.85 17.74 3.53
CA ALA C 20 24.89 18.76 3.52
C ALA C 20 24.67 19.77 4.63
N ILE C 21 23.42 20.20 4.82
CA ILE C 21 23.14 21.29 5.74
C ILE C 21 23.36 20.84 7.19
N CYS C 22 22.68 19.78 7.60
CA CYS C 22 22.88 19.33 8.98
C CYS C 22 23.95 18.26 9.07
N SER C 23 25.12 18.53 8.50
CA SER C 23 26.32 17.73 8.75
C SER C 23 27.56 18.51 8.34
N GLY C 24 27.36 19.72 7.80
CA GLY C 24 28.42 20.67 7.58
C GLY C 24 29.63 20.22 6.78
N LYS C 25 29.49 19.17 5.96
CA LYS C 25 30.64 18.73 5.18
C LYS C 25 30.82 19.57 3.92
N VAL C 26 29.71 20.00 3.29
CA VAL C 26 29.75 20.91 2.16
C VAL C 26 28.65 21.94 2.38
N GLU C 27 28.66 22.96 1.52
CA GLU C 27 27.72 24.09 1.62
C GLU C 27 26.97 24.22 0.30
N ILE C 28 25.66 23.95 0.34
CA ILE C 28 24.81 24.23 -0.81
C ILE C 28 24.70 25.74 -0.97
N VAL C 29 25.09 26.25 -2.14
CA VAL C 29 24.96 27.67 -2.44
C VAL C 29 24.03 27.95 -3.61
N ALA C 30 23.61 26.95 -4.38
CA ALA C 30 22.74 27.21 -5.52
C ALA C 30 21.95 25.96 -5.86
N ILE C 31 20.76 26.18 -6.43
CA ILE C 31 19.87 25.11 -6.87
C ILE C 31 19.24 25.52 -8.18
N ASN C 32 19.21 24.60 -9.14
CA ASN C 32 18.50 24.80 -10.38
C ASN C 32 17.46 23.70 -10.55
N ASP C 33 16.21 24.09 -10.80
CA ASP C 33 15.15 23.14 -11.14
C ASP C 33 14.01 23.94 -11.78
N PRO C 34 13.80 23.81 -13.09
CA PRO C 34 12.81 24.64 -13.78
C PRO C 34 11.37 24.22 -13.55
N PHE C 35 11.13 23.13 -12.84
CA PHE C 35 9.79 22.68 -12.50
C PHE C 35 9.43 22.95 -11.04
N ILE C 36 10.30 23.59 -10.29
CA ILE C 36 10.04 23.95 -8.91
C ILE C 36 10.47 25.41 -8.73
N ASP C 37 9.52 26.33 -8.70
CA ASP C 37 9.90 27.70 -8.43
C ASP C 37 10.24 27.87 -6.93
N LEU C 38 10.83 29.03 -6.63
CA LEU C 38 11.34 29.31 -5.28
C LEU C 38 10.32 28.97 -4.19
N ASN C 39 9.08 29.48 -4.29
CA ASN C 39 8.16 29.28 -3.18
C ASN C 39 7.76 27.82 -3.06
N TYR C 40 7.71 27.13 -4.18
CA TYR C 40 7.45 25.70 -4.20
C TYR C 40 8.63 24.92 -3.61
N MET C 41 9.86 25.42 -3.79
CA MET C 41 11.03 24.79 -3.16
C MET C 41 10.92 24.83 -1.64
N VAL C 42 10.49 25.97 -1.07
CA VAL C 42 10.27 26.07 0.36
C VAL C 42 9.41 24.90 0.83
N TYR C 43 8.28 24.70 0.17
CA TYR C 43 7.32 23.67 0.57
C TYR C 43 7.88 22.27 0.35
N MET C 44 8.54 22.05 -0.79
CA MET C 44 9.03 20.69 -1.06
C MET C 44 10.17 20.32 -0.12
N PHE C 45 10.99 21.29 0.27
CA PHE C 45 12.06 21.01 1.21
C PHE C 45 11.54 20.87 2.63
N GLN C 46 10.60 21.74 2.99
CA GLN C 46 9.99 21.72 4.31
C GLN C 46 9.40 20.34 4.64
N TYR C 47 8.54 19.82 3.78
CA TYR C 47 7.81 18.62 4.12
C TYR C 47 8.29 17.44 3.29
N ASP C 48 8.35 16.28 3.93
CA ASP C 48 8.79 15.06 3.29
C ASP C 48 7.98 13.91 3.84
N SER C 49 7.20 13.24 2.96
CA SER C 49 6.37 12.13 3.39
C SER C 49 7.20 11.01 3.99
N THR C 50 8.42 10.80 3.50
CA THR C 50 9.24 9.67 3.90
C THR C 50 10.13 9.96 5.11
N HIS C 51 10.79 11.12 5.13
CA HIS C 51 11.81 11.42 6.13
C HIS C 51 11.36 12.46 7.16
N GLY C 52 10.13 12.93 7.07
CA GLY C 52 9.61 13.84 8.07
C GLY C 52 9.91 15.30 7.76
N LYS C 53 9.25 16.17 8.51
CA LYS C 53 9.42 17.61 8.36
C LYS C 53 10.89 18.00 8.53
N PHE C 54 11.36 18.93 7.72
CA PHE C 54 12.69 19.46 7.93
C PHE C 54 12.79 20.05 9.34
N ASN C 55 13.87 19.71 10.03
CA ASN C 55 14.13 20.22 11.38
C ASN C 55 15.05 21.43 11.25
N GLY C 56 14.45 22.59 11.18
CA GLY C 56 15.16 23.81 10.86
C GLY C 56 14.21 24.77 10.17
N THR C 57 14.77 25.90 9.74
CA THR C 57 14.01 26.93 9.06
C THR C 57 14.26 26.88 7.55
N VAL C 58 13.22 27.19 6.80
CA VAL C 58 13.34 27.36 5.36
C VAL C 58 12.30 28.37 4.92
N LYS C 59 12.76 29.41 4.23
CA LYS C 59 11.85 30.45 3.80
C LYS C 59 12.37 31.02 2.48
N ALA C 60 11.51 31.79 1.83
CA ALA C 60 11.87 32.55 0.64
C ALA C 60 12.09 34.01 1.04
N GLU C 61 13.26 34.56 0.70
CA GLU C 61 13.57 35.96 0.97
C GLU C 61 14.41 36.52 -0.17
N ASN C 62 14.02 37.71 -0.65
CA ASN C 62 14.74 38.42 -1.70
C ASN C 62 15.10 37.51 -2.86
N GLY C 63 14.17 36.63 -3.23
CA GLY C 63 14.39 35.74 -4.35
C GLY C 63 15.36 34.62 -4.10
N LYS C 64 15.72 34.34 -2.85
CA LYS C 64 16.62 33.22 -2.59
C LYS C 64 15.97 32.27 -1.60
N LEU C 65 16.44 31.04 -1.63
CA LEU C 65 15.98 30.04 -0.67
C LEU C 65 16.93 30.07 0.52
N VAL C 66 16.38 30.26 1.72
CA VAL C 66 17.16 30.48 2.93
C VAL C 66 16.87 29.34 3.88
N ILE C 67 17.87 28.50 4.10
CA ILE C 67 17.76 27.30 4.94
C ILE C 67 18.71 27.47 6.13
N ASN C 68 18.14 27.49 7.33
CA ASN C 68 18.91 27.74 8.54
C ASN C 68 19.73 29.02 8.41
N GLY C 69 19.09 30.06 7.87
CA GLY C 69 19.68 31.37 7.77
C GLY C 69 20.62 31.57 6.61
N LYS C 70 20.86 30.54 5.80
CA LYS C 70 21.87 30.64 4.75
C LYS C 70 21.22 30.68 3.38
N PRO C 71 21.43 31.76 2.62
CA PRO C 71 20.71 31.94 1.37
C PRO C 71 21.32 31.14 0.23
N ILE C 72 20.42 30.66 -0.64
CA ILE C 72 20.78 29.79 -1.74
C ILE C 72 20.21 30.40 -3.01
N THR C 73 21.07 30.61 -4.01
CA THR C 73 20.63 31.18 -5.28
C THR C 73 19.86 30.13 -6.08
N ILE C 74 18.72 30.55 -6.63
CA ILE C 74 17.76 29.67 -7.28
C ILE C 74 17.70 29.97 -8.77
N PHE C 75 17.92 28.96 -9.58
CA PHE C 75 17.83 29.10 -11.03
C PHE C 75 16.66 28.26 -11.55
N GLN C 76 16.23 28.57 -12.78
CA GLN C 76 15.08 27.93 -13.40
C GLN C 76 15.40 27.55 -14.86
N GLU C 77 16.57 26.96 -15.10
CA GLU C 77 17.05 26.69 -16.46
C GLU C 77 16.83 25.22 -16.82
N ARG C 78 16.07 24.97 -17.89
CA ARG C 78 15.93 23.59 -18.40
C ARG C 78 17.23 23.06 -19.01
N ASP C 79 18.06 23.95 -19.56
CA ASP C 79 19.31 23.55 -20.18
C ASP C 79 20.47 23.87 -19.26
N PRO C 80 21.21 22.88 -18.81
CA PRO C 80 22.31 23.12 -17.89
C PRO C 80 23.33 24.13 -18.35
N THR C 81 23.53 24.30 -19.65
CA THR C 81 24.49 25.26 -20.14
C THR C 81 24.17 26.68 -19.73
N ASN C 82 22.91 26.98 -19.51
CA ASN C 82 22.53 28.32 -19.13
C ASN C 82 22.61 28.63 -17.62
N ILE C 83 23.02 27.67 -16.81
CA ILE C 83 23.10 27.92 -15.37
C ILE C 83 24.37 28.70 -15.06
N LYS C 84 24.22 29.82 -14.36
CA LYS C 84 25.35 30.65 -14.00
C LYS C 84 25.96 30.19 -12.66
N TRP C 85 26.45 28.96 -12.66
CA TRP C 85 27.05 28.36 -11.46
C TRP C 85 28.17 29.23 -10.92
N GLY C 86 29.13 29.59 -11.78
CA GLY C 86 30.27 30.36 -11.32
C GLY C 86 29.87 31.64 -10.62
N GLU C 87 28.92 32.37 -11.22
CA GLU C 87 28.49 33.64 -10.64
C GLU C 87 27.79 33.45 -9.29
N ALA C 88 27.25 32.27 -9.04
CA ALA C 88 26.70 31.92 -7.75
C ALA C 88 27.74 31.35 -6.79
N GLY C 89 28.95 31.08 -7.28
CA GLY C 89 29.97 30.49 -6.44
C GLY C 89 29.84 29.01 -6.19
N ALA C 90 29.06 28.27 -6.99
CA ALA C 90 29.01 26.82 -6.90
C ALA C 90 30.26 26.22 -7.54
N GLU C 91 31.15 25.65 -6.72
CA GLU C 91 32.36 25.03 -7.26
C GLU C 91 32.04 23.65 -7.85
N TYR C 92 31.34 22.81 -7.11
CA TYR C 92 30.89 21.52 -7.63
C TYR C 92 29.39 21.55 -7.86
N VAL C 93 28.91 20.72 -8.80
CA VAL C 93 27.48 20.62 -9.12
C VAL C 93 27.06 19.17 -9.01
N VAL C 94 25.99 18.92 -8.26
CA VAL C 94 25.38 17.60 -8.16
C VAL C 94 24.36 17.48 -9.28
N GLU C 95 24.62 16.57 -10.22
CA GLU C 95 23.75 16.36 -11.37
C GLU C 95 22.76 15.25 -11.02
N SER C 96 21.60 15.66 -10.51
CA SER C 96 20.58 14.74 -9.98
C SER C 96 19.23 14.95 -10.65
N THR C 97 19.23 15.34 -11.93
CA THR C 97 17.99 15.37 -12.70
C THR C 97 17.60 13.99 -13.21
N GLY C 98 18.60 13.13 -13.48
CA GLY C 98 18.38 11.86 -14.11
C GLY C 98 18.37 11.88 -15.62
N VAL C 99 18.65 13.03 -16.25
CA VAL C 99 18.58 13.13 -17.70
C VAL C 99 19.87 13.73 -18.28
N PHE C 100 20.93 13.86 -17.47
CA PHE C 100 22.22 14.31 -17.96
C PHE C 100 23.36 13.44 -17.43
N THR C 101 23.32 12.12 -17.73
CA THR C 101 24.19 11.17 -17.05
C THR C 101 25.45 10.82 -17.86
N THR C 102 25.53 11.23 -19.12
CA THR C 102 26.74 11.03 -19.90
C THR C 102 27.71 12.19 -19.65
N MET C 103 28.97 11.98 -20.00
CA MET C 103 29.98 13.03 -19.90
C MET C 103 29.65 14.21 -20.79
N GLU C 104 29.17 13.94 -22.01
CA GLU C 104 28.76 15.03 -22.90
C GLU C 104 27.69 15.91 -22.25
N LYS C 105 26.67 15.29 -21.65
CA LYS C 105 25.55 16.06 -21.13
C LYS C 105 25.90 16.74 -19.80
N ALA C 106 26.48 15.97 -18.87
CA ALA C 106 26.84 16.53 -17.58
C ALA C 106 27.88 17.64 -17.72
N GLY C 107 28.71 17.59 -18.76
CA GLY C 107 29.71 18.62 -18.95
C GLY C 107 29.15 19.99 -19.24
N ALA C 108 27.84 20.08 -19.52
CA ALA C 108 27.22 21.38 -19.74
C ALA C 108 27.42 22.32 -18.56
N HIS C 109 27.54 21.78 -17.35
CA HIS C 109 27.67 22.60 -16.16
C HIS C 109 29.00 23.34 -16.10
N LEU C 110 30.05 22.78 -16.69
CA LEU C 110 31.34 23.47 -16.69
C LEU C 110 31.30 24.74 -17.54
N LYS C 111 30.35 24.83 -18.48
CA LYS C 111 30.24 26.04 -19.29
C LYS C 111 29.70 27.21 -18.48
N GLY C 112 28.82 26.94 -17.51
CA GLY C 112 28.42 27.98 -16.59
C GLY C 112 29.39 28.27 -15.47
N GLY C 113 30.62 27.75 -15.51
CA GLY C 113 31.62 28.07 -14.52
C GLY C 113 31.80 27.06 -13.39
N ALA C 114 30.99 26.01 -13.34
CA ALA C 114 31.25 24.93 -12.38
C ALA C 114 32.58 24.26 -12.69
N LYS C 115 33.26 23.84 -11.63
CA LYS C 115 34.59 23.24 -11.76
C LYS C 115 34.51 21.73 -11.90
N ARG C 116 33.63 21.07 -11.15
CA ARG C 116 33.46 19.63 -11.23
C ARG C 116 32.00 19.26 -11.11
N VAL C 117 31.67 18.08 -11.63
CA VAL C 117 30.30 17.62 -11.69
C VAL C 117 30.26 16.19 -11.16
N ILE C 118 29.32 15.92 -10.25
CA ILE C 118 29.11 14.61 -9.65
C ILE C 118 27.73 14.16 -10.07
N ILE C 119 27.66 13.18 -10.98
CA ILE C 119 26.38 12.65 -11.42
C ILE C 119 25.83 11.72 -10.36
N SER C 120 24.59 11.97 -9.91
CA SER C 120 23.97 11.15 -8.87
C SER C 120 23.41 9.84 -9.41
N ALA C 121 24.10 9.19 -10.36
CA ALA C 121 23.59 8.02 -11.04
C ALA C 121 24.74 7.34 -11.77
N PRO C 122 24.60 6.07 -12.11
CA PRO C 122 25.56 5.45 -13.02
C PRO C 122 25.65 6.25 -14.30
N SER C 123 26.79 6.14 -14.95
CA SER C 123 27.07 6.88 -16.17
C SER C 123 27.62 5.90 -17.19
N ALA C 124 27.22 6.09 -18.45
CA ALA C 124 27.74 5.21 -19.49
C ALA C 124 29.26 5.36 -19.66
N ASP C 125 29.80 6.56 -19.43
CA ASP C 125 31.22 6.82 -19.66
C ASP C 125 31.95 7.59 -18.55
N ALA C 126 31.27 8.30 -17.65
CA ALA C 126 31.96 8.98 -16.58
C ALA C 126 32.47 7.96 -15.56
N PRO C 127 33.65 8.20 -14.98
CA PRO C 127 34.19 7.24 -14.00
C PRO C 127 33.32 7.18 -12.76
N MET C 128 33.15 5.98 -12.23
CA MET C 128 32.23 5.70 -11.14
C MET C 128 33.01 5.41 -9.87
N PHE C 129 32.52 5.94 -8.74
CA PHE C 129 33.21 5.76 -7.47
C PHE C 129 32.21 5.39 -6.39
N VAL C 130 32.63 4.49 -5.49
CA VAL C 130 31.85 4.11 -4.32
C VAL C 130 32.70 4.36 -3.08
N MET C 131 32.21 5.21 -2.17
CA MET C 131 32.96 5.51 -0.97
C MET C 131 33.23 4.24 -0.18
N GLY C 132 34.49 4.08 0.24
CA GLY C 132 34.94 2.90 0.97
C GLY C 132 35.38 1.74 0.10
N VAL C 133 35.16 1.79 -1.21
CA VAL C 133 35.56 0.73 -2.12
C VAL C 133 36.64 1.19 -3.09
N ASN C 134 36.42 2.31 -3.79
CA ASN C 134 37.42 2.74 -4.76
C ASN C 134 37.60 4.25 -4.84
N HIS C 135 37.03 5.01 -3.90
CA HIS C 135 37.08 6.47 -4.02
C HIS C 135 38.52 7.00 -3.99
N GLU C 136 39.44 6.28 -3.35
CA GLU C 136 40.82 6.76 -3.38
C GLU C 136 41.48 6.59 -4.73
N LYS C 137 40.84 5.89 -5.67
CA LYS C 137 41.38 5.85 -7.02
C LYS C 137 41.01 7.08 -7.84
N TYR C 138 40.15 7.96 -7.30
CA TYR C 138 39.86 9.24 -7.94
C TYR C 138 41.13 10.09 -8.01
N ASP C 139 41.21 10.90 -9.07
CA ASP C 139 42.32 11.84 -9.20
C ASP C 139 41.80 13.15 -9.77
N ASN C 140 42.62 14.21 -9.60
CA ASN C 140 42.13 15.57 -9.77
C ASN C 140 41.97 15.99 -11.22
N SER C 141 42.34 15.14 -12.19
CA SER C 141 42.04 15.44 -13.60
C SER C 141 40.58 15.18 -13.95
N LEU C 142 39.85 14.44 -13.11
CA LEU C 142 38.47 14.06 -13.40
C LEU C 142 37.53 15.19 -13.00
N LYS C 143 37.04 15.93 -14.01
CA LYS C 143 36.08 16.99 -13.75
C LYS C 143 34.64 16.50 -13.76
N ILE C 144 34.39 15.30 -14.26
CA ILE C 144 33.06 14.74 -14.29
C ILE C 144 33.16 13.32 -13.76
N VAL C 145 32.41 13.01 -12.69
CA VAL C 145 32.47 11.71 -12.04
C VAL C 145 31.05 11.29 -11.70
N SER C 146 30.89 10.00 -11.44
CA SER C 146 29.61 9.41 -11.08
C SER C 146 29.71 8.75 -9.70
N ASN C 147 28.65 8.86 -8.91
CA ASN C 147 28.60 8.19 -7.62
C ASN C 147 27.86 6.86 -7.70
N ALA C 148 27.75 6.30 -8.91
CA ALA C 148 27.14 4.99 -9.15
C ALA C 148 25.68 5.04 -8.73
N SER C 149 25.10 3.91 -8.37
CA SER C 149 23.70 3.87 -7.98
C SER C 149 23.62 3.51 -6.51
N SER C 150 22.44 3.66 -5.93
CA SER C 150 22.32 3.24 -4.54
C SER C 150 22.49 1.73 -4.39
N THR C 151 22.04 0.94 -5.36
CA THR C 151 22.26 -0.51 -5.29
C THR C 151 23.75 -0.85 -5.42
N THR C 152 24.48 -0.21 -6.34
CA THR C 152 25.93 -0.44 -6.36
C THR C 152 26.56 -0.02 -5.03
N ASN C 153 26.06 1.06 -4.42
CA ASN C 153 26.64 1.52 -3.16
C ASN C 153 26.30 0.59 -1.99
N CYS C 154 25.25 -0.22 -2.11
CA CYS C 154 24.99 -1.25 -1.11
C CYS C 154 25.79 -2.53 -1.38
N LEU C 155 25.79 -3.00 -2.63
CA LEU C 155 26.42 -4.28 -2.94
C LEU C 155 27.95 -4.21 -2.85
N ALA C 156 28.55 -3.12 -3.32
CA ALA C 156 30.00 -3.15 -3.48
C ALA C 156 30.77 -3.24 -2.17
N PRO C 157 30.40 -2.49 -1.12
CA PRO C 157 31.16 -2.61 0.14
C PRO C 157 31.06 -4.01 0.73
N LEU C 158 29.87 -4.62 0.64
CA LEU C 158 29.72 -6.02 1.03
C LEU C 158 30.58 -6.94 0.17
N ALA C 159 30.49 -6.80 -1.15
CA ALA C 159 31.28 -7.64 -2.04
C ALA C 159 32.78 -7.47 -1.77
N LYS C 160 33.22 -6.24 -1.50
CA LYS C 160 34.63 -6.00 -1.18
C LYS C 160 35.07 -6.82 0.04
N VAL C 161 34.30 -6.74 1.13
CA VAL C 161 34.65 -7.49 2.34
C VAL C 161 34.68 -8.98 2.06
N ILE C 162 33.67 -9.48 1.37
CA ILE C 162 33.59 -10.91 1.09
C ILE C 162 34.74 -11.33 0.18
N HIS C 163 34.99 -10.56 -0.88
CA HIS C 163 36.01 -10.97 -1.82
C HIS C 163 37.41 -10.81 -1.22
N ASP C 164 37.65 -9.77 -0.41
CA ASP C 164 38.95 -9.61 0.23
C ASP C 164 39.28 -10.80 1.13
N ASN C 165 38.27 -11.35 1.81
CA ASN C 165 38.57 -12.41 2.77
C ASN C 165 38.46 -13.81 2.20
N PHE C 166 37.54 -14.07 1.26
CA PHE C 166 37.33 -15.44 0.80
C PHE C 166 37.35 -15.62 -0.70
N GLY C 167 37.36 -14.54 -1.48
CA GLY C 167 37.31 -14.64 -2.93
C GLY C 167 35.91 -14.99 -3.40
N ILE C 168 35.34 -14.13 -4.23
CA ILE C 168 34.05 -14.38 -4.88
C ILE C 168 34.34 -14.97 -6.25
N VAL C 169 34.11 -16.27 -6.40
CA VAL C 169 34.30 -16.93 -7.68
C VAL C 169 33.29 -16.43 -8.71
N GLU C 170 32.05 -16.35 -8.28
CA GLU C 170 30.95 -15.85 -9.09
C GLU C 170 29.78 -15.45 -8.19
N GLY C 171 28.95 -14.51 -8.61
CA GLY C 171 27.81 -14.17 -7.79
C GLY C 171 26.66 -13.64 -8.60
N LEU C 172 25.44 -13.86 -8.12
CA LEU C 172 24.23 -13.30 -8.71
C LEU C 172 23.46 -12.55 -7.65
N MET C 173 22.92 -11.42 -8.03
CA MET C 173 22.34 -10.52 -7.05
C MET C 173 20.89 -10.22 -7.42
N THR C 174 20.05 -10.12 -6.40
CA THR C 174 18.73 -9.54 -6.54
C THR C 174 18.61 -8.39 -5.55
N THR C 175 18.06 -7.26 -6.01
CA THR C 175 17.64 -6.21 -5.08
C THR C 175 16.12 -6.13 -5.09
N VAL C 176 15.53 -6.27 -3.91
CA VAL C 176 14.13 -6.01 -3.66
C VAL C 176 14.05 -4.53 -3.30
N HIS C 177 13.56 -3.74 -4.24
CA HIS C 177 13.77 -2.30 -4.25
C HIS C 177 12.45 -1.56 -4.09
N ALA C 178 12.50 -0.46 -3.34
CA ALA C 178 11.37 0.43 -3.14
C ALA C 178 11.01 1.18 -4.43
N ILE C 179 9.79 1.72 -4.43
CA ILE C 179 9.29 2.49 -5.57
C ILE C 179 10.09 3.77 -5.72
N THR C 180 10.23 4.24 -6.97
CA THR C 180 10.89 5.51 -7.22
C THR C 180 10.06 6.34 -8.20
N ALA C 181 10.54 7.57 -8.40
CA ALA C 181 9.84 8.57 -9.19
C ALA C 181 9.63 8.14 -10.64
N THR C 182 10.45 7.23 -11.16
CA THR C 182 10.26 6.79 -12.54
C THR C 182 9.05 5.86 -12.71
N GLN C 183 8.46 5.35 -11.63
CA GLN C 183 7.33 4.43 -11.74
C GLN C 183 6.01 5.20 -11.84
N LYS C 184 4.92 4.46 -12.06
CA LYS C 184 3.60 5.03 -12.27
C LYS C 184 2.61 4.58 -11.19
N THR C 185 1.67 5.48 -10.85
CA THR C 185 0.70 5.17 -9.80
C THR C 185 -0.32 4.12 -10.26
N VAL C 186 -0.68 4.15 -11.55
CA VAL C 186 -1.60 3.21 -12.18
C VAL C 186 -0.97 2.84 -13.53
N ASP C 187 -1.42 1.72 -14.09
CA ASP C 187 -0.89 1.24 -15.39
C ASP C 187 -0.83 2.37 -16.42
N GLY C 188 0.38 2.70 -16.88
CA GLY C 188 0.57 3.75 -17.86
C GLY C 188 1.78 3.61 -18.76
N PRO C 189 1.91 4.52 -19.73
CA PRO C 189 2.96 4.39 -20.75
C PRO C 189 4.35 4.59 -20.15
N SER C 190 5.27 3.69 -20.49
CA SER C 190 6.60 3.76 -19.92
C SER C 190 7.66 3.54 -21.00
N GLY C 191 7.47 4.16 -22.16
CA GLY C 191 8.43 4.07 -23.26
C GLY C 191 8.66 2.66 -23.74
N LYS C 192 9.88 2.15 -23.56
CA LYS C 192 10.20 0.77 -23.94
C LYS C 192 10.50 -0.11 -22.74
N LEU C 193 10.36 0.41 -21.52
CA LEU C 193 10.43 -0.40 -20.30
C LEU C 193 8.99 -0.65 -19.83
N TRP C 194 8.36 -1.66 -20.46
CA TRP C 194 6.90 -1.85 -20.33
C TRP C 194 6.50 -2.23 -18.90
N ARG C 195 7.29 -3.08 -18.24
CA ARG C 195 6.94 -3.47 -16.89
C ARG C 195 6.98 -2.28 -15.94
N ASP C 196 7.87 -1.31 -16.20
CA ASP C 196 7.97 -0.16 -15.30
C ASP C 196 6.75 0.74 -15.36
N GLY C 197 5.89 0.60 -16.37
CA GLY C 197 4.68 1.39 -16.39
C GLY C 197 3.53 0.86 -15.55
N ARG C 198 3.63 -0.38 -15.12
CA ARG C 198 2.50 -1.02 -14.47
C ARG C 198 2.36 -0.47 -13.04
N GLY C 199 1.11 -0.45 -12.56
CA GLY C 199 0.78 0.15 -11.27
C GLY C 199 1.77 -0.18 -10.16
N ALA C 200 2.45 0.86 -9.65
CA ALA C 200 3.55 0.66 -8.72
C ALA C 200 3.08 0.08 -7.39
N ALA C 201 1.91 0.52 -6.91
CA ALA C 201 1.37 0.13 -5.62
C ALA C 201 0.71 -1.23 -5.63
N GLN C 202 0.46 -1.80 -6.80
CA GLN C 202 -0.21 -3.09 -6.88
C GLN C 202 0.75 -4.25 -7.13
N ASN C 203 1.94 -3.98 -7.67
CA ASN C 203 2.69 -5.04 -8.34
C ASN C 203 4.08 -5.26 -7.75
N ILE C 204 4.48 -6.54 -7.78
CA ILE C 204 5.91 -6.88 -7.81
C ILE C 204 6.37 -6.77 -9.26
N ILE C 205 7.39 -5.97 -9.50
CA ILE C 205 7.79 -5.63 -10.87
C ILE C 205 9.25 -5.98 -11.12
N PRO C 206 9.56 -7.01 -11.92
CA PRO C 206 10.96 -7.26 -12.26
C PRO C 206 11.52 -6.11 -13.09
N ALA C 207 12.80 -5.82 -12.87
CA ALA C 207 13.45 -4.69 -13.54
C ALA C 207 14.94 -5.00 -13.73
N SER C 208 15.53 -4.38 -14.73
CA SER C 208 16.96 -4.51 -14.96
C SER C 208 17.74 -3.57 -14.06
N THR C 209 18.94 -3.99 -13.69
CA THR C 209 19.88 -3.17 -12.96
C THR C 209 21.30 -3.46 -13.45
N GLY C 210 22.08 -2.41 -13.64
CA GLY C 210 23.48 -2.58 -13.96
C GLY C 210 24.36 -2.79 -12.75
N ALA C 211 23.78 -2.69 -11.55
CA ALA C 211 24.56 -2.44 -10.34
C ALA C 211 25.60 -3.53 -10.11
N ALA C 212 25.22 -4.78 -10.35
CA ALA C 212 26.18 -5.85 -10.06
C ALA C 212 27.33 -5.86 -11.06
N LYS C 213 27.02 -5.64 -12.34
CA LYS C 213 28.07 -5.42 -13.34
C LYS C 213 28.93 -4.21 -12.97
N ALA C 214 28.29 -3.08 -12.57
CA ALA C 214 29.04 -1.88 -12.20
C ALA C 214 29.95 -2.12 -11.00
N VAL C 215 29.63 -3.09 -10.16
CA VAL C 215 30.56 -3.49 -9.11
C VAL C 215 31.86 -3.98 -9.73
N GLY C 216 31.77 -4.64 -10.88
CA GLY C 216 32.97 -5.10 -11.57
C GLY C 216 33.80 -3.98 -12.19
N LYS C 217 33.21 -2.80 -12.36
CA LYS C 217 34.02 -1.64 -12.70
C LYS C 217 34.63 -1.00 -11.45
N VAL C 218 33.90 -1.03 -10.34
CA VAL C 218 34.38 -0.42 -9.10
C VAL C 218 35.35 -1.35 -8.37
N ILE C 219 35.11 -2.66 -8.41
CA ILE C 219 36.10 -3.64 -7.97
C ILE C 219 36.57 -4.42 -9.19
N PRO C 220 37.66 -3.97 -9.84
CA PRO C 220 38.11 -4.61 -11.08
C PRO C 220 38.23 -6.13 -11.04
N GLU C 221 38.75 -6.72 -9.94
CA GLU C 221 38.88 -8.18 -9.86
C GLU C 221 37.54 -8.90 -10.02
N LEU C 222 36.40 -8.23 -9.82
CA LEU C 222 35.09 -8.85 -9.93
C LEU C 222 34.43 -8.61 -11.29
N ASN C 223 35.14 -7.99 -12.22
CA ASN C 223 34.57 -7.74 -13.55
C ASN C 223 34.18 -9.05 -14.22
N GLY C 224 32.94 -9.11 -14.68
CA GLY C 224 32.40 -10.29 -15.31
C GLY C 224 32.07 -11.42 -14.36
N LYS C 225 32.20 -11.21 -13.06
CA LYS C 225 31.91 -12.25 -12.10
C LYS C 225 30.60 -12.03 -11.33
N LEU C 226 29.93 -10.88 -11.53
CA LEU C 226 28.65 -10.57 -10.89
C LEU C 226 27.68 -9.92 -11.87
N THR C 227 26.43 -10.37 -11.83
CA THR C 227 25.34 -9.60 -12.44
C THR C 227 24.10 -9.83 -11.59
N GLY C 228 22.95 -9.34 -12.06
CA GLY C 228 21.78 -9.38 -11.23
C GLY C 228 20.62 -8.64 -11.85
N MET C 229 19.54 -8.57 -11.07
CA MET C 229 18.29 -7.98 -11.50
C MET C 229 17.55 -7.47 -10.27
N ALA C 230 16.40 -6.84 -10.49
CA ALA C 230 15.67 -6.18 -9.42
C ALA C 230 14.20 -6.54 -9.49
N PHE C 231 13.57 -6.42 -8.31
CA PHE C 231 12.13 -6.49 -8.13
C PHE C 231 11.70 -5.20 -7.46
N ARG C 232 10.89 -4.40 -8.15
CA ARG C 232 10.25 -3.24 -7.51
C ARG C 232 9.00 -3.72 -6.79
N VAL C 233 8.81 -3.26 -5.56
CA VAL C 233 7.72 -3.68 -4.68
C VAL C 233 7.12 -2.50 -3.99
N PRO C 234 5.85 -2.58 -3.53
CA PRO C 234 5.15 -1.37 -3.07
C PRO C 234 5.53 -0.90 -1.65
N THR C 235 6.73 -0.33 -1.55
CA THR C 235 7.13 0.46 -0.40
C THR C 235 7.73 1.76 -0.91
N PRO C 236 7.69 2.81 -0.10
CA PRO C 236 8.06 4.13 -0.62
C PRO C 236 9.54 4.43 -0.46
N ASN C 237 10.19 3.65 0.39
CA ASN C 237 11.63 3.83 0.58
C ASN C 237 12.19 2.58 1.25
N VAL C 238 13.51 2.40 1.10
CA VAL C 238 14.34 1.34 1.70
C VAL C 238 14.29 0.08 0.86
N SER C 239 15.48 -0.44 0.55
CA SER C 239 15.68 -1.57 -0.34
C SER C 239 16.61 -2.55 0.33
N VAL C 240 16.80 -3.72 -0.29
CA VAL C 240 17.65 -4.74 0.29
C VAL C 240 18.31 -5.52 -0.84
N VAL C 241 19.61 -5.82 -0.64
CA VAL C 241 20.39 -6.60 -1.59
C VAL C 241 20.43 -8.05 -1.13
N ASP C 242 20.20 -8.97 -2.06
CA ASP C 242 20.27 -10.40 -1.82
C ASP C 242 21.39 -10.93 -2.73
N LEU C 243 22.57 -11.16 -2.14
CA LEU C 243 23.75 -11.60 -2.88
C LEU C 243 23.95 -13.11 -2.69
N THR C 244 23.82 -13.87 -3.77
CA THR C 244 24.11 -15.30 -3.79
C THR C 244 25.44 -15.50 -4.51
N CYS C 245 26.45 -15.97 -3.79
CA CYS C 245 27.78 -16.02 -4.36
C CYS C 245 28.49 -17.29 -3.92
N ARG C 246 29.43 -17.71 -4.75
CA ARG C 246 30.31 -18.83 -4.55
C ARG C 246 31.64 -18.32 -4.05
N LEU C 247 32.14 -18.94 -3.00
CA LEU C 247 33.40 -18.53 -2.39
C LEU C 247 34.55 -19.45 -2.78
N GLU C 248 35.73 -18.86 -2.91
CA GLU C 248 36.90 -19.69 -3.19
C GLU C 248 37.40 -20.35 -1.92
N LYS C 249 37.55 -19.63 -0.91
CA LYS C 249 38.02 -20.21 0.34
C LYS C 249 36.80 -20.55 1.22
N PRO C 250 36.78 -21.71 1.86
CA PRO C 250 35.60 -22.10 2.65
C PRO C 250 35.40 -21.14 3.82
N ALA C 251 34.16 -20.74 4.04
CA ALA C 251 33.83 -19.79 5.11
C ALA C 251 32.57 -20.27 5.83
N LYS C 252 32.72 -20.64 7.10
CA LYS C 252 31.54 -20.81 7.94
C LYS C 252 30.76 -19.50 7.98
N TYR C 253 29.44 -19.61 8.19
CA TYR C 253 28.62 -18.41 8.29
C TYR C 253 29.11 -17.50 9.42
N ASP C 254 29.58 -18.09 10.52
CA ASP C 254 30.03 -17.25 11.62
C ASP C 254 31.35 -16.56 11.32
N ASP C 255 32.15 -17.10 10.41
CA ASP C 255 33.35 -16.39 9.97
C ASP C 255 33.01 -15.21 9.07
N ILE C 256 32.02 -15.39 8.18
CA ILE C 256 31.51 -14.27 7.39
C ILE C 256 31.05 -13.14 8.30
N LYS C 257 30.21 -13.47 9.30
CA LYS C 257 29.75 -12.44 10.22
C LYS C 257 30.92 -11.74 10.91
N LYS C 258 31.90 -12.52 11.37
CA LYS C 258 33.07 -11.94 12.02
C LYS C 258 33.73 -10.89 11.13
N VAL C 259 34.04 -11.23 9.86
CA VAL C 259 34.81 -10.28 9.06
C VAL C 259 33.95 -9.07 8.70
N VAL C 260 32.65 -9.26 8.46
CA VAL C 260 31.78 -8.13 8.13
C VAL C 260 31.67 -7.18 9.31
N LYS C 261 31.39 -7.75 10.50
CA LYS C 261 31.29 -6.93 11.71
C LYS C 261 32.58 -6.15 11.94
N GLN C 262 33.73 -6.77 11.70
CA GLN C 262 35.00 -6.10 11.90
C GLN C 262 35.19 -4.98 10.88
N ALA C 263 34.81 -5.23 9.63
CA ALA C 263 34.90 -4.19 8.60
C ALA C 263 33.99 -3.02 8.96
N SER C 264 32.80 -3.31 9.49
CA SER C 264 31.87 -2.27 9.83
C SER C 264 32.39 -1.41 10.97
N GLU C 265 33.32 -1.95 11.77
CA GLU C 265 33.86 -1.21 12.90
C GLU C 265 35.18 -0.53 12.57
N GLY C 266 35.83 -0.91 11.48
CA GLY C 266 37.10 -0.34 11.12
C GLY C 266 37.01 0.59 9.93
N PRO C 267 37.63 0.17 8.81
CA PRO C 267 37.78 1.10 7.69
C PRO C 267 36.46 1.46 7.02
N LEU C 268 35.45 0.60 7.07
CA LEU C 268 34.18 0.89 6.43
C LEU C 268 33.14 1.48 7.38
N LYS C 269 33.58 2.01 8.52
CA LYS C 269 32.64 2.50 9.51
C LYS C 269 31.77 3.62 8.95
N GLY C 270 30.46 3.53 9.20
CA GLY C 270 29.52 4.49 8.67
C GLY C 270 29.11 4.25 7.24
N ILE C 271 29.83 3.38 6.52
CA ILE C 271 29.50 3.01 5.16
C ILE C 271 28.86 1.63 5.17
N LEU C 272 29.57 0.63 5.69
CA LEU C 272 29.03 -0.70 5.88
C LEU C 272 28.65 -0.87 7.35
N GLY C 273 27.37 -1.19 7.60
CA GLY C 273 26.88 -1.50 8.93
C GLY C 273 26.70 -3.01 9.14
N TYR C 274 26.48 -3.39 10.40
CA TYR C 274 26.30 -4.80 10.77
C TYR C 274 25.24 -4.91 11.85
N THR C 275 24.29 -5.83 11.68
CA THR C 275 23.31 -6.06 12.73
C THR C 275 22.93 -7.53 12.84
N GLU C 276 22.55 -7.91 14.06
CA GLU C 276 22.02 -9.23 14.35
C GLU C 276 20.59 -9.16 14.83
N ASP C 277 19.97 -7.97 14.83
CA ASP C 277 18.62 -7.83 15.33
C ASP C 277 17.59 -8.28 14.28
N GLN C 278 16.37 -8.50 14.76
CA GLN C 278 15.23 -8.91 13.94
C GLN C 278 14.63 -7.72 13.20
N VAL C 279 15.41 -7.17 12.26
CA VAL C 279 15.04 -5.91 11.61
C VAL C 279 14.19 -6.16 10.36
N VAL C 280 13.49 -5.10 9.97
CA VAL C 280 12.67 -5.05 8.76
C VAL C 280 13.00 -3.72 8.09
N SER C 281 12.48 -3.52 6.87
CA SER C 281 12.96 -2.40 6.06
C SER C 281 12.79 -1.04 6.77
N CYS C 282 11.67 -0.85 7.46
CA CYS C 282 11.43 0.48 8.04
C CYS C 282 12.47 0.85 9.09
N ASP C 283 13.15 -0.14 9.67
CA ASP C 283 14.20 0.14 10.64
C ASP C 283 15.41 0.82 10.03
N PHE C 284 15.49 0.94 8.70
CA PHE C 284 16.58 1.63 8.04
C PHE C 284 16.15 2.92 7.37
N ASN C 285 14.91 3.34 7.61
CA ASN C 285 14.44 4.58 7.03
C ASN C 285 15.17 5.76 7.68
N SER C 286 15.76 6.61 6.82
CA SER C 286 16.64 7.71 7.25
C SER C 286 17.94 7.19 7.87
N ASN C 287 18.36 5.99 7.50
CA ASN C 287 19.67 5.50 7.93
C ASN C 287 20.69 5.86 6.85
N SER C 288 21.78 6.50 7.26
CA SER C 288 22.75 7.07 6.32
C SER C 288 23.80 6.06 5.84
N HIS C 289 23.72 4.81 6.27
CA HIS C 289 24.68 3.81 5.80
C HIS C 289 24.43 3.47 4.34
N SER C 290 25.50 3.05 3.66
CA SER C 290 25.37 2.50 2.32
C SER C 290 24.85 1.07 2.34
N SER C 291 25.16 0.31 3.39
CA SER C 291 24.96 -1.12 3.34
C SER C 291 24.99 -1.61 4.78
N THR C 292 23.89 -2.22 5.27
CA THR C 292 23.89 -2.86 6.58
C THR C 292 23.67 -4.36 6.42
N PHE C 293 24.69 -5.14 6.79
CA PHE C 293 24.64 -6.59 6.75
C PHE C 293 23.65 -7.14 7.78
N ASP C 294 22.78 -8.04 7.34
CA ASP C 294 21.74 -8.58 8.22
C ASP C 294 22.08 -10.05 8.49
N ALA C 295 22.67 -10.30 9.65
CA ALA C 295 23.24 -11.61 9.93
C ALA C 295 22.18 -12.70 9.96
N GLY C 296 21.04 -12.41 10.59
CA GLY C 296 20.02 -13.45 10.76
C GLY C 296 19.24 -13.78 9.50
N ALA C 297 19.12 -12.84 8.55
CA ALA C 297 18.30 -13.12 7.36
C ALA C 297 19.04 -13.95 6.33
N GLY C 298 20.40 -13.93 6.34
CA GLY C 298 21.19 -14.69 5.39
C GLY C 298 21.14 -16.19 5.66
N ILE C 299 21.70 -16.96 4.73
CA ILE C 299 21.69 -18.42 4.86
C ILE C 299 22.77 -19.00 3.97
N ALA C 300 23.46 -20.01 4.49
CA ALA C 300 24.50 -20.74 3.77
C ALA C 300 23.99 -22.13 3.43
N LEU C 301 24.19 -22.56 2.19
CA LEU C 301 23.95 -23.96 1.89
C LEU C 301 25.15 -24.81 2.32
N ASN C 302 26.35 -24.25 2.17
CA ASN C 302 27.59 -24.91 2.56
C ASN C 302 28.64 -23.81 2.70
N ASP C 303 29.88 -24.24 2.99
CA ASP C 303 30.97 -23.29 3.30
C ASP C 303 31.47 -22.54 2.09
N ASN C 304 30.95 -22.82 0.89
CA ASN C 304 31.40 -22.14 -0.31
C ASN C 304 30.26 -21.52 -1.11
N PHE C 305 29.03 -21.56 -0.60
CA PHE C 305 27.87 -21.12 -1.38
C PHE C 305 26.85 -20.57 -0.39
N VAL C 306 26.67 -19.23 -0.41
CA VAL C 306 25.96 -18.52 0.65
C VAL C 306 25.07 -17.43 0.05
N LYS C 307 24.03 -17.10 0.80
CA LYS C 307 23.13 -15.99 0.46
C LYS C 307 23.27 -14.92 1.53
N LEU C 308 23.74 -13.74 1.13
CA LEU C 308 23.98 -12.63 2.06
C LEU C 308 22.99 -11.50 1.83
N ILE C 309 22.52 -10.90 2.93
CA ILE C 309 21.45 -9.91 2.88
C ILE C 309 21.96 -8.59 3.47
N SER C 310 21.78 -7.49 2.74
CA SER C 310 22.22 -6.18 3.22
C SER C 310 21.20 -5.10 2.88
N TRP C 311 20.81 -4.33 3.89
CA TRP C 311 19.80 -3.29 3.78
C TRP C 311 20.38 -1.96 3.32
N TYR C 312 19.57 -1.17 2.61
CA TYR C 312 19.98 0.20 2.31
C TYR C 312 18.78 1.12 2.11
N ASP C 313 18.83 2.26 2.78
CA ASP C 313 17.97 3.41 2.46
C ASP C 313 18.46 4.01 1.15
N ASN C 314 17.79 3.65 0.06
CA ASN C 314 18.24 4.04 -1.27
C ASN C 314 18.20 5.54 -1.46
N GLU C 315 17.34 6.24 -0.72
CA GLU C 315 17.26 7.70 -0.79
C GLU C 315 18.37 8.40 0.02
N TYR C 316 18.40 8.14 1.33
CA TYR C 316 19.21 8.93 2.25
C TYR C 316 20.64 8.39 2.40
N GLY C 317 20.85 7.09 2.29
CA GLY C 317 22.21 6.58 2.31
C GLY C 317 23.01 7.08 1.12
N TYR C 318 22.45 6.90 -0.07
CA TYR C 318 23.09 7.41 -1.28
C TYR C 318 23.33 8.91 -1.20
N SER C 319 22.36 9.66 -0.65
CA SER C 319 22.52 11.12 -0.63
C SER C 319 23.67 11.54 0.27
N ASN C 320 23.84 10.85 1.40
CA ASN C 320 25.03 11.08 2.23
C ASN C 320 26.30 10.68 1.49
N ARG C 321 26.26 9.61 0.70
CA ARG C 321 27.45 9.24 -0.06
C ARG C 321 27.81 10.32 -1.08
N VAL C 322 26.81 10.96 -1.68
CA VAL C 322 27.09 12.06 -2.60
C VAL C 322 27.82 13.18 -1.88
N VAL C 323 27.40 13.52 -0.65
CA VAL C 323 28.10 14.55 0.14
C VAL C 323 29.51 14.08 0.50
N ASP C 324 29.64 12.81 0.93
CA ASP C 324 30.96 12.32 1.33
C ASP C 324 31.94 12.33 0.17
N LEU C 325 31.47 11.94 -1.01
CA LEU C 325 32.35 11.96 -2.16
C LEU C 325 32.83 13.37 -2.48
N MET C 326 31.92 14.36 -2.44
CA MET C 326 32.33 15.72 -2.73
C MET C 326 33.28 16.25 -1.66
N ALA C 327 33.03 15.90 -0.38
CA ALA C 327 33.97 16.30 0.66
C ALA C 327 35.33 15.65 0.44
N TYR C 328 35.35 14.38 0.03
CA TYR C 328 36.62 13.73 -0.26
C TYR C 328 37.33 14.42 -1.43
N MET C 329 36.62 14.60 -2.54
CA MET C 329 37.20 15.31 -3.69
C MET C 329 37.70 16.69 -3.29
N ALA C 330 36.90 17.42 -2.50
CA ALA C 330 37.34 18.72 -2.03
C ALA C 330 38.64 18.61 -1.25
N SER C 331 38.77 17.57 -0.43
CA SER C 331 39.97 17.41 0.39
C SER C 331 41.22 17.18 -0.43
N LYS C 332 41.10 16.84 -1.71
CA LYS C 332 42.25 16.58 -2.56
C LYS C 332 42.60 17.75 -3.47
N GLU C 333 41.80 18.81 -3.46
CA GLU C 333 42.11 20.00 -4.27
C GLU C 333 43.42 20.62 -3.78
N MET D 1 7.11 14.56 39.50
CA MET D 1 6.24 13.89 38.54
C MET D 1 5.63 12.61 39.12
N VAL D 2 4.44 12.28 38.63
CA VAL D 2 3.71 11.12 39.12
C VAL D 2 4.29 9.85 38.50
N LYS D 3 4.38 8.80 39.31
CA LYS D 3 4.91 7.53 38.87
C LYS D 3 3.78 6.68 38.30
N VAL D 4 4.00 6.15 37.09
CA VAL D 4 2.96 5.57 36.24
C VAL D 4 3.25 4.10 35.98
N GLY D 5 2.23 3.27 36.06
CA GLY D 5 2.28 1.89 35.58
C GLY D 5 1.48 1.77 34.29
N VAL D 6 1.94 0.91 33.39
CA VAL D 6 1.30 0.72 32.09
C VAL D 6 0.90 -0.74 31.96
N ASN D 7 -0.39 -0.97 31.72
CA ASN D 7 -0.94 -2.31 31.51
C ASN D 7 -1.23 -2.49 30.03
N GLY D 8 -0.52 -3.42 29.41
CA GLY D 8 -0.61 -3.60 27.98
C GLY D 8 0.49 -2.83 27.28
N PHE D 9 1.34 -3.54 26.54
CA PHE D 9 2.46 -2.94 25.81
C PHE D 9 2.22 -2.98 24.31
N GLY D 10 0.96 -2.83 23.91
CA GLY D 10 0.59 -2.64 22.52
C GLY D 10 0.98 -1.25 22.07
N ARG D 11 0.45 -0.86 20.91
CA ARG D 11 0.80 0.44 20.34
C ARG D 11 0.59 1.58 21.34
N ILE D 12 -0.54 1.57 22.05
CA ILE D 12 -0.85 2.67 22.95
C ILE D 12 0.09 2.67 24.15
N GLY D 13 0.21 1.53 24.83
CA GLY D 13 1.10 1.44 25.97
C GLY D 13 2.55 1.79 25.64
N ARG D 14 3.01 1.38 24.45
CA ARG D 14 4.39 1.69 24.08
C ARG D 14 4.55 3.16 23.76
N LEU D 15 3.61 3.74 23.01
CA LEU D 15 3.73 5.15 22.64
C LEU D 15 3.42 6.08 23.80
N VAL D 16 2.55 5.67 24.73
CA VAL D 16 2.44 6.40 25.99
C VAL D 16 3.78 6.43 26.70
N THR D 17 4.51 5.31 26.70
CA THR D 17 5.82 5.27 27.33
C THR D 17 6.81 6.20 26.62
N ARG D 18 6.85 6.16 25.29
CA ARG D 18 7.65 7.12 24.54
C ARG D 18 7.28 8.55 24.90
N ALA D 19 5.98 8.85 24.87
CA ALA D 19 5.54 10.22 25.17
C ALA D 19 5.93 10.64 26.57
N ALA D 20 5.76 9.75 27.54
CA ALA D 20 6.09 10.09 28.92
C ALA D 20 7.58 10.38 29.07
N ILE D 21 8.41 9.53 28.48
CA ILE D 21 9.85 9.70 28.60
C ILE D 21 10.31 10.93 27.83
N CYS D 22 9.76 11.14 26.63
CA CYS D 22 10.18 12.28 25.83
C CYS D 22 9.72 13.61 26.42
N SER D 23 8.55 13.65 27.05
CA SER D 23 8.04 14.90 27.62
C SER D 23 8.48 15.12 29.05
N GLY D 24 8.96 14.09 29.74
CA GLY D 24 9.28 14.21 31.15
C GLY D 24 8.15 14.77 31.99
N LYS D 25 6.91 14.59 31.56
CA LYS D 25 5.79 15.07 32.38
C LYS D 25 5.45 14.09 33.50
N VAL D 26 5.65 12.79 33.27
CA VAL D 26 5.44 11.74 34.28
C VAL D 26 6.59 10.74 34.16
N GLU D 27 6.68 9.84 35.14
CA GLU D 27 7.72 8.80 35.17
C GLU D 27 7.08 7.43 35.10
N ILE D 28 7.44 6.67 34.06
CA ILE D 28 7.06 5.26 33.98
C ILE D 28 7.96 4.47 34.93
N VAL D 29 7.34 3.66 35.80
CA VAL D 29 8.09 2.85 36.75
C VAL D 29 7.72 1.38 36.62
N ALA D 30 6.66 1.06 35.89
CA ALA D 30 6.23 -0.33 35.80
C ALA D 30 5.44 -0.56 34.52
N ILE D 31 5.54 -1.79 34.00
CA ILE D 31 4.81 -2.23 32.81
C ILE D 31 4.36 -3.67 33.04
N ASN D 32 3.11 -3.96 32.69
CA ASN D 32 2.59 -5.32 32.73
C ASN D 32 2.07 -5.69 31.35
N ASP D 33 2.43 -6.89 30.91
CA ASP D 33 1.88 -7.54 29.73
C ASP D 33 2.24 -9.03 29.81
N PRO D 34 1.26 -9.93 29.86
CA PRO D 34 1.58 -11.36 30.01
C PRO D 34 1.88 -12.07 28.70
N PHE D 35 1.81 -11.39 27.57
CA PHE D 35 2.09 -12.00 26.27
C PHE D 35 3.45 -11.62 25.70
N ILE D 36 4.22 -10.79 26.39
CA ILE D 36 5.45 -10.22 25.84
C ILE D 36 6.54 -10.32 26.89
N ASP D 37 7.55 -11.14 26.65
CA ASP D 37 8.70 -11.30 27.53
C ASP D 37 9.46 -9.98 27.60
N LEU D 38 10.42 -9.85 28.49
CA LEU D 38 11.18 -8.61 28.65
C LEU D 38 12.05 -8.32 27.42
N ASN D 39 12.73 -9.35 26.88
CA ASN D 39 13.60 -9.12 25.73
C ASN D 39 12.81 -8.73 24.50
N TYR D 40 11.57 -9.24 24.38
CA TYR D 40 10.68 -8.80 23.31
C TYR D 40 10.24 -7.36 23.52
N MET D 41 10.04 -6.96 24.78
CA MET D 41 9.73 -5.56 25.07
C MET D 41 10.84 -4.65 24.57
N VAL D 42 12.10 -5.03 24.84
CA VAL D 42 13.21 -4.22 24.35
C VAL D 42 13.07 -4.01 22.86
N TYR D 43 12.84 -5.11 22.13
CA TYR D 43 12.73 -5.03 20.69
C TYR D 43 11.54 -4.18 20.27
N MET D 44 10.38 -4.40 20.89
CA MET D 44 9.17 -3.72 20.41
C MET D 44 9.23 -2.23 20.69
N PHE D 45 9.81 -1.84 21.83
CA PHE D 45 9.97 -0.43 22.17
C PHE D 45 11.04 0.23 21.29
N GLN D 46 12.13 -0.49 20.99
CA GLN D 46 13.26 0.08 20.28
C GLN D 46 12.93 0.35 18.81
N TYR D 47 12.26 -0.58 18.14
CA TYR D 47 11.99 -0.45 16.73
C TYR D 47 10.50 -0.15 16.51
N ASP D 48 10.23 0.83 15.66
CA ASP D 48 8.86 1.22 15.36
C ASP D 48 8.75 1.59 13.90
N SER D 49 7.92 0.86 13.15
CA SER D 49 7.83 1.09 11.71
C SER D 49 7.31 2.48 11.41
N THR D 50 6.44 3.00 12.25
CA THR D 50 5.73 4.25 12.00
C THR D 50 6.53 5.47 12.48
N HIS D 51 7.06 5.41 13.70
CA HIS D 51 7.68 6.56 14.33
C HIS D 51 9.19 6.47 14.40
N GLY D 52 9.79 5.42 13.81
CA GLY D 52 11.23 5.31 13.76
C GLY D 52 11.82 4.72 15.03
N LYS D 53 13.13 4.49 14.98
CA LYS D 53 13.78 3.90 16.12
C LYS D 53 13.75 4.85 17.31
N PHE D 54 13.61 4.30 18.50
CA PHE D 54 13.65 5.11 19.71
C PHE D 54 14.99 5.85 19.80
N ASN D 55 14.91 7.15 20.09
CA ASN D 55 16.11 7.99 20.17
C ASN D 55 16.57 7.98 21.62
N GLY D 56 17.36 6.96 21.96
CA GLY D 56 17.73 6.72 23.33
C GLY D 56 18.23 5.29 23.44
N THR D 57 18.47 4.87 24.69
CA THR D 57 18.99 3.54 24.96
C THR D 57 17.93 2.66 25.60
N VAL D 58 17.83 1.41 25.13
CA VAL D 58 16.86 0.43 25.59
C VAL D 58 17.57 -0.90 25.78
N LYS D 59 17.54 -1.43 26.99
CA LYS D 59 18.20 -2.70 27.23
C LYS D 59 17.55 -3.40 28.41
N ALA D 60 17.77 -4.70 28.49
CA ALA D 60 17.38 -5.51 29.63
C ALA D 60 18.54 -5.60 30.59
N GLU D 61 18.23 -5.52 31.89
CA GLU D 61 19.24 -5.58 32.94
C GLU D 61 18.55 -6.08 34.20
N ASN D 62 19.02 -7.21 34.72
CA ASN D 62 18.54 -7.75 35.98
C ASN D 62 17.02 -7.79 36.05
N GLY D 63 16.41 -8.36 35.02
CA GLY D 63 14.97 -8.52 34.93
C GLY D 63 14.19 -7.24 34.70
N LYS D 64 14.86 -6.13 34.43
CA LYS D 64 14.18 -4.85 34.29
C LYS D 64 14.42 -4.24 32.93
N LEU D 65 13.44 -3.48 32.47
CA LEU D 65 13.54 -2.76 31.21
C LEU D 65 14.16 -1.41 31.52
N VAL D 66 15.39 -1.20 31.05
CA VAL D 66 16.16 -0.01 31.40
C VAL D 66 16.16 0.92 30.19
N ILE D 67 15.39 1.99 30.28
CA ILE D 67 15.27 2.99 29.22
C ILE D 67 16.02 4.23 29.67
N ASN D 68 17.03 4.63 28.87
CA ASN D 68 17.86 5.79 29.21
C ASN D 68 18.41 5.69 30.62
N GLY D 69 18.83 4.48 31.01
CA GLY D 69 19.40 4.27 32.33
C GLY D 69 18.42 4.11 33.48
N LYS D 70 17.13 4.40 33.27
CA LYS D 70 16.14 4.22 34.32
C LYS D 70 15.52 2.84 34.23
N PRO D 71 15.54 2.04 35.29
CA PRO D 71 14.94 0.71 35.23
C PRO D 71 13.43 0.75 35.46
N ILE D 72 12.74 -0.23 34.89
CA ILE D 72 11.28 -0.31 34.94
C ILE D 72 10.89 -1.74 35.27
N THR D 73 10.10 -1.90 36.32
CA THR D 73 9.67 -3.23 36.76
C THR D 73 8.69 -3.83 35.76
N ILE D 74 8.88 -5.10 35.44
CA ILE D 74 8.10 -5.79 34.42
C ILE D 74 7.27 -6.87 35.10
N PHE D 75 6.00 -6.93 34.76
CA PHE D 75 5.06 -7.92 35.28
C PHE D 75 4.50 -8.71 34.12
N GLN D 76 4.12 -9.95 34.39
CA GLN D 76 3.53 -10.84 33.37
C GLN D 76 2.26 -11.47 33.95
N GLU D 77 1.32 -10.62 34.34
CA GLU D 77 0.11 -11.05 35.04
C GLU D 77 -1.07 -11.12 34.08
N ARG D 78 -1.68 -12.31 34.00
CA ARG D 78 -2.92 -12.49 33.25
C ARG D 78 -4.00 -11.55 33.77
N ASP D 79 -4.12 -11.44 35.08
CA ASP D 79 -5.28 -10.85 35.73
C ASP D 79 -4.89 -9.56 36.43
N PRO D 80 -5.43 -8.40 36.01
CA PRO D 80 -4.95 -7.12 36.55
C PRO D 80 -5.01 -7.03 38.05
N THR D 81 -5.95 -7.76 38.65
CA THR D 81 -6.06 -7.76 40.10
C THR D 81 -4.82 -8.35 40.75
N ASN D 82 -4.02 -9.09 40.00
CA ASN D 82 -2.81 -9.68 40.53
C ASN D 82 -1.57 -8.82 40.30
N ILE D 83 -1.65 -7.74 39.51
CA ILE D 83 -0.48 -6.90 39.35
C ILE D 83 -0.19 -6.15 40.64
N LYS D 84 1.10 -6.09 41.02
CA LYS D 84 1.57 -5.49 42.27
C LYS D 84 2.06 -4.06 42.03
N TRP D 85 1.16 -3.18 41.56
CA TRP D 85 1.55 -1.79 41.30
C TRP D 85 2.15 -1.11 42.52
N GLY D 86 1.60 -1.40 43.70
CA GLY D 86 1.98 -0.67 44.90
C GLY D 86 3.45 -0.82 45.25
N GLU D 87 3.94 -2.06 45.30
CA GLU D 87 5.35 -2.26 45.62
C GLU D 87 6.27 -1.65 44.57
N ALA D 88 5.81 -1.56 43.32
CA ALA D 88 6.59 -0.92 42.28
C ALA D 88 6.58 0.61 42.37
N GLY D 89 5.74 1.17 43.25
CA GLY D 89 5.60 2.61 43.33
C GLY D 89 4.75 3.25 42.25
N ALA D 90 3.95 2.47 41.53
CA ALA D 90 3.11 3.04 40.48
C ALA D 90 1.84 3.63 41.11
N GLU D 91 1.69 4.95 41.01
CA GLU D 91 0.53 5.62 41.58
C GLU D 91 -0.65 5.59 40.62
N TYR D 92 -0.44 6.02 39.37
CA TYR D 92 -1.44 5.94 38.33
C TYR D 92 -1.11 4.78 37.40
N VAL D 93 -2.15 4.16 36.84
CA VAL D 93 -1.99 3.04 35.92
C VAL D 93 -2.76 3.34 34.65
N VAL D 94 -2.07 3.29 33.52
CA VAL D 94 -2.69 3.38 32.21
C VAL D 94 -3.21 2.00 31.83
N GLU D 95 -4.53 1.87 31.68
CA GLU D 95 -5.18 0.63 31.26
C GLU D 95 -5.32 0.68 29.74
N SER D 96 -4.39 0.05 29.05
CA SER D 96 -4.28 0.16 27.59
C SER D 96 -4.41 -1.18 26.88
N THR D 97 -5.09 -2.15 27.50
CA THR D 97 -5.33 -3.42 26.83
C THR D 97 -6.55 -3.40 25.93
N GLY D 98 -7.56 -2.61 26.30
CA GLY D 98 -8.80 -2.54 25.53
C GLY D 98 -9.91 -3.43 26.05
N VAL D 99 -9.61 -4.29 27.01
CA VAL D 99 -10.59 -5.24 27.52
C VAL D 99 -10.98 -4.96 28.96
N PHE D 100 -10.44 -3.90 29.56
CA PHE D 100 -10.80 -3.54 30.91
C PHE D 100 -11.31 -2.09 30.95
N THR D 101 -12.22 -1.76 30.05
CA THR D 101 -12.65 -0.39 29.85
C THR D 101 -13.85 0.01 30.69
N THR D 102 -14.42 -0.90 31.46
CA THR D 102 -15.46 -0.54 32.40
C THR D 102 -14.84 -0.22 33.76
N MET D 103 -15.62 0.42 34.61
CA MET D 103 -15.10 0.80 35.92
C MET D 103 -14.84 -0.41 36.81
N GLU D 104 -15.63 -1.45 36.65
CA GLU D 104 -15.46 -2.64 37.43
C GLU D 104 -14.16 -3.34 37.04
N LYS D 105 -13.95 -3.53 35.75
CA LYS D 105 -12.74 -4.19 35.27
C LYS D 105 -11.49 -3.35 35.56
N ALA D 106 -11.50 -2.07 35.18
CA ALA D 106 -10.32 -1.22 35.39
C ALA D 106 -9.99 -1.07 36.87
N GLY D 107 -11.02 -1.07 37.73
CA GLY D 107 -10.78 -0.93 39.16
C GLY D 107 -9.93 -2.01 39.74
N ALA D 108 -9.79 -3.14 39.04
CA ALA D 108 -8.95 -4.23 39.51
C ALA D 108 -7.56 -3.73 39.89
N HIS D 109 -7.00 -2.81 39.10
CA HIS D 109 -5.69 -2.25 39.38
C HIS D 109 -5.62 -1.59 40.75
N LEU D 110 -6.76 -1.19 41.31
CA LEU D 110 -6.75 -0.61 42.65
C LEU D 110 -6.45 -1.66 43.70
N LYS D 111 -6.84 -2.92 43.44
CA LYS D 111 -6.53 -3.98 44.39
C LYS D 111 -5.03 -4.23 44.45
N GLY D 112 -4.31 -3.97 43.37
CA GLY D 112 -2.87 -4.08 43.39
C GLY D 112 -2.14 -2.96 44.11
N GLY D 113 -2.85 -1.96 44.62
CA GLY D 113 -2.21 -0.84 45.29
C GLY D 113 -2.06 0.44 44.49
N ALA D 114 -2.60 0.50 43.28
CA ALA D 114 -2.56 1.74 42.50
C ALA D 114 -3.63 2.70 42.99
N LYS D 115 -3.34 4.00 42.92
CA LYS D 115 -4.28 4.99 43.44
C LYS D 115 -5.33 5.39 42.40
N ARG D 116 -4.94 5.54 41.15
CA ARG D 116 -5.90 5.93 40.12
C ARG D 116 -5.63 5.15 38.85
N VAL D 117 -6.65 5.07 38.00
CA VAL D 117 -6.59 4.33 36.75
C VAL D 117 -7.07 5.24 35.65
N ILE D 118 -6.32 5.30 34.56
CA ILE D 118 -6.65 6.08 33.39
C ILE D 118 -6.84 5.07 32.26
N ILE D 119 -8.08 4.90 31.82
CA ILE D 119 -8.36 4.00 30.70
C ILE D 119 -8.02 4.72 29.40
N SER D 120 -7.13 4.13 28.60
CA SER D 120 -6.75 4.72 27.32
C SER D 120 -7.72 4.36 26.20
N ALA D 121 -9.02 4.40 26.47
CA ALA D 121 -10.05 4.08 25.50
C ALA D 121 -11.37 4.61 26.02
N PRO D 122 -12.37 4.75 25.16
CA PRO D 122 -13.72 5.08 25.65
C PRO D 122 -14.20 4.07 26.67
N SER D 123 -15.00 4.54 27.62
CA SER D 123 -15.54 3.71 28.69
C SER D 123 -17.05 3.79 28.68
N ALA D 124 -17.70 2.65 28.91
CA ALA D 124 -19.15 2.64 29.04
C ALA D 124 -19.60 3.52 30.21
N ASP D 125 -18.93 3.39 31.36
CA ASP D 125 -19.39 4.01 32.60
C ASP D 125 -18.37 4.88 33.34
N ALA D 126 -17.03 4.95 32.90
CA ALA D 126 -16.10 5.88 33.55
C ALA D 126 -16.13 7.23 32.86
N PRO D 127 -16.03 8.33 33.61
CA PRO D 127 -16.11 9.66 33.00
C PRO D 127 -14.98 9.87 32.01
N MET D 128 -15.34 10.37 30.84
CA MET D 128 -14.41 10.55 29.75
C MET D 128 -13.96 12.01 29.71
N PHE D 129 -12.68 12.21 29.48
CA PHE D 129 -12.08 13.53 29.47
C PHE D 129 -11.35 13.75 28.15
N VAL D 130 -11.48 14.97 27.64
CA VAL D 130 -10.67 15.47 26.52
C VAL D 130 -9.91 16.67 27.05
N MET D 131 -8.57 16.56 27.08
CA MET D 131 -7.74 17.69 27.49
C MET D 131 -8.02 18.90 26.62
N GLY D 132 -8.18 20.04 27.27
CA GLY D 132 -8.51 21.28 26.60
C GLY D 132 -9.99 21.55 26.47
N VAL D 133 -10.85 20.57 26.75
CA VAL D 133 -12.29 20.70 26.50
C VAL D 133 -13.09 20.54 27.78
N ASN D 134 -12.89 19.43 28.50
CA ASN D 134 -13.65 19.27 29.73
C ASN D 134 -12.82 18.74 30.89
N HIS D 135 -11.48 18.83 30.81
CA HIS D 135 -10.66 18.30 31.90
C HIS D 135 -10.82 19.12 33.18
N GLU D 136 -11.39 20.32 33.08
CA GLU D 136 -11.85 21.07 34.24
C GLU D 136 -12.90 20.32 35.05
N LYS D 137 -13.51 19.29 34.49
CA LYS D 137 -14.53 18.55 35.22
C LYS D 137 -13.96 17.38 36.01
N TYR D 138 -12.64 17.17 36.00
CA TYR D 138 -12.02 16.18 36.87
C TYR D 138 -12.02 16.65 38.33
N ASP D 139 -12.18 15.70 39.26
CA ASP D 139 -12.03 15.99 40.68
C ASP D 139 -11.32 14.81 41.36
N ASN D 140 -10.88 15.04 42.59
CA ASN D 140 -10.02 14.07 43.26
C ASN D 140 -10.74 12.83 43.77
N SER D 141 -12.08 12.81 43.77
CA SER D 141 -12.82 11.61 44.11
C SER D 141 -12.84 10.56 42.99
N LEU D 142 -12.32 10.90 41.81
CA LEU D 142 -12.37 10.00 40.67
C LEU D 142 -11.13 9.10 40.67
N LYS D 143 -11.30 7.83 41.03
CA LYS D 143 -10.18 6.89 40.97
C LYS D 143 -10.03 6.24 39.61
N ILE D 144 -11.04 6.31 38.75
CA ILE D 144 -11.00 5.65 37.45
C ILE D 144 -11.55 6.62 36.41
N VAL D 145 -10.75 6.92 35.39
CA VAL D 145 -11.17 7.84 34.34
C VAL D 145 -10.77 7.26 33.00
N SER D 146 -11.41 7.77 31.96
CA SER D 146 -11.10 7.45 30.57
C SER D 146 -10.59 8.71 29.85
N ASN D 147 -9.63 8.54 28.95
CA ASN D 147 -9.19 9.60 28.06
C ASN D 147 -9.96 9.60 26.73
N ALA D 148 -11.11 8.94 26.68
CA ALA D 148 -11.94 8.85 25.47
C ALA D 148 -11.11 8.19 24.36
N SER D 149 -11.36 8.59 23.13
CA SER D 149 -10.69 8.03 21.97
C SER D 149 -9.96 9.11 21.18
N SER D 150 -9.09 8.66 20.28
CA SER D 150 -8.28 9.61 19.55
C SER D 150 -9.12 10.44 18.59
N THR D 151 -10.15 9.81 17.99
CA THR D 151 -11.07 10.57 17.16
C THR D 151 -11.86 11.57 17.99
N THR D 152 -12.31 11.17 19.17
CA THR D 152 -12.97 12.11 20.05
C THR D 152 -12.04 13.25 20.42
N ASN D 153 -10.74 12.95 20.58
CA ASN D 153 -9.79 14.01 20.91
C ASN D 153 -9.49 14.89 19.71
N CYS D 154 -9.69 14.40 18.50
CA CYS D 154 -9.60 15.28 17.33
C CYS D 154 -10.82 16.18 17.23
N LEU D 155 -12.02 15.61 17.32
CA LEU D 155 -13.25 16.33 17.03
C LEU D 155 -13.62 17.32 18.15
N ALA D 156 -13.47 16.93 19.41
CA ALA D 156 -13.99 17.78 20.49
C ALA D 156 -13.34 19.17 20.56
N PRO D 157 -12.01 19.32 20.50
CA PRO D 157 -11.44 20.69 20.52
C PRO D 157 -11.95 21.55 19.37
N LEU D 158 -12.07 20.96 18.17
CA LEU D 158 -12.57 21.74 17.04
C LEU D 158 -14.04 22.11 17.22
N ALA D 159 -14.87 21.14 17.62
CA ALA D 159 -16.28 21.41 17.87
C ALA D 159 -16.46 22.50 18.93
N LYS D 160 -15.64 22.48 19.98
CA LYS D 160 -15.79 23.47 21.06
C LYS D 160 -15.56 24.88 20.53
N VAL D 161 -14.46 25.07 19.78
CA VAL D 161 -14.16 26.38 19.23
C VAL D 161 -15.32 26.87 18.35
N ILE D 162 -15.81 25.98 17.49
CA ILE D 162 -16.84 26.37 16.54
C ILE D 162 -18.17 26.59 17.24
N HIS D 163 -18.47 25.77 18.25
CA HIS D 163 -19.74 25.95 18.95
C HIS D 163 -19.67 27.13 19.93
N ASP D 164 -18.50 27.38 20.52
CA ASP D 164 -18.37 28.55 21.39
C ASP D 164 -18.61 29.85 20.63
N ASN D 165 -18.17 29.91 19.38
CA ASN D 165 -18.21 31.16 18.62
C ASN D 165 -19.43 31.31 17.74
N PHE D 166 -19.97 30.22 17.19
CA PHE D 166 -21.07 30.33 16.24
C PHE D 166 -22.26 29.45 16.55
N GLY D 167 -22.13 28.45 17.41
CA GLY D 167 -23.21 27.53 17.69
C GLY D 167 -23.36 26.48 16.61
N ILE D 168 -23.04 25.23 16.96
CA ILE D 168 -23.33 24.09 16.10
C ILE D 168 -24.80 23.72 16.31
N VAL D 169 -25.62 23.93 15.28
CA VAL D 169 -27.02 23.49 15.35
C VAL D 169 -27.10 21.97 15.21
N GLU D 170 -26.31 21.42 14.29
CA GLU D 170 -26.24 19.97 14.10
C GLU D 170 -25.02 19.67 13.24
N GLY D 171 -24.43 18.51 13.44
CA GLY D 171 -23.23 18.15 12.70
C GLY D 171 -23.18 16.67 12.39
N LEU D 172 -22.58 16.35 11.23
CA LEU D 172 -22.32 14.97 10.83
C LEU D 172 -20.83 14.83 10.48
N MET D 173 -20.18 13.87 11.11
CA MET D 173 -18.73 13.70 11.01
C MET D 173 -18.38 12.45 10.22
N THR D 174 -17.32 12.52 9.43
CA THR D 174 -16.67 11.34 8.91
C THR D 174 -15.20 11.43 9.28
N THR D 175 -14.64 10.36 9.84
CA THR D 175 -13.19 10.27 9.99
C THR D 175 -12.64 9.32 8.94
N VAL D 176 -11.66 9.79 8.19
CA VAL D 176 -10.91 8.96 7.26
C VAL D 176 -9.69 8.47 8.03
N HIS D 177 -9.66 7.18 8.33
CA HIS D 177 -8.84 6.63 9.40
C HIS D 177 -7.85 5.62 8.85
N ALA D 178 -6.59 5.73 9.32
CA ALA D 178 -5.55 4.79 8.96
C ALA D 178 -5.88 3.40 9.49
N ILE D 179 -5.16 2.42 8.95
CA ILE D 179 -5.28 1.04 9.40
C ILE D 179 -4.88 0.91 10.87
N THR D 180 -5.54 -0.01 11.58
CA THR D 180 -5.28 -0.29 12.99
C THR D 180 -5.12 -1.79 13.21
N ALA D 181 -4.70 -2.14 14.43
CA ALA D 181 -4.41 -3.53 14.79
C ALA D 181 -5.64 -4.43 14.75
N THR D 182 -6.85 -3.87 14.75
CA THR D 182 -8.05 -4.71 14.72
C THR D 182 -8.36 -5.25 13.34
N GLN D 183 -7.72 -4.72 12.30
CA GLN D 183 -7.98 -5.13 10.94
C GLN D 183 -7.17 -6.39 10.57
N LYS D 184 -7.35 -6.85 9.33
CA LYS D 184 -6.77 -8.08 8.84
C LYS D 184 -5.94 -7.82 7.59
N THR D 185 -4.85 -8.57 7.44
CA THR D 185 -3.99 -8.37 6.28
C THR D 185 -4.66 -8.86 5.00
N VAL D 186 -5.41 -9.96 5.10
CA VAL D 186 -6.19 -10.49 3.99
C VAL D 186 -7.57 -10.84 4.54
N ASP D 187 -8.57 -10.89 3.65
CA ASP D 187 -9.95 -11.20 4.03
C ASP D 187 -10.01 -12.34 5.04
N GLY D 188 -10.38 -12.02 6.28
CA GLY D 188 -10.43 -13.00 7.34
C GLY D 188 -11.64 -12.79 8.23
N PRO D 189 -11.82 -13.66 9.21
CA PRO D 189 -13.02 -13.58 10.05
C PRO D 189 -12.90 -12.45 11.05
N SER D 190 -14.01 -11.77 11.28
CA SER D 190 -14.05 -10.56 12.10
C SER D 190 -15.39 -10.52 12.83
N GLY D 191 -15.71 -11.60 13.53
CA GLY D 191 -16.86 -11.67 14.42
C GLY D 191 -18.15 -11.11 13.86
N LYS D 192 -18.68 -10.07 14.49
CA LYS D 192 -19.92 -9.43 14.08
C LYS D 192 -19.70 -8.20 13.22
N LEU D 193 -18.46 -7.76 13.04
CA LEU D 193 -18.12 -6.58 12.24
C LEU D 193 -17.48 -7.07 10.94
N TRP D 194 -18.34 -7.51 10.01
CA TRP D 194 -17.90 -8.27 8.86
C TRP D 194 -16.93 -7.47 7.98
N ARG D 195 -17.20 -6.18 7.83
CA ARG D 195 -16.38 -5.36 6.94
C ARG D 195 -14.96 -5.19 7.48
N ASP D 196 -14.79 -5.17 8.81
CA ASP D 196 -13.48 -5.01 9.42
C ASP D 196 -12.53 -6.17 9.12
N GLY D 197 -13.06 -7.33 8.73
CA GLY D 197 -12.22 -8.47 8.37
C GLY D 197 -11.67 -8.45 6.96
N ARG D 198 -12.17 -7.57 6.10
CA ARG D 198 -11.72 -7.54 4.71
C ARG D 198 -10.32 -6.91 4.61
N GLY D 199 -9.56 -7.34 3.61
CA GLY D 199 -8.16 -7.01 3.49
C GLY D 199 -7.85 -5.52 3.63
N ALA D 200 -7.07 -5.19 4.67
CA ALA D 200 -6.87 -3.81 5.07
C ALA D 200 -6.07 -3.01 4.05
N ALA D 201 -5.13 -3.65 3.37
CA ALA D 201 -4.28 -2.95 2.42
C ALA D 201 -4.95 -2.75 1.08
N GLN D 202 -6.04 -3.43 0.83
CA GLN D 202 -6.75 -3.34 -0.41
C GLN D 202 -7.96 -2.43 -0.44
N ASN D 203 -8.63 -2.31 0.68
CA ASN D 203 -9.88 -1.63 0.74
C ASN D 203 -10.11 -0.36 1.48
N ILE D 204 -11.15 0.30 1.05
CA ILE D 204 -11.69 1.42 1.73
C ILE D 204 -12.81 0.68 2.44
N ILE D 205 -12.84 0.78 3.75
CA ILE D 205 -13.82 0.07 4.53
C ILE D 205 -14.69 0.93 5.43
N PRO D 206 -15.98 0.91 5.19
CA PRO D 206 -16.85 1.67 6.11
C PRO D 206 -16.85 1.05 7.50
N ALA D 207 -16.89 1.90 8.51
CA ALA D 207 -16.87 1.47 9.90
C ALA D 207 -17.72 2.40 10.76
N SER D 208 -18.08 1.92 11.95
CA SER D 208 -18.75 2.73 12.95
C SER D 208 -17.74 3.52 13.77
N THR D 209 -18.23 4.57 14.43
CA THR D 209 -17.44 5.26 15.45
C THR D 209 -18.41 5.89 16.43
N GLY D 210 -18.05 5.86 17.71
CA GLY D 210 -18.83 6.55 18.71
C GLY D 210 -18.33 7.94 19.03
N ALA D 211 -17.37 8.46 18.24
CA ALA D 211 -16.67 9.68 18.63
C ALA D 211 -17.59 10.89 18.62
N ALA D 212 -18.43 10.99 17.61
CA ALA D 212 -19.34 12.12 17.52
C ALA D 212 -20.32 12.14 18.68
N LYS D 213 -20.92 11.00 18.98
CA LYS D 213 -21.82 10.92 20.13
C LYS D 213 -21.08 11.17 21.43
N ALA D 214 -19.81 10.74 21.52
CA ALA D 214 -19.03 10.97 22.72
C ALA D 214 -18.75 12.46 22.93
N VAL D 215 -18.58 13.21 21.84
CA VAL D 215 -18.37 14.65 21.97
C VAL D 215 -19.62 15.31 22.52
N GLY D 216 -20.78 14.71 22.30
CA GLY D 216 -22.01 15.17 22.92
C GLY D 216 -22.13 14.87 24.39
N LYS D 217 -21.23 14.04 24.93
CA LYS D 217 -21.07 13.94 26.38
C LYS D 217 -19.93 14.82 26.88
N VAL D 218 -18.81 14.87 26.15
CA VAL D 218 -17.70 15.75 26.53
C VAL D 218 -18.14 17.21 26.51
N ILE D 219 -18.95 17.59 25.51
CA ILE D 219 -19.59 18.90 25.44
C ILE D 219 -21.09 18.70 25.56
N PRO D 220 -21.66 18.77 26.76
CA PRO D 220 -23.08 18.42 26.94
C PRO D 220 -24.05 19.22 26.07
N GLU D 221 -23.75 20.48 25.76
CA GLU D 221 -24.64 21.27 24.91
C GLU D 221 -24.77 20.72 23.49
N LEU D 222 -23.91 19.78 23.09
CA LEU D 222 -23.97 19.16 21.77
C LEU D 222 -24.61 17.79 21.81
N ASN D 223 -25.16 17.38 22.96
CA ASN D 223 -25.74 16.05 23.07
C ASN D 223 -26.89 15.90 22.09
N GLY D 224 -26.88 14.80 21.34
CA GLY D 224 -27.85 14.56 20.31
C GLY D 224 -27.71 15.42 19.07
N LYS D 225 -26.63 16.20 18.94
CA LYS D 225 -26.46 17.07 17.79
C LYS D 225 -25.36 16.62 16.85
N LEU D 226 -24.68 15.53 17.16
CA LEU D 226 -23.56 15.04 16.36
C LEU D 226 -23.65 13.55 16.21
N THR D 227 -23.45 13.05 15.00
CA THR D 227 -23.19 11.63 14.82
C THR D 227 -22.27 11.50 13.60
N GLY D 228 -21.87 10.27 13.28
CA GLY D 228 -20.82 10.13 12.29
C GLY D 228 -20.49 8.68 11.97
N MET D 229 -19.46 8.52 11.15
CA MET D 229 -18.99 7.19 10.76
C MET D 229 -17.56 7.34 10.26
N ALA D 230 -16.97 6.20 9.87
CA ALA D 230 -15.56 6.14 9.51
C ALA D 230 -15.37 5.40 8.20
N PHE D 231 -14.29 5.75 7.53
CA PHE D 231 -13.74 4.96 6.43
C PHE D 231 -12.32 4.58 6.81
N ARG D 232 -12.06 3.30 6.84
CA ARG D 232 -10.74 2.77 7.07
C ARG D 232 -10.07 2.74 5.72
N VAL D 233 -8.91 3.34 5.63
CA VAL D 233 -8.11 3.44 4.43
C VAL D 233 -6.70 2.89 4.59
N PRO D 234 -6.09 2.47 3.42
CA PRO D 234 -4.76 1.90 3.57
C PRO D 234 -3.50 2.74 3.84
N THR D 235 -3.51 3.46 4.91
CA THR D 235 -2.32 4.12 5.41
C THR D 235 -1.94 3.55 6.77
N PRO D 236 -0.65 3.65 7.14
CA PRO D 236 -0.18 3.07 8.40
C PRO D 236 -0.56 3.85 9.64
N ASN D 237 -0.74 5.16 9.48
CA ASN D 237 -0.95 6.06 10.60
C ASN D 237 -1.39 7.41 10.07
N VAL D 238 -2.05 8.18 10.97
CA VAL D 238 -2.56 9.54 10.78
C VAL D 238 -3.92 9.50 10.12
N SER D 239 -4.87 10.19 10.73
CA SER D 239 -6.26 10.17 10.35
C SER D 239 -6.74 11.60 10.21
N VAL D 240 -7.98 11.76 9.77
CA VAL D 240 -8.51 13.09 9.52
C VAL D 240 -10.00 13.11 9.76
N VAL D 241 -10.44 14.10 10.54
CA VAL D 241 -11.85 14.33 10.84
C VAL D 241 -12.43 15.26 9.79
N ASP D 242 -13.60 14.89 9.28
CA ASP D 242 -14.36 15.66 8.30
C ASP D 242 -15.72 15.96 8.94
N LEU D 243 -15.90 17.18 9.41
CA LEU D 243 -17.08 17.59 10.16
C LEU D 243 -17.91 18.56 9.30
N THR D 244 -19.12 18.14 8.94
CA THR D 244 -20.04 18.99 8.20
C THR D 244 -21.10 19.48 9.18
N CYS D 245 -21.17 20.79 9.40
CA CYS D 245 -22.09 21.25 10.44
C CYS D 245 -22.86 22.48 10.01
N ARG D 246 -24.00 22.67 10.67
CA ARG D 246 -24.83 23.85 10.50
C ARG D 246 -24.58 24.79 11.67
N LEU D 247 -24.37 26.06 11.37
CA LEU D 247 -24.06 27.07 12.37
C LEU D 247 -25.28 27.90 12.71
N GLU D 248 -25.39 28.26 13.99
CA GLU D 248 -26.47 29.15 14.38
C GLU D 248 -26.19 30.58 13.93
N LYS D 249 -25.08 31.16 14.41
CA LYS D 249 -24.69 32.50 13.97
C LYS D 249 -23.87 32.39 12.68
N PRO D 250 -24.14 33.24 11.69
CA PRO D 250 -23.42 33.11 10.41
C PRO D 250 -21.94 33.47 10.56
N ALA D 251 -21.12 32.77 9.79
CA ALA D 251 -19.69 32.96 9.87
C ALA D 251 -19.10 32.92 8.48
N LYS D 252 -18.33 33.94 8.12
CA LYS D 252 -17.46 33.84 6.96
C LYS D 252 -16.37 32.82 7.24
N TYR D 253 -15.89 32.16 6.19
CA TYR D 253 -14.83 31.17 6.38
C TYR D 253 -13.61 31.80 7.01
N ASP D 254 -13.34 33.06 6.69
CA ASP D 254 -12.19 33.69 7.32
C ASP D 254 -12.45 34.00 8.79
N ASP D 255 -13.73 34.14 9.17
CA ASP D 255 -14.08 34.23 10.59
C ASP D 255 -13.79 32.90 11.28
N ILE D 256 -14.18 31.79 10.65
CA ILE D 256 -13.88 30.48 11.21
C ILE D 256 -12.37 30.32 11.39
N LYS D 257 -11.61 30.63 10.33
CA LYS D 257 -10.15 30.50 10.42
C LYS D 257 -9.60 31.32 11.56
N LYS D 258 -10.06 32.58 11.68
CA LYS D 258 -9.48 33.48 12.67
C LYS D 258 -9.68 32.93 14.09
N VAL D 259 -10.91 32.56 14.46
CA VAL D 259 -11.13 32.06 15.82
C VAL D 259 -10.40 30.74 16.04
N VAL D 260 -10.31 29.87 15.04
CA VAL D 260 -9.55 28.63 15.25
C VAL D 260 -8.08 28.93 15.48
N LYS D 261 -7.50 29.75 14.60
CA LYS D 261 -6.11 30.17 14.78
C LYS D 261 -5.89 30.77 16.17
N GLN D 262 -6.81 31.61 16.62
CA GLN D 262 -6.70 32.24 17.92
C GLN D 262 -6.70 31.22 19.06
N ALA D 263 -7.55 30.20 18.96
CA ALA D 263 -7.57 29.17 20.01
C ALA D 263 -6.28 28.36 20.01
N SER D 264 -5.71 28.11 18.83
CA SER D 264 -4.51 27.29 18.75
C SER D 264 -3.31 27.99 19.37
N GLU D 265 -3.30 29.31 19.33
CA GLU D 265 -2.23 30.10 19.94
C GLU D 265 -2.49 30.41 21.40
N GLY D 266 -3.70 30.22 21.89
CA GLY D 266 -4.02 30.54 23.25
C GLY D 266 -4.27 29.32 24.11
N PRO D 267 -5.50 29.17 24.60
CA PRO D 267 -5.78 28.14 25.60
C PRO D 267 -5.68 26.72 25.06
N LEU D 268 -5.85 26.51 23.77
CA LEU D 268 -5.74 25.17 23.20
C LEU D 268 -4.35 24.90 22.63
N LYS D 269 -3.35 25.69 23.05
CA LYS D 269 -1.99 25.55 22.52
C LYS D 269 -1.47 24.13 22.73
N GLY D 270 -0.93 23.53 21.68
CA GLY D 270 -0.44 22.17 21.77
C GLY D 270 -1.50 21.09 21.68
N ILE D 271 -2.79 21.45 21.76
CA ILE D 271 -3.90 20.51 21.66
C ILE D 271 -4.53 20.70 20.29
N LEU D 272 -5.03 21.90 20.04
CA LEU D 272 -5.59 22.28 18.75
C LEU D 272 -4.55 23.07 17.98
N GLY D 273 -4.16 22.56 16.82
CA GLY D 273 -3.25 23.26 15.94
C GLY D 273 -3.98 23.87 14.75
N TYR D 274 -3.26 24.74 14.04
CA TYR D 274 -3.79 25.49 12.91
C TYR D 274 -2.75 25.56 11.81
N THR D 275 -3.16 25.32 10.57
CA THR D 275 -2.24 25.46 9.45
C THR D 275 -2.99 25.94 8.21
N GLU D 276 -2.26 26.66 7.35
CA GLU D 276 -2.70 27.04 6.01
C GLU D 276 -1.89 26.37 4.91
N ASP D 277 -0.95 25.49 5.28
CA ASP D 277 -0.08 24.89 4.29
C ASP D 277 -0.75 23.76 3.53
N GLN D 278 -0.10 23.38 2.43
CA GLN D 278 -0.62 22.35 1.54
C GLN D 278 -0.28 20.97 2.10
N VAL D 279 -0.80 20.70 3.31
CA VAL D 279 -0.38 19.51 4.05
C VAL D 279 -1.10 18.26 3.51
N VAL D 280 -0.47 17.11 3.76
CA VAL D 280 -1.04 15.78 3.54
C VAL D 280 -0.74 14.96 4.79
N SER D 281 -1.26 13.73 4.84
CA SER D 281 -1.36 13.03 6.13
C SER D 281 0.00 12.81 6.76
N CYS D 282 1.01 12.46 5.96
CA CYS D 282 2.32 12.13 6.53
C CYS D 282 2.98 13.33 7.21
N ASP D 283 2.56 14.55 6.86
CA ASP D 283 3.10 15.71 7.53
C ASP D 283 2.68 15.79 9.00
N PHE D 284 1.80 14.92 9.46
CA PHE D 284 1.39 14.91 10.86
C PHE D 284 1.86 13.64 11.57
N ASN D 285 2.68 12.83 10.93
CA ASN D 285 3.23 11.67 11.61
C ASN D 285 4.11 12.09 12.79
N SER D 286 3.88 11.47 13.94
CA SER D 286 4.54 11.79 15.20
C SER D 286 4.28 13.22 15.67
N ASN D 287 3.24 13.85 15.18
CA ASN D 287 2.81 15.13 15.71
C ASN D 287 1.98 14.92 16.99
N SER D 288 2.24 15.72 18.01
CA SER D 288 1.62 15.49 19.31
C SER D 288 0.30 16.22 19.52
N HIS D 289 -0.20 16.92 18.50
CA HIS D 289 -1.48 17.59 18.63
C HIS D 289 -2.64 16.59 18.68
N SER D 290 -3.73 17.00 19.33
CA SER D 290 -4.97 16.24 19.26
C SER D 290 -5.71 16.49 17.96
N SER D 291 -5.52 17.67 17.39
CA SER D 291 -6.36 18.15 16.31
C SER D 291 -5.68 19.33 15.62
N THR D 292 -5.36 19.21 14.33
CA THR D 292 -4.80 20.35 13.59
C THR D 292 -5.75 20.74 12.46
N PHE D 293 -6.34 21.93 12.60
CA PHE D 293 -7.26 22.46 11.60
C PHE D 293 -6.53 22.79 10.30
N ASP D 294 -7.09 22.35 9.17
CA ASP D 294 -6.51 22.49 7.84
C ASP D 294 -7.34 23.53 7.09
N ALA D 295 -6.88 24.79 7.13
CA ALA D 295 -7.69 25.88 6.59
C ALA D 295 -8.00 25.66 5.11
N GLY D 296 -6.99 25.32 4.31
CA GLY D 296 -7.24 25.21 2.89
C GLY D 296 -8.06 24.01 2.46
N ALA D 297 -8.15 22.95 3.28
CA ALA D 297 -8.88 21.77 2.83
C ALA D 297 -10.39 21.88 3.03
N GLY D 298 -10.84 22.68 3.99
CA GLY D 298 -12.26 22.81 4.22
C GLY D 298 -12.93 23.67 3.17
N ILE D 299 -14.26 23.64 3.20
CA ILE D 299 -15.04 24.42 2.25
C ILE D 299 -16.33 24.86 2.94
N ALA D 300 -16.75 26.09 2.65
CA ALA D 300 -18.03 26.62 3.11
C ALA D 300 -19.01 26.64 1.95
N LEU D 301 -20.21 26.10 2.17
CA LEU D 301 -21.27 26.28 1.17
C LEU D 301 -21.92 27.66 1.28
N ASN D 302 -22.22 28.08 2.51
CA ASN D 302 -22.68 29.42 2.83
C ASN D 302 -22.26 29.73 4.26
N ASP D 303 -22.78 30.83 4.81
CA ASP D 303 -22.33 31.26 6.12
C ASP D 303 -22.90 30.43 7.26
N ASN D 304 -23.76 29.44 6.97
CA ASN D 304 -24.33 28.60 8.01
C ASN D 304 -24.15 27.12 7.72
N PHE D 305 -23.35 26.75 6.74
CA PHE D 305 -23.18 25.34 6.36
C PHE D 305 -21.75 25.16 5.87
N VAL D 306 -20.92 24.51 6.67
CA VAL D 306 -19.51 24.37 6.36
C VAL D 306 -19.04 22.93 6.55
N LYS D 307 -17.92 22.63 5.89
CA LYS D 307 -17.19 21.38 6.03
C LYS D 307 -15.81 21.74 6.57
N LEU D 308 -15.48 21.20 7.74
CA LEU D 308 -14.22 21.52 8.43
C LEU D 308 -13.35 20.29 8.59
N ILE D 309 -12.06 20.46 8.32
CA ILE D 309 -11.09 19.36 8.19
C ILE D 309 -10.03 19.52 9.27
N SER D 310 -9.73 18.43 9.99
CA SER D 310 -8.72 18.50 11.03
C SER D 310 -7.97 17.18 11.12
N TRP D 311 -6.65 17.29 11.18
CA TRP D 311 -5.73 16.16 11.14
C TRP D 311 -5.40 15.69 12.54
N TYR D 312 -5.32 14.37 12.72
CA TYR D 312 -4.78 13.85 13.97
C TYR D 312 -3.89 12.65 13.70
N ASP D 313 -2.75 12.62 14.39
CA ASP D 313 -1.99 11.39 14.52
C ASP D 313 -2.72 10.53 15.54
N ASN D 314 -3.45 9.52 15.04
CA ASN D 314 -4.29 8.71 15.93
C ASN D 314 -3.47 7.93 16.96
N GLU D 315 -2.20 7.68 16.67
CA GLU D 315 -1.32 7.01 17.63
C GLU D 315 -0.69 8.00 18.61
N TYR D 316 0.03 9.00 18.10
CA TYR D 316 0.92 9.76 18.96
C TYR D 316 0.26 10.97 19.63
N GLY D 317 -0.71 11.62 18.97
CA GLY D 317 -1.44 12.69 19.64
C GLY D 317 -2.18 12.19 20.87
N TYR D 318 -2.90 11.08 20.73
CA TYR D 318 -3.64 10.51 21.85
C TYR D 318 -2.71 10.13 22.99
N SER D 319 -1.59 9.45 22.66
CA SER D 319 -0.63 9.03 23.69
C SER D 319 -0.15 10.19 24.53
N ASN D 320 0.17 11.32 23.89
CA ASN D 320 0.56 12.53 24.60
C ASN D 320 -0.57 13.09 25.45
N ARG D 321 -1.83 12.94 25.00
CA ARG D 321 -2.94 13.37 25.84
C ARG D 321 -3.10 12.49 27.07
N VAL D 322 -2.81 11.18 26.96
CA VAL D 322 -2.83 10.33 28.14
C VAL D 322 -1.86 10.85 29.18
N VAL D 323 -0.67 11.26 28.73
CA VAL D 323 0.34 11.79 29.64
C VAL D 323 -0.11 13.13 30.23
N ASP D 324 -0.61 14.04 29.38
CA ASP D 324 -1.08 15.33 29.88
C ASP D 324 -2.21 15.18 30.90
N LEU D 325 -3.15 14.24 30.64
CA LEU D 325 -4.25 14.04 31.57
C LEU D 325 -3.76 13.59 32.94
N MET D 326 -2.78 12.68 32.95
CA MET D 326 -2.18 12.23 34.20
C MET D 326 -1.46 13.37 34.90
N ALA D 327 -0.70 14.17 34.15
CA ALA D 327 -0.02 15.31 34.74
C ALA D 327 -1.01 16.32 35.29
N TYR D 328 -2.11 16.56 34.55
CA TYR D 328 -3.18 17.41 35.07
C TYR D 328 -3.76 16.83 36.36
N MET D 329 -4.08 15.53 36.36
CA MET D 329 -4.62 14.94 37.59
C MET D 329 -3.64 15.08 38.74
N ALA D 330 -2.35 14.82 38.46
CA ALA D 330 -1.36 14.90 39.52
C ALA D 330 -1.26 16.31 40.09
N SER D 331 -1.50 17.33 39.26
CA SER D 331 -1.39 18.69 39.78
C SER D 331 -2.58 19.10 40.65
N LYS D 332 -3.66 18.31 40.66
CA LYS D 332 -4.83 18.61 41.49
C LYS D 332 -4.85 17.83 42.80
N GLU D 333 -3.95 16.87 42.97
CA GLU D 333 -3.92 16.04 44.18
C GLU D 333 -3.54 16.88 45.41
#